data_5O14
#
_entry.id   5O14
#
_cell.length_a   42.822
_cell.length_b   163.951
_cell.length_c   110.656
_cell.angle_alpha   90.000
_cell.angle_beta   97.700
_cell.angle_gamma   90.000
#
_symmetry.space_group_name_H-M   'P 1 21 1'
#
loop_
_entity.id
_entity.type
_entity.pdbx_description
1 polymer 'Factor H binding protein variant 1.1'
2 polymer 'Fab 1A12 Heavy Chain'
3 polymer 'Fab 1A12 Light Chain'
4 non-polymer 1,2-ETHANEDIOL
5 non-polymer 'CHLORIDE ION'
6 water water
#
loop_
_entity_poly.entity_id
_entity_poly.type
_entity_poly.pdbx_seq_one_letter_code
_entity_poly.pdbx_strand_id
1 'polypeptide(L)'
;MVAADIGAGLADALTAPLDHKDKGLQSLTLDQSVRKNEKLKLAAQGAEKTYGNGDSLNTGKLKNDKVSRFDFIRQIEVDG
QLITLESGEFQVYKQSHSALTAFQTEQIQDSEHSGKMVAKRQFRIGDIAGEHTSFDKLPEGGRATYRGTAFGSDDAGGKL
TYTIDFAAKQGNGKIEHLKSPELNVDLAAADIKPDGKRHAVISGSVLYNQAEKGSYSLGIFGGKAQEVAGSAEVKTVNGI
RHIGLAAKQLEHHHHHH
;
A,B
2 'polypeptide(L)'
;EVQLVQSGAELKKPGESLKISCKASGYTFTNYWVVWVRQMPGEGLEWMGSIHPRDSDARYSLSFEGRVTFSVDKSTTTAY
LQWSSLKVSDSAIYYCARLSQVSGWSPWVGPWGQGTLVTVSSASTKGPSVFPLAPSSKSTSGGTAALGCLVKDYFPEPVT
VSWNSGALTSGVHTFPAVLQSSGLYSLSSVVTVPSSSLGTQTYICNVNHKPSNTKVDKKVEPKSCDKLEHHHHHH
;
C,H
3 'polypeptide(L)'
;ADIVMTQSPSSLSASVGDRVTITCRASQSISVSLNWYQQKPGKAPKVLIYAASRLQSGIPSRFSGSGSGSHFTLTISSLQ
PEDFATYYCQETYSDLMYTFGQGTKVEIKRTVAAPSVFIFPPSDEQLKSGTASVVCLLNNFYPREAKVQWKVDNALQSGN
SQESVTEQDSKDSTYSLSSTLTLSKADYEKHKVYACEVTHQGLSSPVTKSFNRGECS
;
D,L
#
# COMPACT_ATOMS: atom_id res chain seq x y z
N ALA A 8 -0.92 39.20 -21.05
CA ALA A 8 -0.06 38.20 -20.43
C ALA A 8 1.11 38.84 -19.69
N GLY A 9 1.49 40.04 -20.12
CA GLY A 9 2.57 40.81 -19.52
C GLY A 9 3.95 40.16 -19.61
N LEU A 10 4.12 39.25 -20.56
CA LEU A 10 5.38 38.55 -20.70
C LEU A 10 6.49 39.53 -21.06
N ALA A 11 6.24 40.37 -22.08
CA ALA A 11 7.18 41.41 -22.47
C ALA A 11 7.51 42.33 -21.29
N ASP A 12 6.48 42.71 -20.54
CA ASP A 12 6.68 43.54 -19.36
C ASP A 12 7.68 42.93 -18.39
N ALA A 13 7.54 41.63 -18.15
CA ALA A 13 8.41 40.89 -17.23
C ALA A 13 9.85 40.92 -17.70
N LEU A 14 10.05 41.16 -18.99
CA LEU A 14 11.38 41.17 -19.59
C LEU A 14 12.00 42.57 -19.67
N THR A 15 11.17 43.61 -19.54
CA THR A 15 11.67 44.96 -19.77
C THR A 15 11.43 45.89 -18.59
N ALA A 16 10.40 45.63 -17.80
CA ALA A 16 10.06 46.52 -16.69
C ALA A 16 10.78 46.14 -15.40
N PRO A 17 11.09 47.16 -14.58
CA PRO A 17 11.74 46.93 -13.28
C PRO A 17 10.74 46.46 -12.23
N LEU A 18 11.24 45.91 -11.13
CA LEU A 18 10.36 45.42 -10.08
C LEU A 18 9.52 46.57 -9.51
N ASP A 19 8.25 46.28 -9.25
CA ASP A 19 7.31 47.29 -8.76
C ASP A 19 6.43 46.67 -7.67
N HIS A 20 6.64 47.11 -6.43
CA HIS A 20 6.00 46.46 -5.27
C HIS A 20 4.48 46.50 -5.35
N LYS A 21 3.94 47.36 -6.20
CA LYS A 21 2.48 47.46 -6.37
C LYS A 21 1.90 46.32 -7.20
N ASP A 22 2.76 45.61 -7.93
CA ASP A 22 2.36 44.43 -8.70
C ASP A 22 1.96 43.30 -7.76
N LYS A 23 1.08 42.43 -8.23
CA LYS A 23 0.68 41.26 -7.46
C LYS A 23 1.85 40.30 -7.29
N GLY A 24 2.15 39.94 -6.05
CA GLY A 24 3.16 38.93 -5.78
C GLY A 24 2.67 37.58 -6.29
N LEU A 25 3.56 36.61 -6.41
CA LEU A 25 4.96 36.75 -6.05
C LEU A 25 5.68 37.77 -6.95
N GLN A 26 6.28 38.77 -6.32
CA GLN A 26 6.80 39.91 -7.08
C GLN A 26 8.10 39.60 -7.79
N SER A 27 8.89 38.70 -7.21
CA SER A 27 10.21 38.38 -7.76
C SER A 27 10.63 36.96 -7.45
N LEU A 28 11.28 36.33 -8.42
CA LEU A 28 11.84 35.00 -8.22
C LEU A 28 13.34 35.06 -8.49
N THR A 29 14.12 34.52 -7.58
CA THR A 29 15.57 34.52 -7.75
C THR A 29 15.99 33.28 -8.53
N LEU A 30 16.46 33.49 -9.76
CA LEU A 30 16.92 32.39 -10.60
C LEU A 30 18.23 31.83 -10.08
N ASP A 31 18.22 30.54 -9.77
CA ASP A 31 19.40 29.87 -9.28
C ASP A 31 19.61 28.55 -10.00
N GLN A 32 18.70 27.60 -9.78
CA GLN A 32 18.74 26.32 -10.48
C GLN A 32 18.54 26.49 -11.98
N SER A 33 17.78 27.53 -12.36
CA SER A 33 17.47 27.80 -13.77
C SER A 33 18.70 28.22 -14.58
N VAL A 34 19.72 28.70 -13.89
CA VAL A 34 20.93 29.15 -14.58
C VAL A 34 22.15 29.09 -13.67
N ARG A 35 23.01 28.09 -13.91
CA ARG A 35 24.21 27.87 -13.12
C ARG A 35 25.13 29.10 -13.16
N LYS A 36 26.09 29.14 -12.24
CA LYS A 36 26.92 30.31 -12.03
C LYS A 36 27.72 30.70 -13.29
N ASN A 37 28.16 29.71 -14.04
CA ASN A 37 29.00 29.98 -15.21
C ASN A 37 28.24 30.15 -16.52
N GLU A 38 26.91 30.22 -16.46
CA GLU A 38 26.10 30.28 -17.67
C GLU A 38 25.27 31.54 -17.80
N LYS A 39 24.65 31.72 -18.96
CA LYS A 39 23.73 32.82 -19.19
C LYS A 39 22.44 32.27 -19.79
N LEU A 40 21.32 32.85 -19.39
CA LEU A 40 20.01 32.41 -19.82
C LEU A 40 19.26 33.57 -20.45
N LYS A 41 18.91 33.40 -21.73
CA LYS A 41 18.21 34.46 -22.45
C LYS A 41 16.76 34.04 -22.67
N LEU A 42 15.84 34.92 -22.29
CA LEU A 42 14.41 34.65 -22.43
C LEU A 42 13.78 35.65 -23.36
N ALA A 43 12.93 35.16 -24.26
CA ALA A 43 12.31 36.05 -25.24
C ALA A 43 10.81 35.80 -25.30
N ALA A 44 10.06 36.88 -25.48
CA ALA A 44 8.61 36.79 -25.63
C ALA A 44 8.01 38.15 -25.96
N GLN A 45 6.98 38.15 -26.80
CA GLN A 45 6.25 39.37 -27.15
C GLN A 45 7.17 40.52 -27.60
N GLY A 46 8.19 40.20 -28.39
CA GLY A 46 9.06 41.19 -28.99
C GLY A 46 10.24 41.63 -28.12
N ALA A 47 10.20 41.26 -26.84
CA ALA A 47 11.24 41.63 -25.88
C ALA A 47 12.20 40.48 -25.59
N GLU A 48 13.31 40.79 -24.95
CA GLU A 48 14.30 39.77 -24.57
C GLU A 48 15.22 40.29 -23.47
N LYS A 49 15.59 39.39 -22.55
CA LYS A 49 16.46 39.73 -21.43
C LYS A 49 17.37 38.56 -21.07
N THR A 50 18.62 38.83 -20.71
CA THR A 50 19.54 37.77 -20.33
C THR A 50 19.76 37.74 -18.82
N TYR A 51 19.91 36.53 -18.29
CA TYR A 51 20.16 36.26 -16.88
C TYR A 51 21.36 35.32 -16.88
N GLY A 52 22.18 35.26 -15.84
CA GLY A 52 22.03 36.00 -14.62
C GLY A 52 21.81 35.12 -13.40
N ASN A 53 22.74 34.20 -13.10
CA ASN A 53 22.60 33.44 -11.85
C ASN A 53 22.48 34.41 -10.67
N GLY A 54 21.42 34.26 -9.88
CA GLY A 54 21.22 35.14 -8.76
C GLY A 54 20.33 36.28 -9.17
N ASP A 55 20.23 36.50 -10.47
CA ASP A 55 19.36 37.57 -10.97
C ASP A 55 17.93 37.19 -10.65
N SER A 56 17.08 38.20 -10.52
CA SER A 56 15.69 37.96 -10.20
C SER A 56 14.80 38.16 -11.43
N LEU A 57 13.82 37.28 -11.56
CA LEU A 57 12.83 37.34 -12.63
C LEU A 57 11.59 38.11 -12.16
N ASN A 58 11.19 39.12 -12.92
CA ASN A 58 10.06 39.94 -12.53
C ASN A 58 8.72 39.23 -12.70
N THR A 59 8.46 38.23 -11.85
CA THR A 59 7.21 37.48 -11.85
C THR A 59 6.00 38.38 -11.49
N GLY A 60 6.27 39.57 -10.99
CA GLY A 60 5.21 40.50 -10.65
C GLY A 60 4.34 40.90 -11.83
N LYS A 61 4.91 40.85 -13.03
CA LYS A 61 4.19 41.23 -14.24
C LYS A 61 3.37 40.09 -14.83
N LEU A 62 3.61 38.86 -14.37
CA LEU A 62 2.95 37.71 -14.96
C LEU A 62 1.61 37.43 -14.27
N LYS A 63 0.71 36.74 -14.96
CA LYS A 63 -0.57 36.39 -14.36
C LYS A 63 -0.41 35.24 -13.35
N ASN A 64 -1.07 35.36 -12.21
CA ASN A 64 -1.06 34.31 -11.20
C ASN A 64 -1.83 33.07 -11.68
N ASP A 65 -1.45 31.90 -11.17
CA ASP A 65 -2.22 30.68 -11.39
C ASP A 65 -2.28 30.30 -12.87
N LYS A 66 -1.29 30.76 -13.64
CA LYS A 66 -1.18 30.39 -15.05
C LYS A 66 0.26 30.07 -15.37
N VAL A 67 0.48 29.30 -16.43
CA VAL A 67 1.83 29.11 -16.94
C VAL A 67 2.18 30.26 -17.89
N SER A 68 3.24 31.01 -17.58
CA SER A 68 3.78 31.98 -18.51
C SER A 68 4.91 31.31 -19.28
N ARG A 69 4.99 31.56 -20.59
CA ARG A 69 5.92 30.87 -21.48
C ARG A 69 6.86 31.81 -22.23
N PHE A 70 8.13 31.43 -22.27
CA PHE A 70 9.15 32.18 -22.98
C PHE A 70 9.96 31.24 -23.86
N ASP A 71 10.58 31.78 -24.91
CA ASP A 71 11.62 31.04 -25.59
C ASP A 71 12.92 31.27 -24.80
N PHE A 72 13.76 30.25 -24.72
CA PHE A 72 15.01 30.39 -23.98
C PHE A 72 16.18 29.81 -24.73
N ILE A 73 17.35 30.38 -24.47
CA ILE A 73 18.61 29.82 -24.91
C ILE A 73 19.56 29.82 -23.72
N ARG A 74 20.21 28.69 -23.50
CA ARG A 74 21.15 28.54 -22.39
C ARG A 74 22.58 28.44 -22.89
N GLN A 75 23.41 29.41 -22.51
CA GLN A 75 24.77 29.47 -23.00
C GLN A 75 25.81 29.37 -21.91
N ILE A 76 27.02 28.95 -22.29
CA ILE A 76 28.12 28.75 -21.36
C ILE A 76 29.34 29.51 -21.84
N ILE A 83 28.60 30.21 -26.59
CA ILE A 83 28.26 28.87 -27.05
C ILE A 83 26.90 28.38 -26.52
N THR A 84 26.04 27.93 -27.42
CA THR A 84 24.71 27.49 -27.05
C THR A 84 24.73 26.05 -26.59
N LEU A 85 24.09 25.78 -25.46
CA LEU A 85 24.03 24.43 -24.92
C LEU A 85 22.65 23.80 -25.14
N GLU A 86 21.63 24.63 -25.03
CA GLU A 86 20.26 24.16 -24.97
C GLU A 86 19.31 25.26 -25.39
N SER A 87 18.19 24.89 -26.01
CA SER A 87 17.14 25.84 -26.29
C SER A 87 15.79 25.16 -26.23
N GLY A 88 14.74 25.96 -26.06
CA GLY A 88 13.41 25.42 -26.03
C GLY A 88 12.45 26.42 -25.42
N GLU A 89 11.48 25.92 -24.66
CA GLU A 89 10.51 26.79 -24.01
C GLU A 89 10.78 26.84 -22.51
N PHE A 90 10.66 28.03 -21.94
CA PHE A 90 10.85 28.27 -20.50
C PHE A 90 9.49 28.58 -19.89
N GLN A 91 9.09 27.78 -18.90
CA GLN A 91 7.77 27.95 -18.30
C GLN A 91 7.87 28.48 -16.87
N VAL A 92 6.97 29.39 -16.53
CA VAL A 92 6.91 29.93 -15.19
C VAL A 92 5.49 29.82 -14.69
N TYR A 93 5.29 29.16 -13.55
CA TYR A 93 3.97 29.14 -12.92
C TYR A 93 4.01 29.98 -11.63
N LYS A 94 3.12 30.97 -11.55
CA LYS A 94 3.19 31.96 -10.48
C LYS A 94 2.06 31.86 -9.46
N GLN A 95 2.43 31.84 -8.17
CA GLN A 95 1.44 32.00 -7.10
C GLN A 95 1.83 33.25 -6.28
N SER A 96 1.17 33.47 -5.15
CA SER A 96 1.34 34.73 -4.41
C SER A 96 2.56 34.71 -3.50
N HIS A 97 2.91 33.53 -3.01
CA HIS A 97 4.02 33.38 -2.07
C HIS A 97 5.00 32.33 -2.58
N SER A 98 4.79 31.89 -3.82
CA SER A 98 5.64 30.87 -4.40
C SER A 98 5.54 30.91 -5.92
N ALA A 99 6.49 30.27 -6.58
CA ALA A 99 6.51 30.23 -8.03
C ALA A 99 7.56 29.23 -8.43
N LEU A 100 7.39 28.66 -9.62
CA LEU A 100 8.39 27.73 -10.11
C LEU A 100 8.59 27.90 -11.60
N THR A 101 9.74 27.41 -12.06
CA THR A 101 10.12 27.45 -13.47
C THR A 101 10.35 26.05 -13.97
N ALA A 102 10.26 25.88 -15.28
CA ALA A 102 10.49 24.60 -15.92
C ALA A 102 11.03 24.79 -17.34
N PHE A 103 11.81 23.82 -17.79
CA PHE A 103 12.41 23.86 -19.11
C PHE A 103 11.85 22.74 -19.95
N GLN A 104 11.12 23.10 -21.00
CA GLN A 104 10.83 22.14 -22.08
C GLN A 104 11.93 22.23 -23.13
N THR A 105 12.88 21.29 -23.06
CA THR A 105 13.97 21.25 -24.02
C THR A 105 13.50 20.90 -25.42
N GLU A 106 14.00 21.64 -26.42
CA GLU A 106 13.77 21.28 -27.82
C GLU A 106 15.07 20.97 -28.55
N GLN A 107 16.15 21.61 -28.12
CA GLN A 107 17.40 21.48 -28.84
C GLN A 107 18.59 21.38 -27.89
N ILE A 108 19.45 20.40 -28.15
CA ILE A 108 20.74 20.28 -27.48
C ILE A 108 21.84 20.13 -28.53
N GLN A 109 23.09 20.16 -28.10
CA GLN A 109 24.24 20.01 -29.00
C GLN A 109 24.33 18.62 -29.60
N MET A 117 23.87 21.71 -32.94
CA MET A 117 22.60 21.55 -32.26
C MET A 117 21.74 20.48 -32.95
N VAL A 118 21.13 19.60 -32.16
CA VAL A 118 20.20 18.60 -32.69
C VAL A 118 18.89 18.63 -31.93
N ALA A 119 17.82 18.16 -32.55
CA ALA A 119 16.51 18.16 -31.90
C ALA A 119 16.47 17.08 -30.80
N LYS A 120 16.05 17.47 -29.61
CA LYS A 120 15.93 16.55 -28.48
C LYS A 120 14.95 17.12 -27.47
N ARG A 121 13.96 16.31 -27.09
CA ARG A 121 12.95 16.79 -26.14
C ARG A 121 13.16 16.22 -24.74
N GLN A 122 13.10 17.11 -23.75
CA GLN A 122 13.17 16.73 -22.33
C GLN A 122 12.40 17.77 -21.55
N PHE A 123 11.90 17.37 -20.39
CA PHE A 123 11.18 18.30 -19.52
C PHE A 123 11.78 18.21 -18.13
N ARG A 124 11.82 19.34 -17.44
CA ARG A 124 12.57 19.45 -16.20
C ARG A 124 12.05 20.64 -15.42
N ILE A 125 11.97 20.50 -14.11
CA ILE A 125 11.64 21.63 -13.24
C ILE A 125 12.92 22.37 -12.87
N GLY A 126 12.84 23.69 -12.84
CA GLY A 126 14.00 24.51 -12.53
C GLY A 126 13.99 24.99 -11.09
N ASP A 127 13.60 26.24 -10.86
CA ASP A 127 13.54 26.78 -9.51
C ASP A 127 12.17 26.57 -8.88
N ILE A 128 12.16 26.28 -7.59
CA ILE A 128 10.91 26.32 -6.82
C ILE A 128 11.17 27.27 -5.67
N ALA A 129 10.62 28.47 -5.77
CA ALA A 129 11.04 29.53 -4.86
C ALA A 129 9.86 30.27 -4.24
N GLY A 130 10.17 31.05 -3.22
CA GLY A 130 9.18 31.88 -2.56
C GLY A 130 9.44 31.99 -1.08
N GLU A 131 8.41 32.41 -0.37
CA GLU A 131 8.47 32.58 1.08
C GLU A 131 8.19 31.26 1.79
N HIS A 132 9.22 30.47 1.99
CA HIS A 132 9.09 29.20 2.70
C HIS A 132 8.46 29.37 4.08
N THR A 133 7.45 28.54 4.37
CA THR A 133 6.90 28.51 5.71
C THR A 133 7.88 27.79 6.59
N SER A 134 8.21 28.36 7.74
CA SER A 134 9.10 27.69 8.67
C SER A 134 8.41 26.46 9.26
N PHE A 135 9.10 25.33 9.32
CA PHE A 135 8.56 24.15 9.98
C PHE A 135 8.24 24.44 11.45
N ASP A 136 8.92 25.44 12.01
CA ASP A 136 8.77 25.75 13.43
C ASP A 136 7.70 26.82 13.69
N LYS A 137 7.07 27.32 12.63
CA LYS A 137 6.00 28.30 12.79
C LYS A 137 4.75 27.88 12.01
N LEU A 138 4.55 26.57 11.88
CA LEU A 138 3.35 26.05 11.24
C LEU A 138 2.12 26.28 12.10
N PRO A 139 0.94 26.36 11.46
CA PRO A 139 -0.29 26.34 12.25
C PRO A 139 -0.29 25.10 13.17
N GLU A 140 -0.85 25.21 14.36
CA GLU A 140 -0.78 24.12 15.33
C GLU A 140 -1.81 23.02 15.12
N GLY A 141 -2.93 23.37 14.48
CA GLY A 141 -3.97 22.41 14.20
C GLY A 141 -4.76 22.78 12.97
N GLY A 142 -5.88 22.09 12.74
CA GLY A 142 -6.73 22.39 11.60
C GLY A 142 -6.22 21.74 10.32
N ARG A 143 -7.10 21.64 9.33
CA ARG A 143 -6.77 21.08 8.03
C ARG A 143 -6.86 22.15 6.94
N ALA A 144 -6.00 22.05 5.95
CA ALA A 144 -6.04 23.02 4.86
C ALA A 144 -6.17 22.26 3.55
N THR A 145 -7.04 22.76 2.66
CA THR A 145 -7.15 22.17 1.34
C THR A 145 -6.50 23.07 0.31
N TYR A 146 -5.57 22.51 -0.46
CA TYR A 146 -4.89 23.26 -1.51
C TYR A 146 -5.40 22.79 -2.87
N ARG A 147 -5.69 23.75 -3.74
CA ARG A 147 -6.16 23.45 -5.09
C ARG A 147 -5.34 24.22 -6.11
N GLY A 148 -4.90 23.53 -7.15
CA GLY A 148 -4.08 24.17 -8.15
C GLY A 148 -3.78 23.34 -9.37
N THR A 149 -2.55 23.47 -9.85
CA THR A 149 -2.19 22.94 -11.15
C THR A 149 -1.08 21.89 -11.07
N ALA A 150 -1.16 20.89 -11.93
CA ALA A 150 -0.05 19.99 -12.21
C ALA A 150 0.25 20.12 -13.69
N PHE A 151 1.49 20.43 -14.03
CA PHE A 151 1.84 20.62 -15.43
C PHE A 151 3.08 19.81 -15.78
N GLY A 152 3.02 19.16 -16.93
CA GLY A 152 4.10 18.32 -17.42
C GLY A 152 4.40 18.71 -18.85
N SER A 153 5.24 17.92 -19.52
CA SER A 153 5.56 18.17 -20.92
C SER A 153 4.28 18.28 -21.75
N ASP A 154 4.15 19.37 -22.48
CA ASP A 154 3.02 19.62 -23.38
C ASP A 154 1.65 19.53 -22.70
N ASP A 155 1.62 19.71 -21.39
CA ASP A 155 0.34 19.61 -20.70
C ASP A 155 0.32 20.42 -19.39
N ALA A 156 -0.33 21.58 -19.43
CA ALA A 156 -0.51 22.39 -18.23
C ALA A 156 -1.95 22.29 -17.73
N GLY A 157 -2.66 21.24 -18.14
CA GLY A 157 -4.07 21.10 -17.81
C GLY A 157 -4.39 20.27 -16.58
N GLY A 158 -3.36 19.77 -15.91
CA GLY A 158 -3.57 18.93 -14.75
C GLY A 158 -4.11 19.67 -13.53
N LYS A 159 -5.01 19.02 -12.81
CA LYS A 159 -5.58 19.56 -11.59
C LYS A 159 -4.96 18.90 -10.36
N LEU A 160 -4.35 19.72 -9.50
CA LEU A 160 -3.75 19.23 -8.26
C LEU A 160 -4.67 19.54 -7.09
N THR A 161 -4.87 18.57 -6.22
CA THR A 161 -5.59 18.80 -4.97
C THR A 161 -4.76 18.19 -3.86
N TYR A 162 -4.55 18.94 -2.79
CA TYR A 162 -3.69 18.47 -1.70
C TYR A 162 -4.24 18.95 -0.37
N THR A 163 -4.22 18.07 0.62
CA THR A 163 -4.73 18.39 1.96
C THR A 163 -3.67 18.20 3.03
N ILE A 164 -3.49 19.20 3.87
CA ILE A 164 -2.57 19.07 4.97
C ILE A 164 -3.36 19.13 6.27
N ASP A 165 -3.17 18.13 7.11
CA ASP A 165 -3.70 18.14 8.47
C ASP A 165 -2.56 18.61 9.38
N PHE A 166 -2.69 19.79 9.98
CA PHE A 166 -1.57 20.38 10.70
C PHE A 166 -1.42 19.82 12.12
N ALA A 167 -2.52 19.28 12.66
CA ALA A 167 -2.45 18.55 13.93
C ALA A 167 -1.60 17.30 13.74
N ALA A 168 -1.83 16.61 12.62
CA ALA A 168 -1.16 15.35 12.35
C ALA A 168 0.18 15.53 11.66
N LYS A 169 0.45 16.77 11.23
CA LYS A 169 1.65 17.08 10.46
C LYS A 169 1.81 16.08 9.31
N GLN A 170 0.75 15.96 8.52
CA GLN A 170 0.71 15.04 7.40
C GLN A 170 -0.06 15.63 6.24
N GLY A 171 0.34 15.25 5.03
CA GLY A 171 -0.37 15.68 3.84
C GLY A 171 -0.56 14.54 2.86
N ASN A 172 -1.55 14.69 1.99
CA ASN A 172 -1.74 13.75 0.91
C ASN A 172 -2.60 14.43 -0.13
N GLY A 173 -2.62 13.89 -1.34
CA GLY A 173 -3.34 14.54 -2.41
C GLY A 173 -3.43 13.70 -3.66
N LYS A 174 -3.79 14.35 -4.76
CA LYS A 174 -4.03 13.62 -5.99
C LYS A 174 -3.84 14.52 -7.21
N ILE A 175 -3.41 13.93 -8.31
CA ILE A 175 -3.33 14.64 -9.57
C ILE A 175 -4.43 14.11 -10.48
N GLU A 176 -5.17 15.02 -11.12
CA GLU A 176 -6.24 14.62 -12.04
C GLU A 176 -6.17 15.30 -13.40
N HIS A 177 -6.70 14.61 -14.41
CA HIS A 177 -7.04 15.21 -15.70
C HIS A 177 -5.87 15.57 -16.60
N LEU A 178 -4.65 15.20 -16.25
CA LEU A 178 -3.57 15.27 -17.22
C LEU A 178 -3.93 14.31 -18.37
N LYS A 179 -3.49 14.64 -19.59
CA LYS A 179 -3.86 13.86 -20.76
C LYS A 179 -3.36 12.42 -20.64
N SER A 180 -2.14 12.26 -20.16
CA SER A 180 -1.55 10.94 -19.96
C SER A 180 -2.03 10.34 -18.63
N PRO A 181 -2.97 9.39 -18.68
CA PRO A 181 -3.70 8.93 -17.50
C PRO A 181 -2.85 8.33 -16.39
N GLU A 182 -1.70 7.74 -16.70
CA GLU A 182 -0.85 7.18 -15.66
C GLU A 182 0.00 8.27 -14.96
N LEU A 183 -0.25 9.53 -15.30
CA LEU A 183 0.33 10.63 -14.54
C LEU A 183 -0.67 11.10 -13.48
N ASN A 184 -1.91 10.68 -13.63
CA ASN A 184 -2.95 11.09 -12.70
C ASN A 184 -2.90 10.20 -11.48
N VAL A 185 -1.92 10.49 -10.64
CA VAL A 185 -1.54 9.58 -9.59
C VAL A 185 -1.96 10.05 -8.21
N ASP A 186 -1.89 9.12 -7.28
CA ASP A 186 -2.14 9.41 -5.89
C ASP A 186 -0.85 9.90 -5.27
N LEU A 187 -0.91 11.06 -4.64
CA LEU A 187 0.21 11.57 -3.86
C LEU A 187 0.03 11.08 -2.42
N ALA A 188 0.74 10.03 -2.06
CA ALA A 188 0.47 9.28 -0.82
C ALA A 188 0.76 10.07 0.46
N ALA A 189 0.11 9.68 1.56
CA ALA A 189 0.26 10.38 2.84
C ALA A 189 1.72 10.52 3.20
N ALA A 190 2.11 11.69 3.68
CA ALA A 190 3.50 11.91 4.02
C ALA A 190 3.62 12.89 5.18
N ASP A 191 4.73 12.79 5.92
CA ASP A 191 4.99 13.67 7.04
C ASP A 191 5.52 15.03 6.58
N ILE A 192 5.09 16.09 7.27
CA ILE A 192 5.76 17.38 7.19
C ILE A 192 7.05 17.31 8.01
N LYS A 193 8.14 17.81 7.45
CA LYS A 193 9.44 17.82 8.11
C LYS A 193 10.18 19.12 7.87
N PRO A 194 11.14 19.42 8.74
CA PRO A 194 12.07 20.54 8.52
C PRO A 194 13.20 20.12 7.60
N ASP A 195 13.58 20.95 6.63
CA ASP A 195 14.81 20.68 5.89
C ASP A 195 15.95 21.40 6.61
N GLY A 196 17.09 21.56 5.94
CA GLY A 196 18.26 22.18 6.55
C GLY A 196 18.07 23.60 7.06
N LYS A 197 17.19 24.35 6.40
CA LYS A 197 16.92 25.73 6.79
C LYS A 197 15.65 25.83 7.63
N ARG A 198 15.16 24.70 8.14
CA ARG A 198 13.90 24.70 8.90
C ARG A 198 12.66 25.02 8.05
N HIS A 199 12.77 24.86 6.73
CA HIS A 199 11.59 25.00 5.87
C HIS A 199 10.71 23.77 6.06
N ALA A 200 9.40 23.97 6.05
CA ALA A 200 8.47 22.85 6.11
C ALA A 200 8.38 22.16 4.74
N VAL A 201 8.77 20.89 4.69
CA VAL A 201 8.73 20.15 3.42
C VAL A 201 8.06 18.78 3.57
N ILE A 202 7.46 18.32 2.48
CA ILE A 202 6.79 17.03 2.43
C ILE A 202 7.28 16.17 1.28
N SER A 203 7.85 15.01 1.60
CA SER A 203 8.33 14.07 0.60
C SER A 203 7.63 12.75 0.73
N GLY A 204 6.99 12.31 -0.33
CA GLY A 204 6.24 11.07 -0.27
C GLY A 204 6.27 10.25 -1.55
N SER A 205 5.45 9.21 -1.57
CA SER A 205 5.38 8.33 -2.71
C SER A 205 4.27 8.71 -3.67
N VAL A 206 4.49 8.41 -4.94
CA VAL A 206 3.48 8.50 -5.98
C VAL A 206 2.92 7.09 -6.17
N LEU A 207 1.61 6.93 -6.12
CA LEU A 207 1.01 5.60 -6.25
C LEU A 207 0.10 5.50 -7.47
N TYR A 208 0.20 4.39 -8.18
CA TYR A 208 -0.67 4.12 -9.34
C TYR A 208 -1.05 2.64 -9.32
N ASN A 209 -2.35 2.37 -9.27
CA ASN A 209 -2.85 1.00 -9.02
C ASN A 209 -2.18 0.35 -7.81
N GLN A 210 -1.95 1.17 -6.78
CA GLN A 210 -1.38 0.76 -5.49
C GLN A 210 0.11 0.42 -5.53
N ALA A 211 0.73 0.56 -6.70
CA ALA A 211 2.18 0.41 -6.79
C ALA A 211 2.91 1.77 -6.75
N GLU A 212 4.12 1.77 -6.21
CA GLU A 212 4.91 2.99 -6.21
C GLU A 212 5.46 3.28 -7.60
N LYS A 213 5.09 4.43 -8.14
CA LYS A 213 5.49 4.81 -9.49
C LYS A 213 6.26 6.13 -9.46
N GLY A 214 6.94 6.37 -8.36
CA GLY A 214 7.79 7.53 -8.23
C GLY A 214 7.62 8.25 -6.91
N SER A 215 7.86 9.56 -6.91
CA SER A 215 7.88 10.33 -5.68
C SER A 215 7.52 11.78 -5.92
N TYR A 216 7.10 12.45 -4.86
CA TYR A 216 6.79 13.87 -4.97
C TYR A 216 7.37 14.59 -3.79
N SER A 217 7.66 15.87 -3.96
CA SER A 217 8.13 16.69 -2.85
CA SER A 217 8.17 16.70 -2.88
C SER A 217 7.48 18.06 -2.92
N LEU A 218 6.91 18.49 -1.80
CA LEU A 218 6.25 19.78 -1.72
C LEU A 218 6.85 20.62 -0.63
N GLY A 219 6.97 21.93 -0.88
CA GLY A 219 7.32 22.87 0.15
C GLY A 219 6.07 23.64 0.52
N ILE A 220 5.96 24.01 1.79
CA ILE A 220 4.85 24.83 2.24
C ILE A 220 5.28 26.29 2.19
N PHE A 221 4.40 27.15 1.66
CA PHE A 221 4.78 28.53 1.43
C PHE A 221 3.79 29.50 2.00
N GLY A 222 4.29 30.68 2.39
CA GLY A 222 3.44 31.69 2.99
C GLY A 222 3.47 31.64 4.51
N GLY A 223 3.41 32.81 5.14
CA GLY A 223 3.47 32.91 6.58
C GLY A 223 2.37 32.14 7.28
N LYS A 224 1.21 32.02 6.63
CA LYS A 224 0.12 31.23 7.19
C LYS A 224 -0.09 29.96 6.37
N ALA A 225 1.00 29.46 5.79
CA ALA A 225 0.96 28.23 5.00
C ALA A 225 -0.12 28.27 3.92
N GLN A 226 -0.22 29.39 3.20
CA GLN A 226 -1.29 29.55 2.19
C GLN A 226 -1.10 28.65 0.97
N GLU A 227 0.13 28.19 0.75
CA GLU A 227 0.45 27.50 -0.50
C GLU A 227 1.38 26.31 -0.35
N VAL A 228 1.30 25.41 -1.32
CA VAL A 228 2.31 24.37 -1.52
C VAL A 228 2.85 24.49 -2.94
N ALA A 229 4.10 24.14 -3.10
CA ALA A 229 4.69 24.12 -4.44
C ALA A 229 5.84 23.13 -4.42
N GLY A 230 6.02 22.43 -5.53
CA GLY A 230 7.06 21.41 -5.61
C GLY A 230 6.95 20.68 -6.93
N SER A 231 7.30 19.40 -6.92
CA SER A 231 7.32 18.62 -8.15
C SER A 231 7.09 17.13 -7.87
N ALA A 232 6.95 16.37 -8.94
CA ALA A 232 6.76 14.93 -8.82
C ALA A 232 7.55 14.26 -9.94
N GLU A 233 8.07 13.07 -9.65
CA GLU A 233 8.70 12.26 -10.68
C GLU A 233 7.88 10.97 -10.78
N VAL A 234 7.27 10.74 -11.93
CA VAL A 234 6.32 9.63 -12.07
C VAL A 234 6.79 8.61 -13.13
N LYS A 235 6.92 7.35 -12.71
CA LYS A 235 7.36 6.29 -13.61
C LYS A 235 6.21 5.83 -14.50
N THR A 236 6.43 5.87 -15.81
CA THR A 236 5.41 5.44 -16.77
C THR A 236 5.94 4.33 -17.65
N VAL A 237 5.03 3.70 -18.39
CA VAL A 237 5.37 2.63 -19.30
C VAL A 237 6.45 3.10 -20.26
N ASN A 238 6.39 4.37 -20.64
CA ASN A 238 7.33 4.97 -21.58
C ASN A 238 8.45 5.78 -20.93
N GLY A 239 8.62 5.64 -19.61
CA GLY A 239 9.71 6.31 -18.92
C GLY A 239 9.30 7.29 -17.83
N ILE A 240 10.29 7.89 -17.17
CA ILE A 240 10.00 8.80 -16.09
C ILE A 240 9.54 10.16 -16.62
N ARG A 241 8.47 10.68 -16.03
CA ARG A 241 7.92 11.98 -16.41
C ARG A 241 7.94 12.95 -15.23
N HIS A 242 8.39 14.18 -15.46
CA HIS A 242 8.51 15.17 -14.40
C HIS A 242 7.35 16.15 -14.41
N ILE A 243 6.79 16.42 -13.24
CA ILE A 243 5.62 17.26 -13.15
C ILE A 243 5.83 18.39 -12.16
N GLY A 244 5.34 19.58 -12.50
CA GLY A 244 5.38 20.70 -11.60
C GLY A 244 4.07 20.81 -10.83
N LEU A 245 4.18 21.06 -9.54
CA LEU A 245 3.03 21.12 -8.65
C LEU A 245 2.90 22.47 -7.97
N ALA A 246 1.69 23.02 -7.96
CA ALA A 246 1.46 24.28 -7.25
C ALA A 246 -0.03 24.48 -6.96
N ALA A 247 -0.34 24.73 -5.68
CA ALA A 247 -1.72 24.87 -5.24
C ALA A 247 -1.81 25.89 -4.09
N LYS A 248 -3.02 26.32 -3.78
CA LYS A 248 -3.22 27.38 -2.81
C LYS A 248 -4.51 27.25 -2.00
N GLN A 249 -4.42 27.79 -0.78
CA GLN A 249 -5.49 27.93 0.24
C GLN A 249 -5.51 26.80 1.26
N GLY B 9 43.50 15.16 44.09
CA GLY B 9 44.33 16.30 44.45
C GLY B 9 43.49 17.50 44.86
N LEU B 10 42.27 17.24 45.29
CA LEU B 10 41.32 18.29 45.63
C LEU B 10 41.80 19.18 46.79
N ALA B 11 42.25 18.58 47.88
CA ALA B 11 42.73 19.32 49.04
C ALA B 11 43.79 20.36 48.66
N ASP B 12 44.76 19.96 47.82
CA ASP B 12 45.78 20.88 47.31
C ASP B 12 45.18 22.11 46.63
N ALA B 13 44.12 21.90 45.85
CA ALA B 13 43.51 22.99 45.11
C ALA B 13 43.01 24.10 46.05
N LEU B 14 42.71 23.73 47.30
CA LEU B 14 42.21 24.71 48.27
C LEU B 14 43.30 25.31 49.13
N THR B 15 44.46 24.66 49.18
CA THR B 15 45.49 25.02 50.17
C THR B 15 46.85 25.38 49.59
N ALA B 16 47.16 24.87 48.40
CA ALA B 16 48.46 25.08 47.80
C ALA B 16 48.49 26.36 46.96
N PRO B 17 49.65 27.03 46.91
CA PRO B 17 49.87 28.24 46.12
C PRO B 17 50.07 27.92 44.65
N LEU B 18 49.73 28.86 43.77
CA LEU B 18 49.85 28.64 42.33
C LEU B 18 51.28 28.27 41.96
N ASP B 19 51.42 27.37 40.99
CA ASP B 19 52.73 26.84 40.61
C ASP B 19 52.83 26.70 39.10
N HIS B 20 53.75 27.46 38.50
CA HIS B 20 53.92 27.49 37.05
C HIS B 20 54.33 26.12 36.49
N LYS B 21 54.55 25.15 37.38
CA LYS B 21 54.96 23.82 36.97
C LYS B 21 53.80 22.83 36.94
N ASP B 22 52.64 23.26 37.46
CA ASP B 22 51.45 22.41 37.40
C ASP B 22 50.90 22.38 35.98
N LYS B 23 50.24 21.28 35.64
CA LYS B 23 49.58 21.12 34.35
C LYS B 23 48.40 22.07 34.27
N GLY B 24 48.37 22.90 33.24
CA GLY B 24 47.23 23.76 32.96
C GLY B 24 46.03 22.93 32.53
N LEU B 25 44.84 23.53 32.52
CA LEU B 25 44.65 24.94 32.85
C LEU B 25 44.97 25.19 34.33
N GLN B 26 45.92 26.10 34.57
CA GLN B 26 46.50 26.30 35.90
C GLN B 26 45.64 27.13 36.85
N SER B 27 44.82 28.01 36.32
CA SER B 27 43.99 28.86 37.17
C SER B 27 42.69 29.22 36.47
N LEU B 28 41.60 29.19 37.23
CA LEU B 28 40.32 29.62 36.70
C LEU B 28 39.79 30.74 37.56
N THR B 29 39.37 31.81 36.90
CA THR B 29 38.87 32.98 37.59
C THR B 29 37.39 32.85 37.88
N LEU B 30 37.05 32.70 39.15
CA LEU B 30 35.65 32.60 39.55
C LEU B 30 35.00 33.97 39.40
N ASP B 31 33.99 34.06 38.55
CA ASP B 31 33.30 35.30 38.28
C ASP B 31 31.78 35.07 38.33
N GLN B 32 31.26 34.28 37.40
CA GLN B 32 29.86 33.89 37.42
C GLN B 32 29.55 33.03 38.64
N SER B 33 30.56 32.26 39.05
CA SER B 33 30.40 31.31 40.16
C SER B 33 30.18 31.98 41.51
N VAL B 34 30.52 33.26 41.60
CA VAL B 34 30.32 33.99 42.85
C VAL B 34 30.22 35.50 42.60
N ARG B 35 29.01 36.04 42.71
CA ARG B 35 28.78 37.46 42.47
C ARG B 35 29.61 38.32 43.43
N LYS B 36 29.75 39.61 43.11
CA LYS B 36 30.67 40.47 43.85
C LYS B 36 30.30 40.60 45.32
N ASN B 37 29.00 40.64 45.62
CA ASN B 37 28.56 40.87 46.99
C ASN B 37 28.39 39.58 47.80
N GLU B 38 28.82 38.47 47.22
CA GLU B 38 28.64 37.18 47.86
C GLU B 38 29.97 36.51 48.14
N LYS B 39 29.89 35.40 48.86
CA LYS B 39 31.07 34.58 49.17
C LYS B 39 30.80 33.13 48.80
N LEU B 40 31.85 32.43 48.37
CA LEU B 40 31.72 31.04 47.99
C LEU B 40 32.73 30.21 48.77
N LYS B 41 32.22 29.29 49.58
CA LYS B 41 33.08 28.45 50.39
C LYS B 41 33.10 27.04 49.80
N LEU B 42 34.30 26.52 49.55
CA LEU B 42 34.47 25.20 48.93
C LEU B 42 35.26 24.27 49.84
N ALA B 43 34.80 23.04 49.99
CA ALA B 43 35.46 22.07 50.87
C ALA B 43 35.64 20.71 50.21
N ALA B 44 36.76 20.05 50.51
CA ALA B 44 37.01 18.70 50.02
C ALA B 44 38.28 18.13 50.64
N GLN B 45 38.27 16.83 50.92
CA GLN B 45 39.43 16.13 51.48
C GLN B 45 39.95 16.82 52.73
N GLY B 46 39.04 17.29 53.57
CA GLY B 46 39.43 17.87 54.85
C GLY B 46 39.82 19.32 54.77
N ALA B 47 40.02 19.82 53.56
CA ALA B 47 40.44 21.20 53.38
C ALA B 47 39.26 22.06 52.99
N GLU B 48 39.43 23.37 53.07
CA GLU B 48 38.36 24.31 52.73
C GLU B 48 38.91 25.72 52.49
N LYS B 49 38.31 26.41 51.53
CA LYS B 49 38.74 27.75 51.17
C LYS B 49 37.54 28.60 50.77
N THR B 50 37.58 29.88 51.11
CA THR B 50 36.49 30.77 50.74
C THR B 50 36.93 31.64 49.58
N TYR B 51 36.02 31.94 48.67
CA TYR B 51 36.34 32.80 47.53
C TYR B 51 35.37 33.95 47.38
N GLY B 52 35.88 35.03 46.82
CA GLY B 52 35.06 36.18 46.46
C GLY B 52 35.16 36.35 44.96
N ASN B 53 34.30 37.20 44.41
CA ASN B 53 34.32 37.49 42.98
C ASN B 53 35.68 37.94 42.47
N GLY B 54 36.16 37.28 41.43
CA GLY B 54 37.44 37.60 40.84
C GLY B 54 38.57 36.73 41.33
N ASP B 55 38.36 36.03 42.44
CA ASP B 55 39.37 35.15 43.00
C ASP B 55 39.63 33.99 42.04
N SER B 56 40.83 33.42 42.09
CA SER B 56 41.15 32.33 41.17
C SER B 56 41.19 30.97 41.85
N LEU B 57 40.66 29.96 41.17
CA LEU B 57 40.69 28.60 41.65
C LEU B 57 41.90 27.86 41.08
N ASN B 58 42.70 27.26 41.95
CA ASN B 58 43.91 26.56 41.54
C ASN B 58 43.63 25.21 40.86
N THR B 59 43.12 25.27 39.63
CA THR B 59 42.85 24.06 38.85
C THR B 59 44.12 23.31 38.46
N GLY B 60 45.27 23.92 38.67
CA GLY B 60 46.54 23.28 38.37
C GLY B 60 46.72 21.98 39.16
N LYS B 61 46.08 21.91 40.32
CA LYS B 61 46.18 20.74 41.19
C LYS B 61 45.20 19.61 40.85
N LEU B 62 44.20 19.89 40.01
CA LEU B 62 43.16 18.91 39.68
C LEU B 62 43.48 18.04 38.45
N LYS B 63 42.84 16.89 38.33
CA LYS B 63 43.05 16.04 37.16
C LYS B 63 42.35 16.58 35.91
N ASN B 64 43.06 16.55 34.78
CA ASN B 64 42.49 16.97 33.50
C ASN B 64 41.43 15.98 33.01
N ASP B 65 40.47 16.47 32.25
CA ASP B 65 39.50 15.62 31.58
C ASP B 65 38.63 14.84 32.57
N LYS B 66 38.52 15.35 33.80
CA LYS B 66 37.61 14.77 34.78
C LYS B 66 36.89 15.86 35.56
N VAL B 67 35.76 15.48 36.16
CA VAL B 67 35.05 16.33 37.09
C VAL B 67 35.65 16.22 38.49
N SER B 68 36.10 17.34 39.04
CA SER B 68 36.49 17.41 40.45
C SER B 68 35.28 17.90 41.24
N ARG B 69 35.08 17.36 42.43
CA ARG B 69 33.89 17.67 43.18
C ARG B 69 34.21 18.25 44.55
N PHE B 70 33.50 19.32 44.89
CA PHE B 70 33.66 20.00 46.17
C PHE B 70 32.28 20.18 46.78
N ASP B 71 32.22 20.31 48.10
CA ASP B 71 31.02 20.79 48.78
C ASP B 71 31.05 22.30 48.76
N PHE B 72 29.90 22.96 48.64
CA PHE B 72 29.89 24.41 48.62
C PHE B 72 28.78 25.02 49.48
N ILE B 73 29.04 26.22 49.98
CA ILE B 73 28.04 27.05 50.62
C ILE B 73 28.17 28.47 50.03
N ARG B 74 27.05 29.06 49.60
CA ARG B 74 27.11 30.39 49.02
C ARG B 74 26.45 31.39 49.96
N GLN B 75 27.24 32.36 50.44
CA GLN B 75 26.78 33.32 51.46
C GLN B 75 26.81 34.76 50.96
N ILE B 76 26.04 35.62 51.64
CA ILE B 76 25.88 37.02 51.24
C ILE B 76 26.20 38.00 52.37
N LEU B 82 27.02 36.98 57.79
CA LEU B 82 27.04 35.74 57.01
C LEU B 82 25.67 35.09 56.94
N ILE B 83 25.12 35.00 55.74
CA ILE B 83 23.83 34.35 55.52
C ILE B 83 23.93 33.40 54.33
N THR B 84 23.50 32.16 54.51
CA THR B 84 23.61 31.14 53.48
C THR B 84 22.44 31.23 52.49
N LEU B 85 22.77 31.24 51.20
CA LEU B 85 21.76 31.32 50.13
C LEU B 85 21.54 29.95 49.47
N GLU B 86 22.61 29.18 49.39
CA GLU B 86 22.62 27.95 48.62
C GLU B 86 23.71 27.03 49.13
N SER B 87 23.48 25.73 49.03
CA SER B 87 24.52 24.75 49.30
C SER B 87 24.32 23.55 48.38
N GLY B 88 25.37 22.76 48.21
CA GLY B 88 25.30 21.56 47.40
C GLY B 88 26.68 21.08 46.99
N GLU B 89 26.77 20.56 45.76
CA GLU B 89 28.03 20.10 45.20
C GLU B 89 28.51 21.09 44.14
N PHE B 90 29.81 21.37 44.16
CA PHE B 90 30.44 22.27 43.21
C PHE B 90 31.34 21.43 42.31
N GLN B 91 31.08 21.45 41.01
CA GLN B 91 31.81 20.63 40.06
C GLN B 91 32.74 21.48 39.19
N VAL B 92 33.93 20.94 38.96
CA VAL B 92 34.91 21.60 38.13
C VAL B 92 35.41 20.63 37.06
N TYR B 93 35.27 21.00 35.80
CA TYR B 93 35.85 20.22 34.72
C TYR B 93 37.06 20.93 34.15
N LYS B 94 38.20 20.26 34.17
CA LYS B 94 39.47 20.90 33.83
C LYS B 94 40.04 20.40 32.52
N GLN B 95 40.39 21.32 31.62
CA GLN B 95 41.20 21.02 30.44
C GLN B 95 42.47 21.84 30.49
N SER B 96 43.25 21.83 29.41
CA SER B 96 44.58 22.44 29.40
C SER B 96 44.55 23.95 29.12
N HIS B 97 43.54 24.39 28.37
CA HIS B 97 43.44 25.79 28.01
C HIS B 97 42.05 26.34 28.35
N SER B 98 41.26 25.52 29.04
CA SER B 98 39.91 25.92 29.40
C SER B 98 39.40 25.07 30.53
N ALA B 99 38.33 25.53 31.17
CA ALA B 99 37.76 24.80 32.28
C ALA B 99 36.42 25.42 32.64
N LEU B 100 35.54 24.64 33.26
CA LEU B 100 34.25 25.18 33.69
C LEU B 100 33.82 24.67 35.05
N THR B 101 32.91 25.42 35.68
CA THR B 101 32.36 25.08 36.98
C THR B 101 30.87 24.86 36.83
N ALA B 102 30.27 24.16 37.79
CA ALA B 102 28.82 23.92 37.79
C ALA B 102 28.33 23.74 39.22
N PHE B 103 27.07 24.09 39.43
CA PHE B 103 26.45 23.98 40.75
C PHE B 103 25.34 22.94 40.75
N GLN B 104 25.51 21.86 41.50
CA GLN B 104 24.38 21.01 41.87
C GLN B 104 23.82 21.50 43.19
N THR B 105 22.72 22.24 43.11
CA THR B 105 22.03 22.72 44.29
C THR B 105 21.35 21.59 45.06
N GLU B 106 21.50 21.61 46.37
CA GLU B 106 20.74 20.72 47.25
C GLU B 106 19.85 21.55 48.17
N GLN B 107 20.29 22.78 48.46
CA GLN B 107 19.63 23.65 49.44
C GLN B 107 19.54 25.12 49.03
N ILE B 108 18.36 25.71 49.22
CA ILE B 108 18.19 27.16 49.12
C ILE B 108 17.45 27.67 50.37
N GLN B 109 17.27 28.98 50.51
CA GLN B 109 16.54 29.54 51.66
C GLN B 109 15.06 29.16 51.65
N ASP B 110 14.41 29.28 52.80
CA ASP B 110 13.03 28.86 52.96
C ASP B 110 12.05 29.99 52.63
N MET B 117 16.80 27.25 55.61
CA MET B 117 17.16 26.46 54.44
C MET B 117 16.13 25.40 54.13
N VAL B 118 15.79 25.26 52.85
CA VAL B 118 14.90 24.20 52.41
C VAL B 118 15.53 23.43 51.25
N ALA B 119 15.13 22.18 51.08
CA ALA B 119 15.67 21.30 50.04
C ALA B 119 15.14 21.65 48.65
N LYS B 120 16.07 21.78 47.70
CA LYS B 120 15.72 22.02 46.31
C LYS B 120 16.88 21.62 45.40
N ARG B 121 16.58 20.81 44.39
CA ARG B 121 17.64 20.37 43.49
C ARG B 121 17.61 21.17 42.20
N GLN B 122 18.77 21.63 41.78
CA GLN B 122 18.94 22.41 40.55
C GLN B 122 20.34 22.18 40.02
N PHE B 123 20.52 22.35 38.72
CA PHE B 123 21.84 22.24 38.13
C PHE B 123 22.12 23.43 37.21
N ARG B 124 23.37 23.85 37.17
CA ARG B 124 23.73 25.10 36.52
C ARG B 124 25.21 25.14 36.19
N ILE B 125 25.52 25.67 35.00
CA ILE B 125 26.91 25.92 34.69
C ILE B 125 27.21 27.32 35.15
N GLY B 126 28.37 27.52 35.76
CA GLY B 126 28.75 28.81 36.30
C GLY B 126 29.73 29.47 35.37
N ASP B 127 31.01 29.38 35.73
CA ASP B 127 32.03 29.97 34.89
C ASP B 127 32.51 29.00 33.84
N ILE B 128 32.76 29.57 32.66
CA ILE B 128 33.44 28.89 31.57
C ILE B 128 34.64 29.77 31.20
N ALA B 129 35.83 29.33 31.58
CA ALA B 129 36.99 30.19 31.56
C ALA B 129 38.20 29.56 30.89
N GLY B 130 39.19 30.41 30.60
CA GLY B 130 40.44 29.96 30.03
C GLY B 130 41.00 30.97 29.06
N GLU B 131 41.93 30.49 28.23
CA GLU B 131 42.55 31.28 27.19
C GLU B 131 41.68 31.27 25.93
N HIS B 132 40.73 32.20 25.87
CA HIS B 132 39.87 32.35 24.69
C HIS B 132 40.73 32.52 23.45
N THR B 133 40.43 31.77 22.41
CA THR B 133 41.06 31.96 21.11
C THR B 133 40.44 33.18 20.45
N SER B 134 41.28 34.09 19.95
CA SER B 134 40.74 35.24 19.23
C SER B 134 40.09 34.79 17.92
N PHE B 135 38.91 35.31 17.64
CA PHE B 135 38.24 35.06 16.37
C PHE B 135 39.08 35.50 15.19
N ASP B 136 39.97 36.46 15.42
CA ASP B 136 40.82 37.05 14.38
C ASP B 136 42.16 36.33 14.29
N LYS B 137 42.34 35.30 15.09
CA LYS B 137 43.57 34.52 15.05
C LYS B 137 43.26 33.04 14.92
N LEU B 138 42.12 32.73 14.32
CA LEU B 138 41.74 31.35 14.04
C LEU B 138 42.60 30.77 12.91
N PRO B 139 42.76 29.44 12.89
CA PRO B 139 43.38 28.78 11.74
C PRO B 139 42.68 29.22 10.45
N GLU B 140 43.43 29.27 9.35
CA GLU B 140 42.86 29.81 8.11
C GLU B 140 42.00 28.77 7.41
N GLY B 141 42.31 27.49 7.65
CA GLY B 141 41.58 26.39 7.04
C GLY B 141 41.63 25.10 7.85
N GLY B 142 41.23 24.00 7.21
CA GLY B 142 41.29 22.70 7.86
C GLY B 142 40.11 22.43 8.75
N ARG B 143 39.89 21.16 9.06
CA ARG B 143 38.81 20.75 9.95
C ARG B 143 39.42 20.20 11.22
N ALA B 144 38.79 20.48 12.36
CA ALA B 144 39.30 19.99 13.63
C ALA B 144 38.23 19.23 14.40
N THR B 145 38.61 18.08 14.93
CA THR B 145 37.70 17.29 15.74
C THR B 145 38.04 17.37 17.21
N TYR B 146 37.04 17.74 18.01
CA TYR B 146 37.21 17.84 19.45
C TYR B 146 36.48 16.69 20.13
N ARG B 147 37.14 16.02 21.07
CA ARG B 147 36.53 14.91 21.80
C ARG B 147 36.65 15.15 23.30
N GLY B 148 35.55 14.94 24.00
CA GLY B 148 35.54 15.21 25.42
C GLY B 148 34.28 14.77 26.14
N THR B 149 33.85 15.59 27.09
CA THR B 149 32.81 15.21 28.03
C THR B 149 31.58 16.08 27.92
N ALA B 150 30.42 15.47 28.17
CA ALA B 150 29.19 16.20 28.43
C ALA B 150 28.69 15.80 29.81
N PHE B 151 28.50 16.76 30.71
CA PHE B 151 28.02 16.41 32.05
C PHE B 151 26.83 17.26 32.48
N GLY B 152 25.84 16.60 33.07
CA GLY B 152 24.63 17.25 33.56
C GLY B 152 24.36 16.77 34.97
N SER B 153 23.21 17.12 35.52
CA SER B 153 22.85 16.70 36.86
C SER B 153 22.99 15.18 37.03
N ASP B 154 23.75 14.78 38.05
CA ASP B 154 23.96 13.39 38.39
C ASP B 154 24.48 12.50 37.27
N ASP B 155 25.14 13.09 36.27
CA ASP B 155 25.68 12.29 35.16
C ASP B 155 26.84 13.02 34.48
N ALA B 156 28.05 12.54 34.74
CA ALA B 156 29.25 13.05 34.10
C ALA B 156 29.74 12.05 33.06
N GLY B 157 28.85 11.15 32.62
CA GLY B 157 29.23 10.09 31.71
C GLY B 157 29.05 10.38 30.22
N GLY B 158 28.60 11.58 29.89
CA GLY B 158 28.33 11.93 28.51
C GLY B 158 29.56 12.10 27.65
N LYS B 159 29.47 11.63 26.41
CA LYS B 159 30.54 11.77 25.43
C LYS B 159 30.22 12.89 24.44
N LEU B 160 31.10 13.89 24.39
CA LEU B 160 30.96 14.99 23.45
C LEU B 160 31.90 14.82 22.26
N THR B 161 31.37 15.02 21.06
CA THR B 161 32.16 15.03 19.84
C THR B 161 31.81 16.29 19.07
N TYR B 162 32.82 17.01 18.61
CA TYR B 162 32.54 18.26 17.93
C TYR B 162 33.55 18.53 16.83
N THR B 163 33.05 18.95 15.67
CA THR B 163 33.88 19.21 14.52
C THR B 163 33.75 20.66 14.10
N ILE B 164 34.89 21.30 13.90
CA ILE B 164 34.90 22.66 13.39
C ILE B 164 35.57 22.71 12.03
N ASP B 165 34.88 23.33 11.09
CA ASP B 165 35.47 23.62 9.79
C ASP B 165 35.96 25.07 9.81
N PHE B 166 37.27 25.27 9.75
CA PHE B 166 37.81 26.62 9.91
C PHE B 166 37.81 27.39 8.59
N ALA B 167 37.77 26.68 7.47
CA ALA B 167 37.60 27.32 6.18
C ALA B 167 36.23 27.95 6.10
N ALA B 168 35.23 27.20 6.53
CA ALA B 168 33.84 27.65 6.45
C ALA B 168 33.46 28.43 7.70
N LYS B 169 34.34 28.43 8.69
CA LYS B 169 34.08 29.04 10.01
C LYS B 169 32.73 28.58 10.54
N GLN B 170 32.57 27.27 10.64
CA GLN B 170 31.33 26.65 11.07
C GLN B 170 31.62 25.39 11.89
N GLY B 171 30.72 25.07 12.82
CA GLY B 171 30.84 23.88 13.65
C GLY B 171 29.54 23.12 13.90
N ASN B 172 29.65 21.85 14.21
CA ASN B 172 28.51 21.03 14.62
C ASN B 172 29.02 19.84 15.43
N GLY B 173 28.12 19.18 16.14
CA GLY B 173 28.51 18.08 17.00
C GLY B 173 27.36 17.28 17.58
N LYS B 174 27.65 16.47 18.57
CA LYS B 174 26.70 15.53 19.13
C LYS B 174 27.05 15.14 20.55
N ILE B 175 26.04 14.85 21.36
CA ILE B 175 26.25 14.31 22.70
C ILE B 175 25.80 12.85 22.72
N GLU B 176 26.60 11.98 23.31
CA GLU B 176 26.26 10.56 23.40
C GLU B 176 26.37 10.00 24.82
N HIS B 177 25.54 8.99 25.09
CA HIS B 177 25.68 8.10 26.26
C HIS B 177 25.31 8.70 27.60
N LEU B 178 24.74 9.91 27.62
CA LEU B 178 24.09 10.36 28.84
C LEU B 178 22.93 9.41 29.15
N LYS B 179 22.65 9.19 30.43
CA LYS B 179 21.65 8.20 30.82
C LYS B 179 20.28 8.55 30.30
N SER B 180 19.94 9.83 30.37
CA SER B 180 18.65 10.32 29.87
C SER B 180 18.74 10.52 28.36
N PRO B 181 18.14 9.60 27.58
CA PRO B 181 18.40 9.56 26.13
C PRO B 181 18.05 10.84 25.39
N GLU B 182 17.08 11.61 25.86
CA GLU B 182 16.75 12.85 25.17
C GLU B 182 17.73 13.99 25.49
N LEU B 183 18.81 13.68 26.20
CA LEU B 183 19.91 14.64 26.36
C LEU B 183 21.00 14.34 25.33
N ASN B 184 20.92 13.16 24.71
CA ASN B 184 21.91 12.79 23.72
C ASN B 184 21.55 13.41 22.37
N VAL B 185 21.77 14.71 22.28
CA VAL B 185 21.20 15.54 21.24
C VAL B 185 22.16 15.90 20.12
N ASP B 186 21.61 16.43 19.04
CA ASP B 186 22.39 16.96 17.96
C ASP B 186 22.65 18.45 18.21
N LEU B 187 23.92 18.83 18.24
CA LEU B 187 24.32 20.24 18.33
C LEU B 187 24.47 20.76 16.89
N ALA B 188 23.42 21.41 16.38
CA ALA B 188 23.32 21.70 14.95
C ALA B 188 24.37 22.68 14.47
N ALA B 189 24.62 22.66 13.16
CA ALA B 189 25.62 23.53 12.53
C ALA B 189 25.41 24.97 12.94
N ALA B 190 26.51 25.64 13.25
CA ALA B 190 26.45 27.03 13.65
C ALA B 190 27.73 27.75 13.23
N ASP B 191 27.64 29.06 13.01
CA ASP B 191 28.80 29.86 12.61
C ASP B 191 29.67 30.26 13.79
N ILE B 192 30.98 30.30 13.57
CA ILE B 192 31.89 30.94 14.52
C ILE B 192 31.75 32.44 14.39
N LYS B 193 31.65 33.13 15.51
CA LYS B 193 31.55 34.58 15.46
C LYS B 193 32.38 35.22 16.56
N PRO B 194 32.77 36.48 16.37
CA PRO B 194 33.44 37.28 17.40
C PRO B 194 32.44 37.85 18.39
N ASP B 195 32.74 37.80 19.68
CA ASP B 195 31.96 38.55 20.64
C ASP B 195 32.61 39.92 20.86
N GLY B 196 32.21 40.61 21.94
CA GLY B 196 32.72 41.94 22.24
C GLY B 196 34.22 42.00 22.41
N LYS B 197 34.81 40.90 22.88
CA LYS B 197 36.26 40.86 23.09
C LYS B 197 36.97 40.21 21.91
N ARG B 198 36.20 39.99 20.84
CA ARG B 198 36.68 39.35 19.63
C ARG B 198 37.04 37.88 19.90
N HIS B 199 36.47 37.31 20.96
CA HIS B 199 36.61 35.87 21.22
C HIS B 199 35.79 35.11 20.18
N ALA B 200 36.31 33.98 19.73
CA ALA B 200 35.57 33.10 18.82
C ALA B 200 34.54 32.31 19.62
N VAL B 201 33.27 32.50 19.30
CA VAL B 201 32.19 31.80 20.00
C VAL B 201 31.21 31.17 19.03
N ILE B 202 30.55 30.10 19.47
CA ILE B 202 29.55 29.43 18.65
C ILE B 202 28.24 29.29 19.39
N SER B 203 27.19 29.88 18.85
CA SER B 203 25.87 29.79 19.45
C SER B 203 24.95 29.09 18.48
N GLY B 204 24.37 27.97 18.89
CA GLY B 204 23.53 27.22 17.97
C GLY B 204 22.32 26.54 18.56
N SER B 205 21.67 25.75 17.72
CA SER B 205 20.47 25.03 18.11
C SER B 205 20.79 23.61 18.52
N VAL B 206 19.98 23.12 19.46
CA VAL B 206 19.97 21.72 19.86
C VAL B 206 18.79 21.00 19.21
N LEU B 207 19.05 19.89 18.52
CA LEU B 207 17.99 19.15 17.84
C LEU B 207 17.81 17.73 18.37
N TYR B 208 16.54 17.34 18.55
CA TYR B 208 16.18 15.99 18.96
C TYR B 208 14.93 15.56 18.21
N ASN B 209 15.02 14.44 17.50
CA ASN B 209 13.97 14.03 16.59
C ASN B 209 13.53 15.16 15.66
N GLN B 210 14.51 15.95 15.21
CA GLN B 210 14.27 17.02 14.26
C GLN B 210 13.50 18.19 14.88
N ALA B 211 13.20 18.08 16.17
CA ALA B 211 12.53 19.17 16.89
C ALA B 211 13.57 20.12 17.54
N GLU B 212 13.21 21.40 17.62
CA GLU B 212 14.06 22.38 18.30
C GLU B 212 13.94 22.15 19.80
N LYS B 213 15.03 21.75 20.44
CA LYS B 213 14.99 21.40 21.87
C LYS B 213 15.97 22.21 22.69
N GLY B 214 16.29 23.41 22.24
CA GLY B 214 17.13 24.29 23.02
C GLY B 214 18.27 24.91 22.25
N SER B 215 19.36 25.16 22.96
CA SER B 215 20.50 25.87 22.39
C SER B 215 21.82 25.54 23.09
N TYR B 216 22.91 25.71 22.37
CA TYR B 216 24.21 25.46 22.95
C TYR B 216 25.16 26.59 22.59
N SER B 217 26.13 26.80 23.45
CA SER B 217 27.08 27.89 23.31
C SER B 217 28.46 27.35 23.60
N LEU B 218 29.37 27.44 22.64
CA LEU B 218 30.74 26.98 22.84
C LEU B 218 31.71 28.12 22.57
N GLY B 219 32.77 28.19 23.36
CA GLY B 219 33.88 29.08 23.08
C GLY B 219 35.07 28.29 22.60
N ILE B 220 35.88 28.87 21.72
CA ILE B 220 37.10 28.20 21.30
C ILE B 220 38.27 28.65 22.20
N PHE B 221 39.09 27.69 22.61
CA PHE B 221 40.14 27.97 23.58
C PHE B 221 41.49 27.43 23.12
N GLY B 222 42.56 28.09 23.57
CA GLY B 222 43.91 27.72 23.19
C GLY B 222 44.37 28.55 22.02
N GLY B 223 45.66 28.91 22.02
CA GLY B 223 46.23 29.72 20.96
C GLY B 223 46.09 29.08 19.60
N LYS B 224 46.09 27.75 19.56
CA LYS B 224 45.91 27.02 18.31
C LYS B 224 44.55 26.31 18.23
N ALA B 225 43.55 26.90 18.89
CA ALA B 225 42.19 26.39 18.85
C ALA B 225 42.13 24.90 19.24
N GLN B 226 42.85 24.55 20.30
CA GLN B 226 42.93 23.15 20.73
C GLN B 226 41.66 22.61 21.39
N GLU B 227 40.84 23.49 21.93
CA GLU B 227 39.74 23.07 22.78
C GLU B 227 38.46 23.86 22.57
N VAL B 228 37.33 23.25 22.92
CA VAL B 228 36.10 24.00 23.06
C VAL B 228 35.50 23.76 24.44
N ALA B 229 34.77 24.75 24.92
CA ALA B 229 34.09 24.66 26.19
C ALA B 229 32.88 25.60 26.23
N GLY B 230 31.81 25.16 26.88
CA GLY B 230 30.58 25.93 26.95
C GLY B 230 29.47 25.10 27.60
N SER B 231 28.24 25.33 27.18
CA SER B 231 27.13 24.65 27.81
C SER B 231 25.95 24.47 26.86
N ALA B 232 24.94 23.76 27.33
CA ALA B 232 23.73 23.53 26.57
C ALA B 232 22.52 23.60 27.49
N GLU B 233 21.39 24.10 26.98
CA GLU B 233 20.12 24.02 27.68
C GLU B 233 19.21 23.17 26.82
N VAL B 234 18.78 22.03 27.34
CA VAL B 234 18.05 21.06 26.54
C VAL B 234 16.63 20.85 27.04
N LYS B 235 15.66 21.09 26.16
CA LYS B 235 14.28 20.90 26.53
C LYS B 235 13.98 19.41 26.52
N THR B 236 13.47 18.89 27.62
CA THR B 236 13.08 17.49 27.68
C THR B 236 11.61 17.41 28.06
N VAL B 237 11.02 16.22 27.92
CA VAL B 237 9.64 16.02 28.32
C VAL B 237 9.43 16.40 29.78
N ASN B 238 10.43 16.19 30.63
CA ASN B 238 10.30 16.52 32.05
C ASN B 238 10.89 17.87 32.44
N GLY B 239 11.20 18.70 31.45
CA GLY B 239 11.69 20.05 31.71
C GLY B 239 13.07 20.32 31.15
N ILE B 240 13.56 21.54 31.34
CA ILE B 240 14.85 21.95 30.79
C ILE B 240 16.05 21.43 31.58
N ARG B 241 17.05 20.93 30.89
CA ARG B 241 18.23 20.41 31.53
C ARG B 241 19.48 21.16 31.06
N HIS B 242 20.33 21.52 32.02
CA HIS B 242 21.53 22.27 31.71
C HIS B 242 22.72 21.32 31.70
N ILE B 243 23.53 21.42 30.65
CA ILE B 243 24.63 20.50 30.42
C ILE B 243 25.94 21.26 30.24
N GLY B 244 27.01 20.72 30.82
CA GLY B 244 28.33 21.30 30.64
C GLY B 244 29.07 20.61 29.52
N LEU B 245 29.75 21.39 28.67
CA LEU B 245 30.46 20.86 27.51
C LEU B 245 31.94 21.17 27.56
N ALA B 246 32.77 20.17 27.27
CA ALA B 246 34.21 20.37 27.21
C ALA B 246 34.86 19.27 26.36
N ALA B 247 35.62 19.69 25.35
CA ALA B 247 36.24 18.77 24.40
C ALA B 247 37.59 19.30 23.89
N LYS B 248 38.40 18.42 23.30
CA LYS B 248 39.75 18.80 22.90
C LYS B 248 40.23 18.04 21.66
N GLN B 249 41.16 18.63 20.93
CA GLN B 249 41.78 17.96 19.80
C GLN B 249 42.68 16.84 20.28
N LEU B 250 42.99 15.88 19.41
CA LEU B 250 43.83 14.73 19.78
C LEU B 250 45.16 15.14 20.44
N GLU C 1 29.64 -8.31 16.16
CA GLU C 1 30.70 -7.87 17.06
C GLU C 1 30.15 -7.50 18.44
N VAL C 2 29.12 -6.66 18.48
CA VAL C 2 28.38 -6.45 19.72
C VAL C 2 27.61 -7.75 19.96
N GLN C 3 27.83 -8.38 21.11
CA GLN C 3 27.14 -9.61 21.47
C GLN C 3 26.51 -9.52 22.85
N LEU C 4 25.37 -10.19 22.98
CA LEU C 4 24.74 -10.41 24.25
C LEU C 4 24.37 -11.89 24.35
N VAL C 5 25.06 -12.63 25.21
CA VAL C 5 24.87 -14.07 25.32
C VAL C 5 24.20 -14.45 26.63
N GLN C 6 22.96 -14.91 26.56
CA GLN C 6 22.22 -15.21 27.78
C GLN C 6 22.47 -16.64 28.19
N SER C 7 22.18 -16.95 29.44
CA SER C 7 22.33 -18.31 29.95
C SER C 7 21.24 -19.26 29.43
N GLY C 8 21.44 -20.54 29.67
CA GLY C 8 20.60 -21.58 29.10
C GLY C 8 19.18 -21.68 29.64
N ALA C 9 18.38 -22.52 29.00
CA ALA C 9 17.00 -22.75 29.42
C ALA C 9 16.99 -23.27 30.84
N GLU C 10 15.95 -22.92 31.59
CA GLU C 10 15.87 -23.23 33.01
C GLU C 10 14.55 -23.91 33.33
N LEU C 11 14.62 -24.90 34.21
CA LEU C 11 13.43 -25.47 34.83
C LEU C 11 13.52 -25.32 36.36
N LYS C 12 12.51 -24.68 36.94
CA LYS C 12 12.44 -24.48 38.37
C LYS C 12 11.05 -24.79 38.89
N LYS C 13 10.96 -25.16 40.17
CA LYS C 13 9.68 -25.40 40.84
C LYS C 13 9.14 -24.09 41.34
N PRO C 14 7.80 -23.98 41.41
CA PRO C 14 7.17 -22.78 41.96
C PRO C 14 7.67 -22.50 43.37
N GLY C 15 7.97 -21.24 43.66
CA GLY C 15 8.49 -20.85 44.97
C GLY C 15 10.00 -20.77 45.04
N GLU C 16 10.69 -21.42 44.10
CA GLU C 16 12.15 -21.35 44.05
C GLU C 16 12.65 -20.01 43.52
N SER C 17 13.93 -19.73 43.76
CA SER C 17 14.54 -18.51 43.27
C SER C 17 15.36 -18.85 42.02
N LEU C 18 15.63 -17.84 41.20
CA LEU C 18 16.33 -18.07 39.95
C LEU C 18 17.05 -16.83 39.48
N LYS C 19 18.32 -16.99 39.12
CA LYS C 19 19.05 -15.89 38.51
C LYS C 19 19.51 -16.29 37.12
N ILE C 20 19.07 -15.53 36.12
CA ILE C 20 19.55 -15.71 34.76
C ILE C 20 20.53 -14.60 34.39
N SER C 21 21.44 -14.91 33.46
CA SER C 21 22.52 -14.02 33.14
C SER C 21 22.53 -13.60 31.67
N CYS C 22 23.21 -12.50 31.40
CA CYS C 22 23.29 -11.91 30.07
C CYS C 22 24.68 -11.32 29.91
N LYS C 23 25.54 -12.03 29.19
CA LYS C 23 26.91 -11.62 28.99
C LYS C 23 27.06 -10.61 27.84
N ALA C 24 27.46 -9.37 28.18
CA ALA C 24 27.63 -8.32 27.18
C ALA C 24 29.08 -8.26 26.72
N SER C 25 29.29 -8.07 25.42
CA SER C 25 30.65 -7.95 24.88
C SER C 25 30.71 -7.18 23.56
N GLY C 26 31.91 -6.77 23.18
CA GLY C 26 32.13 -6.11 21.91
C GLY C 26 31.75 -4.66 21.97
N TYR C 27 31.50 -4.13 23.17
CA TYR C 27 31.25 -2.71 23.29
C TYR C 27 31.51 -2.23 24.70
N THR C 28 31.47 -0.93 24.90
CA THR C 28 31.72 -0.35 26.21
C THR C 28 30.51 -0.53 27.12
N PHE C 29 30.62 -1.44 28.07
CA PHE C 29 29.50 -1.86 28.93
C PHE C 29 28.81 -0.69 29.62
N THR C 30 29.58 0.25 30.15
CA THR C 30 29.00 1.32 30.97
C THR C 30 28.46 2.52 30.16
N ASN C 31 28.45 2.41 28.82
CA ASN C 31 27.89 3.48 28.00
C ASN C 31 26.43 3.25 27.57
N TYR C 32 25.85 2.12 27.97
CA TYR C 32 24.52 1.72 27.47
C TYR C 32 23.61 1.05 28.52
N TRP C 33 22.35 1.46 28.54
CA TRP C 33 21.33 0.77 29.32
C TRP C 33 21.26 -0.69 28.89
N VAL C 34 21.02 -1.59 29.84
CA VAL C 34 20.64 -2.95 29.47
C VAL C 34 19.14 -3.11 29.71
N VAL C 35 18.45 -3.75 28.76
CA VAL C 35 16.99 -3.82 28.78
C VAL C 35 16.51 -5.27 28.93
N TRP C 36 15.40 -5.47 29.62
CA TRP C 36 14.84 -6.82 29.78
C TRP C 36 13.42 -6.89 29.20
N VAL C 37 13.17 -7.94 28.41
CA VAL C 37 11.88 -8.07 27.75
C VAL C 37 11.32 -9.47 27.97
N ARG C 38 10.04 -9.56 28.32
CA ARG C 38 9.40 -10.86 28.47
C ARG C 38 8.56 -11.19 27.26
N GLN C 39 8.48 -12.46 26.91
CA GLN C 39 7.58 -12.87 25.84
C GLN C 39 7.04 -14.28 26.05
N MET C 40 5.76 -14.40 26.35
CA MET C 40 5.14 -15.73 26.38
C MET C 40 5.09 -16.23 24.94
N PRO C 41 5.47 -17.50 24.73
CA PRO C 41 5.50 -18.08 23.37
C PRO C 41 4.21 -17.84 22.60
N GLY C 42 4.36 -17.35 21.37
CA GLY C 42 3.22 -17.07 20.52
C GLY C 42 2.48 -15.79 20.87
N GLU C 43 3.01 -15.05 21.84
CA GLU C 43 2.41 -13.76 22.20
C GLU C 43 3.42 -12.62 21.99
N GLY C 44 3.07 -11.41 22.44
CA GLY C 44 3.88 -10.25 22.16
C GLY C 44 5.01 -9.95 23.14
N LEU C 45 5.79 -8.93 22.80
CA LEU C 45 6.90 -8.49 23.63
C LEU C 45 6.41 -7.63 24.77
N GLU C 46 7.03 -7.80 25.93
CA GLU C 46 6.65 -7.07 27.13
C GLU C 46 7.87 -6.44 27.81
N TRP C 47 7.85 -5.12 27.91
CA TRP C 47 8.94 -4.37 28.52
C TRP C 47 8.97 -4.53 30.05
N MET C 48 10.03 -5.14 30.57
CA MET C 48 10.14 -5.39 31.99
C MET C 48 10.79 -4.24 32.77
N GLY C 49 11.74 -3.57 32.14
CA GLY C 49 12.50 -2.51 32.78
C GLY C 49 13.91 -2.47 32.24
N SER C 50 14.80 -1.75 32.90
CA SER C 50 16.18 -1.63 32.43
C SER C 50 17.12 -1.33 33.60
N ILE C 51 18.41 -1.42 33.33
CA ILE C 51 19.42 -1.02 34.31
C ILE C 51 20.64 -0.44 33.61
N HIS C 52 21.18 0.63 34.16
CA HIS C 52 22.37 1.25 33.62
C HIS C 52 23.62 0.84 34.37
N PRO C 53 24.54 0.13 33.71
CA PRO C 53 25.77 -0.37 34.31
C PRO C 53 26.65 0.73 34.93
N ARG C 54 26.57 1.96 34.46
CA ARG C 54 27.41 3.06 34.99
C ARG C 54 27.26 3.21 36.51
N ASP C 55 26.03 3.10 37.01
CA ASP C 55 25.77 3.28 38.43
C ASP C 55 24.68 2.32 38.94
N SER C 56 24.40 1.28 38.15
CA SER C 56 23.38 0.28 38.50
C SER C 56 22.02 0.90 38.80
N ASP C 57 21.70 1.98 38.09
CA ASP C 57 20.36 2.58 38.13
C ASP C 57 19.34 1.65 37.49
N ALA C 58 18.46 1.06 38.30
CA ALA C 58 17.47 0.12 37.79
C ALA C 58 16.06 0.69 37.76
N ARG C 59 15.39 0.51 36.62
CA ARG C 59 13.99 0.93 36.47
C ARG C 59 13.11 -0.30 36.17
N TYR C 60 11.97 -0.35 36.85
CA TYR C 60 11.03 -1.47 36.72
C TYR C 60 9.68 -0.94 36.27
N SER C 61 9.06 -1.62 35.31
CA SER C 61 7.70 -1.27 34.96
C SER C 61 6.81 -1.79 36.08
N LEU C 62 5.65 -1.16 36.24
CA LEU C 62 4.76 -1.41 37.37
C LEU C 62 4.44 -2.90 37.56
N SER C 63 4.33 -3.64 36.47
CA SER C 63 3.90 -5.03 36.56
C SER C 63 4.97 -5.95 37.14
N PHE C 64 6.21 -5.49 37.20
CA PHE C 64 7.28 -6.40 37.61
C PHE C 64 7.99 -5.95 38.89
N GLU C 65 7.55 -4.82 39.44
CA GLU C 65 8.15 -4.28 40.66
C GLU C 65 8.10 -5.31 41.78
N GLY C 66 9.19 -5.40 42.54
CA GLY C 66 9.31 -6.34 43.64
C GLY C 66 9.47 -7.81 43.27
N ARG C 67 9.05 -8.20 42.07
CA ARG C 67 9.11 -9.60 41.72
C ARG C 67 10.43 -9.96 41.03
N VAL C 68 11.06 -8.98 40.40
CA VAL C 68 12.35 -9.19 39.75
C VAL C 68 13.37 -8.17 40.20
N THR C 69 14.64 -8.56 40.19
CA THR C 69 15.71 -7.65 40.54
C THR C 69 16.77 -7.66 39.46
N PHE C 70 17.01 -6.49 38.86
CA PHE C 70 18.09 -6.30 37.91
C PHE C 70 19.37 -5.96 38.65
N SER C 71 20.49 -6.52 38.19
CA SER C 71 21.80 -6.17 38.74
C SER C 71 22.89 -6.36 37.68
N VAL C 72 24.10 -5.94 38.01
CA VAL C 72 25.20 -5.97 37.05
C VAL C 72 26.52 -6.31 37.72
N ASP C 73 27.40 -6.98 36.98
CA ASP C 73 28.79 -7.18 37.39
C ASP C 73 29.69 -6.57 36.32
N LYS C 74 30.29 -5.42 36.65
CA LYS C 74 31.05 -4.64 35.67
C LYS C 74 32.34 -5.32 35.27
N SER C 75 32.97 -6.03 36.21
CA SER C 75 34.22 -6.71 35.93
C SER C 75 34.03 -7.82 34.90
N THR C 76 32.82 -8.37 34.85
CA THR C 76 32.52 -9.43 33.91
C THR C 76 31.57 -8.96 32.82
N THR C 77 31.31 -7.65 32.81
CA THR C 77 30.35 -7.02 31.88
C THR C 77 29.11 -7.89 31.67
N THR C 78 28.51 -8.35 32.77
CA THR C 78 27.36 -9.22 32.71
C THR C 78 26.15 -8.62 33.44
N ALA C 79 24.96 -8.74 32.84
CA ALA C 79 23.72 -8.32 33.50
C ALA C 79 22.98 -9.54 34.06
N TYR C 80 22.16 -9.30 35.08
CA TYR C 80 21.43 -10.36 35.79
C TYR C 80 19.96 -10.01 36.03
N LEU C 81 19.10 -11.01 35.90
CA LEU C 81 17.69 -10.91 36.24
C LEU C 81 17.35 -11.95 37.31
N GLN C 82 16.66 -11.52 38.36
CA GLN C 82 16.47 -12.37 39.54
C GLN C 82 15.03 -12.42 40.05
N TRP C 83 14.50 -13.63 40.16
CA TRP C 83 13.24 -13.88 40.87
C TRP C 83 13.57 -14.43 42.25
N SER C 84 12.78 -14.05 43.25
CA SER C 84 12.94 -14.68 44.56
C SER C 84 11.95 -15.84 44.73
N SER C 85 10.79 -15.74 44.08
CA SER C 85 9.79 -16.78 44.22
C SER C 85 8.99 -16.95 42.92
N LEU C 86 9.30 -18.02 42.18
CA LEU C 86 8.74 -18.22 40.85
C LEU C 86 7.28 -18.66 40.88
N LYS C 87 6.54 -18.29 39.84
CA LYS C 87 5.18 -18.76 39.62
C LYS C 87 5.09 -19.46 38.28
N VAL C 88 4.09 -20.33 38.11
CA VAL C 88 3.87 -20.99 36.83
C VAL C 88 3.75 -19.94 35.73
N SER C 89 3.11 -18.83 36.07
CA SER C 89 2.90 -17.71 35.16
C SER C 89 4.18 -16.96 34.82
N ASP C 90 5.29 -17.28 35.50
CA ASP C 90 6.58 -16.70 35.11
C ASP C 90 7.19 -17.49 33.95
N SER C 91 6.53 -18.58 33.54
CA SER C 91 6.99 -19.39 32.42
C SER C 91 6.91 -18.61 31.12
N ALA C 92 8.06 -18.43 30.47
CA ALA C 92 8.15 -17.57 29.31
C ALA C 92 9.58 -17.44 28.84
N ILE C 93 9.77 -16.75 27.72
CA ILE C 93 11.13 -16.41 27.29
C ILE C 93 11.49 -15.00 27.77
N TYR C 94 12.74 -14.82 28.17
CA TYR C 94 13.22 -13.50 28.60
C TYR C 94 14.44 -13.04 27.80
N TYR C 95 14.33 -11.87 27.20
CA TYR C 95 15.45 -11.27 26.45
C TYR C 95 16.14 -10.17 27.27
N CYS C 96 17.46 -10.14 27.19
CA CYS C 96 18.17 -8.93 27.55
C CYS C 96 18.52 -8.25 26.23
N ALA C 97 18.81 -6.95 26.28
CA ALA C 97 19.18 -6.26 25.05
C ALA C 97 19.81 -4.92 25.36
N ARG C 98 20.60 -4.43 24.41
CA ARG C 98 21.22 -3.14 24.59
C ARG C 98 20.23 -2.05 24.17
N LEU C 99 20.25 -0.92 24.87
CA LEU C 99 19.55 0.26 24.38
C LEU C 99 20.50 1.05 23.50
N SER C 100 20.24 1.08 22.21
CA SER C 100 21.10 1.78 21.25
C SER C 100 20.53 3.13 20.86
N GLN C 101 21.38 4.02 20.36
CA GLN C 101 20.95 5.36 20.01
C GLN C 101 21.92 6.11 19.10
N VAL C 102 21.36 6.72 18.05
CA VAL C 102 22.07 7.71 17.25
C VAL C 102 21.78 9.10 17.83
N SER C 103 22.85 9.87 18.09
CA SER C 103 22.70 11.23 18.63
C SER C 103 21.68 12.05 17.84
N GLY C 104 20.85 12.77 18.57
CA GLY C 104 19.79 13.56 17.98
C GLY C 104 18.51 12.79 17.66
N TRP C 105 18.46 11.50 18.00
CA TRP C 105 17.24 10.73 17.75
C TRP C 105 16.87 9.78 18.89
N SER C 106 15.57 9.56 19.09
CA SER C 106 15.04 8.53 19.99
C SER C 106 15.78 7.20 19.86
N PRO C 107 16.03 6.52 20.99
CA PRO C 107 16.72 5.22 21.04
C PRO C 107 15.84 4.04 20.62
N TRP C 108 16.48 2.90 20.42
CA TRP C 108 15.79 1.65 20.10
C TRP C 108 16.46 0.49 20.82
N VAL C 109 15.80 -0.66 20.84
CA VAL C 109 16.34 -1.85 21.49
C VAL C 109 17.04 -2.72 20.45
N GLY C 110 18.27 -3.11 20.76
CA GLY C 110 19.09 -3.94 19.89
C GLY C 110 20.55 -3.54 20.00
N PRO C 111 21.49 -4.47 19.79
CA PRO C 111 21.30 -5.91 19.52
C PRO C 111 20.58 -6.61 20.67
N TRP C 112 20.14 -7.85 20.42
CA TRP C 112 19.40 -8.66 21.40
C TRP C 112 20.15 -9.92 21.77
N GLY C 113 19.96 -10.37 23.01
CA GLY C 113 20.38 -11.70 23.39
C GLY C 113 19.50 -12.72 22.66
N GLN C 114 19.94 -13.97 22.64
CA GLN C 114 19.20 -15.02 21.98
C GLN C 114 17.99 -15.45 22.83
N GLY C 115 17.92 -14.96 24.07
CA GLY C 115 16.80 -15.30 24.92
C GLY C 115 17.01 -16.51 25.84
N THR C 116 16.36 -16.48 26.99
CA THR C 116 16.39 -17.59 27.94
C THR C 116 14.97 -18.11 28.20
N LEU C 117 14.75 -19.39 27.93
CA LEU C 117 13.43 -19.97 28.19
C LEU C 117 13.34 -20.44 29.64
N VAL C 118 12.40 -19.88 30.39
CA VAL C 118 12.17 -20.30 31.76
C VAL C 118 10.87 -21.09 31.88
N THR C 119 10.98 -22.32 32.38
CA THR C 119 9.80 -23.12 32.67
C THR C 119 9.66 -23.37 34.17
N VAL C 120 8.52 -22.97 34.71
CA VAL C 120 8.22 -23.19 36.10
C VAL C 120 7.23 -24.35 36.22
N SER C 121 7.66 -25.45 36.83
CA SER C 121 6.78 -26.59 37.00
C SER C 121 7.27 -27.61 38.04
N SER C 122 6.36 -28.49 38.47
CA SER C 122 6.70 -29.55 39.40
C SER C 122 7.31 -30.75 38.68
N ALA C 123 7.05 -30.88 37.37
CA ALA C 123 7.54 -32.01 36.61
C ALA C 123 9.05 -31.98 36.52
N SER C 124 9.67 -33.16 36.47
CA SER C 124 11.12 -33.28 36.47
C SER C 124 11.66 -33.33 35.05
N THR C 125 12.93 -33.00 34.90
CA THR C 125 13.48 -32.95 33.55
C THR C 125 13.70 -34.37 33.02
N LYS C 126 13.48 -34.54 31.73
CA LYS C 126 13.67 -35.82 31.06
C LYS C 126 14.18 -35.61 29.64
N GLY C 127 15.27 -36.29 29.30
CA GLY C 127 15.83 -36.23 27.97
C GLY C 127 15.06 -37.06 26.96
N PRO C 128 15.07 -36.63 25.70
CA PRO C 128 14.27 -37.30 24.67
C PRO C 128 14.89 -38.61 24.19
N SER C 129 14.06 -39.47 23.61
CA SER C 129 14.56 -40.55 22.80
C SER C 129 14.45 -40.06 21.36
N VAL C 130 15.39 -40.47 20.52
CA VAL C 130 15.37 -40.02 19.14
C VAL C 130 15.27 -41.18 18.17
N PHE C 131 14.19 -41.23 17.41
CA PHE C 131 13.96 -42.36 16.52
C PHE C 131 13.99 -41.90 15.05
N PRO C 132 14.62 -42.70 14.19
CA PRO C 132 14.74 -42.37 12.78
C PRO C 132 13.42 -42.51 12.04
N LEU C 133 13.11 -41.56 11.17
CA LEU C 133 12.02 -41.71 10.23
C LEU C 133 12.63 -42.01 8.87
N ALA C 134 12.95 -43.28 8.65
CA ALA C 134 13.69 -43.70 7.47
C ALA C 134 12.89 -43.46 6.21
N PRO C 135 13.57 -43.08 5.11
CA PRO C 135 12.93 -42.81 3.82
C PRO C 135 12.32 -44.08 3.23
N SER C 136 11.16 -43.94 2.59
CA SER C 136 10.50 -45.05 1.94
C SER C 136 11.37 -45.72 0.88
N SER C 137 11.24 -47.04 0.77
CA SER C 137 11.96 -47.83 -0.24
C SER C 137 11.38 -47.65 -1.65
N LYS C 138 10.13 -47.18 -1.73
CA LYS C 138 9.46 -46.98 -3.01
C LYS C 138 9.70 -45.61 -3.63
N SER C 139 9.96 -45.59 -4.94
CA SER C 139 10.23 -44.33 -5.60
C SER C 139 8.95 -43.51 -5.77
N THR C 140 9.09 -42.19 -5.60
CA THR C 140 7.99 -41.25 -5.71
C THR C 140 7.87 -40.74 -7.15
N SER C 141 6.71 -40.16 -7.48
CA SER C 141 6.48 -39.61 -8.80
C SER C 141 7.25 -38.31 -9.02
N GLY C 142 7.32 -37.47 -7.99
CA GLY C 142 7.97 -36.18 -8.13
C GLY C 142 9.49 -36.21 -7.97
N GLY C 143 10.04 -37.36 -7.62
CA GLY C 143 11.48 -37.49 -7.50
C GLY C 143 12.11 -37.12 -6.17
N THR C 144 11.29 -36.74 -5.19
CA THR C 144 11.81 -36.44 -3.86
C THR C 144 11.46 -37.53 -2.85
N ALA C 145 12.25 -37.59 -1.79
CA ALA C 145 12.02 -38.51 -0.69
C ALA C 145 11.97 -37.74 0.63
N ALA C 146 11.19 -38.23 1.58
CA ALA C 146 11.14 -37.62 2.89
C ALA C 146 11.82 -38.52 3.90
N LEU C 147 12.53 -37.91 4.84
CA LEU C 147 13.12 -38.62 5.97
C LEU C 147 13.12 -37.68 7.17
N GLY C 148 13.32 -38.23 8.36
CA GLY C 148 13.28 -37.39 9.55
C GLY C 148 13.66 -38.07 10.84
N CYS C 149 13.42 -37.35 11.93
CA CYS C 149 13.70 -37.84 13.25
C CYS C 149 12.53 -37.53 14.16
N LEU C 150 12.15 -38.54 14.91
CA LEU C 150 11.13 -38.41 15.93
C LEU C 150 11.84 -38.16 17.26
N VAL C 151 11.63 -36.99 17.84
CA VAL C 151 12.26 -36.62 19.12
C VAL C 151 11.19 -36.71 20.20
N LYS C 152 11.21 -37.78 20.97
CA LYS C 152 10.03 -38.16 21.76
C LYS C 152 10.23 -38.19 23.28
N ASP C 153 9.26 -37.65 24.00
CA ASP C 153 9.19 -37.77 25.46
C ASP C 153 10.26 -36.98 26.21
N TYR C 154 10.23 -35.66 26.11
CA TYR C 154 11.18 -34.84 26.85
C TYR C 154 10.49 -33.73 27.62
N PHE C 155 11.19 -33.22 28.63
CA PHE C 155 10.72 -32.13 29.47
C PHE C 155 11.94 -31.55 30.20
N PRO C 156 12.05 -30.20 30.27
CA PRO C 156 11.18 -29.21 29.61
C PRO C 156 11.59 -28.89 28.18
N GLU C 157 10.90 -27.92 27.58
CA GLU C 157 11.39 -27.30 26.35
C GLU C 157 12.64 -26.48 26.67
N PRO C 158 13.49 -26.24 25.67
CA PRO C 158 13.37 -26.67 24.28
C PRO C 158 14.41 -27.73 23.89
N VAL C 159 14.20 -28.38 22.75
CA VAL C 159 15.25 -29.15 22.08
C VAL C 159 15.56 -28.40 20.80
N THR C 160 16.80 -28.46 20.35
CA THR C 160 17.11 -27.94 19.02
C THR C 160 17.35 -29.10 18.07
N VAL C 161 17.03 -28.90 16.81
CA VAL C 161 17.32 -29.90 15.81
C VAL C 161 17.99 -29.26 14.62
N SER C 162 19.10 -29.86 14.20
CA SER C 162 19.73 -29.47 12.96
C SER C 162 19.97 -30.71 12.15
N TRP C 163 20.29 -30.54 10.88
CA TRP C 163 20.63 -31.69 10.05
C TRP C 163 22.04 -31.52 9.50
N ASN C 164 22.78 -32.62 9.50
CA ASN C 164 24.17 -32.61 9.06
C ASN C 164 24.96 -31.45 9.66
N SER C 165 24.81 -31.29 10.97
CA SER C 165 25.56 -30.32 11.76
C SER C 165 25.37 -28.88 11.27
N GLY C 166 24.27 -28.62 10.58
CA GLY C 166 23.94 -27.28 10.13
C GLY C 166 24.10 -27.07 8.63
N ALA C 167 24.73 -28.03 7.96
CA ALA C 167 24.95 -27.96 6.51
C ALA C 167 23.67 -28.17 5.70
N LEU C 168 22.72 -28.93 6.24
CA LEU C 168 21.47 -29.17 5.53
C LEU C 168 20.34 -28.37 6.15
N THR C 169 19.91 -27.33 5.43
CA THR C 169 18.85 -26.45 5.92
C THR C 169 17.70 -26.36 4.92
N SER C 170 18.02 -26.56 3.65
CA SER C 170 17.03 -26.43 2.60
C SER C 170 16.00 -27.59 2.67
N GLY C 171 14.72 -27.24 2.80
CA GLY C 171 13.67 -28.24 2.86
C GLY C 171 13.47 -28.86 4.24
N VAL C 172 14.21 -28.39 5.23
CA VAL C 172 14.04 -28.89 6.58
C VAL C 172 12.78 -28.31 7.23
N HIS C 173 11.95 -29.19 7.80
CA HIS C 173 10.80 -28.76 8.60
C HIS C 173 10.85 -29.42 9.99
N THR C 174 11.10 -28.60 11.00
CA THR C 174 11.11 -29.02 12.37
C THR C 174 9.86 -28.54 13.07
N PHE C 175 8.99 -29.48 13.43
CA PHE C 175 7.68 -29.10 13.91
C PHE C 175 7.74 -28.59 15.35
N PRO C 176 6.82 -27.68 15.69
CA PRO C 176 6.64 -27.22 17.07
C PRO C 176 6.34 -28.42 17.96
N ALA C 177 6.95 -28.47 19.14
CA ALA C 177 6.73 -29.56 20.07
C ALA C 177 5.25 -29.63 20.44
N VAL C 178 4.76 -30.82 20.75
CA VAL C 178 3.41 -30.93 21.30
C VAL C 178 3.49 -31.55 22.70
N LEU C 179 2.73 -31.02 23.64
CA LEU C 179 2.65 -31.60 24.97
C LEU C 179 1.71 -32.81 24.98
N GLN C 180 2.25 -34.00 25.25
CA GLN C 180 1.45 -35.22 25.32
C GLN C 180 0.72 -35.31 26.66
N SER C 181 -0.30 -36.17 26.73
CA SER C 181 -1.09 -36.35 27.95
C SER C 181 -0.22 -36.85 29.10
N SER C 182 0.89 -37.49 28.76
CA SER C 182 1.85 -37.95 29.75
C SER C 182 2.56 -36.81 30.47
N GLY C 183 2.47 -35.61 29.91
CA GLY C 183 3.18 -34.46 30.44
C GLY C 183 4.53 -34.27 29.76
N LEU C 184 4.82 -35.11 28.77
CA LEU C 184 6.07 -34.98 28.04
C LEU C 184 5.83 -34.39 26.66
N TYR C 185 6.85 -33.70 26.15
CA TYR C 185 6.80 -33.13 24.81
C TYR C 185 7.31 -34.12 23.79
N SER C 186 6.81 -33.97 22.57
CA SER C 186 7.31 -34.76 21.47
C SER C 186 7.29 -33.91 20.22
N LEU C 187 8.16 -34.25 19.28
CA LEU C 187 8.35 -33.44 18.09
C LEU C 187 9.04 -34.25 17.00
N SER C 188 8.74 -33.93 15.75
CA SER C 188 9.43 -34.55 14.62
C SER C 188 10.14 -33.49 13.79
N SER C 189 11.30 -33.85 13.25
CA SER C 189 11.95 -33.00 12.28
C SER C 189 12.11 -33.78 10.98
N VAL C 190 11.72 -33.18 9.87
CA VAL C 190 11.78 -33.86 8.57
C VAL C 190 12.51 -33.04 7.52
N VAL C 191 12.90 -33.73 6.45
CA VAL C 191 13.52 -33.08 5.32
C VAL C 191 13.16 -33.88 4.08
N THR C 192 12.86 -33.19 2.98
CA THR C 192 12.66 -33.87 1.71
C THR C 192 13.89 -33.63 0.83
N VAL C 193 14.37 -34.70 0.19
CA VAL C 193 15.57 -34.60 -0.63
C VAL C 193 15.33 -35.32 -1.96
N PRO C 194 16.13 -34.98 -2.98
CA PRO C 194 16.06 -35.68 -4.27
C PRO C 194 16.24 -37.18 -4.06
N SER C 195 15.42 -38.02 -4.70
CA SER C 195 15.55 -39.44 -4.44
C SER C 195 16.87 -39.96 -4.98
N SER C 196 17.45 -39.25 -5.93
CA SER C 196 18.73 -39.67 -6.49
C SER C 196 19.87 -39.57 -5.47
N SER C 197 19.68 -38.79 -4.40
CA SER C 197 20.75 -38.63 -3.42
C SER C 197 20.68 -39.64 -2.26
N LEU C 198 19.62 -40.45 -2.21
CA LEU C 198 19.41 -41.38 -1.11
C LEU C 198 20.53 -42.43 -0.94
N GLY C 199 21.04 -42.94 -2.05
CA GLY C 199 22.10 -43.93 -1.96
C GLY C 199 23.44 -43.33 -1.58
N THR C 200 23.66 -42.07 -1.92
CA THR C 200 24.99 -41.49 -1.88
C THR C 200 25.23 -40.36 -0.88
N GLN C 201 24.16 -39.84 -0.27
CA GLN C 201 24.27 -38.73 0.67
C GLN C 201 23.90 -39.17 2.07
N THR C 202 24.74 -38.85 3.05
CA THR C 202 24.44 -39.17 4.44
C THR C 202 23.56 -38.10 5.10
N TYR C 203 22.56 -38.56 5.85
CA TYR C 203 21.66 -37.68 6.57
C TYR C 203 21.68 -38.01 8.06
N ILE C 204 22.06 -37.01 8.85
CA ILE C 204 22.20 -37.13 10.29
C ILE C 204 21.44 -36.01 10.99
N CYS C 205 20.46 -36.36 11.82
CA CYS C 205 19.80 -35.34 12.63
C CYS C 205 20.55 -35.14 13.94
N ASN C 206 20.83 -33.88 14.26
CA ASN C 206 21.53 -33.55 15.49
C ASN C 206 20.55 -33.00 16.51
N VAL C 207 20.31 -33.77 17.55
CA VAL C 207 19.36 -33.37 18.58
C VAL C 207 20.05 -32.96 19.87
N ASN C 208 19.65 -31.82 20.42
CA ASN C 208 20.24 -31.34 21.66
C ASN C 208 19.16 -30.94 22.67
N HIS C 209 19.25 -31.50 23.87
CA HIS C 209 18.36 -31.11 24.95
C HIS C 209 19.19 -30.67 26.14
N LYS C 210 19.60 -29.41 26.11
CA LYS C 210 20.50 -28.84 27.13
C LYS C 210 20.06 -29.10 28.57
N PRO C 211 18.77 -28.87 28.89
CA PRO C 211 18.24 -29.05 30.26
C PRO C 211 18.52 -30.43 30.86
N SER C 212 18.62 -31.46 30.03
CA SER C 212 18.94 -32.79 30.51
C SER C 212 20.34 -33.22 30.08
N ASN C 213 21.06 -32.29 29.46
CA ASN C 213 22.39 -32.54 28.90
C ASN C 213 22.42 -33.71 27.94
N THR C 214 21.33 -33.88 27.18
CA THR C 214 21.21 -34.98 26.24
C THR C 214 21.57 -34.49 24.85
N LYS C 215 22.54 -35.15 24.23
CA LYS C 215 22.94 -34.77 22.88
C LYS C 215 23.00 -36.02 22.01
N VAL C 216 22.19 -36.06 20.96
CA VAL C 216 22.14 -37.24 20.11
C VAL C 216 22.39 -36.90 18.64
N ASP C 217 23.14 -37.75 17.96
CA ASP C 217 23.28 -37.67 16.52
C ASP C 217 22.81 -38.97 15.88
N LYS C 218 21.63 -38.95 15.28
CA LYS C 218 21.04 -40.14 14.68
C LYS C 218 21.17 -40.14 13.16
N LYS C 219 21.86 -41.14 12.61
CA LYS C 219 21.93 -41.28 11.16
C LYS C 219 20.66 -41.91 10.62
N VAL C 220 20.01 -41.23 9.68
CA VAL C 220 18.79 -41.77 9.08
C VAL C 220 19.10 -42.39 7.73
N GLU C 221 18.97 -43.71 7.66
CA GLU C 221 19.30 -44.47 6.45
C GLU C 221 18.06 -45.19 5.90
N PRO C 222 18.09 -45.55 4.61
CA PRO C 222 17.03 -46.38 4.05
C PRO C 222 17.05 -47.77 4.70
N LYS C 223 15.87 -48.29 5.04
CA LYS C 223 15.79 -49.57 5.75
C LYS C 223 15.88 -50.74 4.78
N ASP D 2 2.82 2.60 31.06
CA ASP D 2 1.71 3.54 31.26
C ASP D 2 1.17 4.10 29.94
N ILE D 3 2.04 4.34 28.97
CA ILE D 3 1.59 4.73 27.64
C ILE D 3 1.16 3.48 26.90
N VAL D 4 -0.06 3.45 26.39
CA VAL D 4 -0.57 2.24 25.74
C VAL D 4 -0.51 2.33 24.21
N MET D 5 0.16 1.35 23.61
CA MET D 5 0.30 1.25 22.16
C MET D 5 -0.58 0.14 21.60
N THR D 6 -1.33 0.44 20.53
CA THR D 6 -2.21 -0.55 19.95
C THR D 6 -2.03 -0.60 18.42
N GLN D 7 -1.88 -1.80 17.89
CA GLN D 7 -1.65 -1.97 16.46
C GLN D 7 -2.90 -2.49 15.78
N SER D 8 -3.05 -2.16 14.50
CA SER D 8 -4.14 -2.73 13.72
C SER D 8 -3.73 -2.89 12.25
N PRO D 9 -4.13 -4.02 11.63
CA PRO D 9 -4.85 -5.13 12.28
C PRO D 9 -3.91 -5.94 13.18
N SER D 10 -4.39 -7.00 13.80
CA SER D 10 -3.50 -7.88 14.57
C SER D 10 -2.94 -8.98 13.70
N SER D 11 -3.63 -9.20 12.59
CA SER D 11 -3.29 -10.27 11.68
C SER D 11 -3.70 -9.88 10.26
N LEU D 12 -2.84 -10.12 9.29
CA LEU D 12 -3.19 -9.78 7.92
C LEU D 12 -2.56 -10.74 6.94
N SER D 13 -3.16 -10.79 5.76
CA SER D 13 -2.71 -11.69 4.72
C SER D 13 -2.72 -10.94 3.39
N ALA D 14 -1.62 -11.00 2.65
CA ALA D 14 -1.55 -10.29 1.38
C ALA D 14 -0.63 -11.00 0.40
N SER D 15 -0.82 -10.75 -0.88
CA SER D 15 -0.05 -11.41 -1.93
C SER D 15 1.33 -10.76 -2.11
N VAL D 16 2.31 -11.57 -2.50
CA VAL D 16 3.64 -11.05 -2.84
C VAL D 16 3.57 -9.88 -3.83
N GLY D 17 4.26 -8.79 -3.51
CA GLY D 17 4.24 -7.58 -4.33
C GLY D 17 3.14 -6.62 -3.93
N ASP D 18 2.26 -7.03 -3.02
CA ASP D 18 1.20 -6.13 -2.52
C ASP D 18 1.73 -5.02 -1.61
N ARG D 19 0.96 -3.94 -1.52
CA ARG D 19 1.28 -2.85 -0.60
C ARG D 19 0.60 -3.06 0.75
N VAL D 20 1.39 -3.19 1.81
CA VAL D 20 0.83 -3.47 3.13
C VAL D 20 1.02 -2.29 4.08
N THR D 21 -0.03 -1.94 4.82
CA THR D 21 0.02 -0.85 5.79
C THR D 21 -0.40 -1.31 7.17
N ILE D 22 0.50 -1.20 8.13
CA ILE D 22 0.21 -1.53 9.51
C ILE D 22 0.13 -0.24 10.33
N THR D 23 -0.93 -0.10 11.12
CA THR D 23 -1.13 1.10 11.92
C THR D 23 -0.82 0.92 13.41
N CYS D 24 -0.23 1.94 14.00
CA CYS D 24 0.12 1.95 15.42
C CYS D 24 -0.43 3.20 16.06
N ARG D 25 -1.06 3.05 17.21
CA ARG D 25 -1.63 4.20 17.88
C ARG D 25 -1.14 4.30 19.32
N ALA D 26 -0.96 5.52 19.80
CA ALA D 26 -0.51 5.74 21.17
C ALA D 26 -1.61 6.41 21.99
N SER D 27 -1.71 6.05 23.26
CA SER D 27 -2.76 6.61 24.11
C SER D 27 -2.50 8.08 24.42
N GLN D 28 -1.29 8.56 24.14
CA GLN D 28 -0.99 9.98 24.26
C GLN D 28 0.10 10.34 23.28
N SER D 29 0.26 11.64 23.02
CA SER D 29 1.21 12.11 22.04
C SER D 29 2.63 11.72 22.43
N ILE D 30 3.35 11.09 21.51
CA ILE D 30 4.71 10.68 21.77
C ILE D 30 5.68 11.27 20.74
N SER D 31 5.29 12.40 20.18
CA SER D 31 6.09 13.06 19.15
C SER D 31 6.41 12.09 17.99
N VAL D 32 7.69 11.80 17.80
CA VAL D 32 8.14 10.89 16.75
C VAL D 32 9.02 9.81 17.35
N SER D 33 8.91 9.65 18.66
CA SER D 33 9.72 8.66 19.37
C SER D 33 9.10 7.28 19.30
N LEU D 34 9.19 6.66 18.12
CA LEU D 34 8.54 5.40 17.85
C LEU D 34 9.40 4.47 16.98
N ASN D 35 9.50 3.21 17.37
CA ASN D 35 10.28 2.21 16.62
C ASN D 35 9.40 1.14 15.98
N TRP D 36 9.92 0.49 14.94
CA TRP D 36 9.28 -0.69 14.36
C TRP D 36 10.26 -1.84 14.37
N TYR D 37 9.78 -3.00 14.81
CA TYR D 37 10.59 -4.21 14.88
C TYR D 37 9.96 -5.33 14.04
N GLN D 38 10.80 -6.20 13.51
CA GLN D 38 10.33 -7.38 12.81
C GLN D 38 10.78 -8.59 13.60
N GLN D 39 9.88 -9.55 13.81
CA GLN D 39 10.27 -10.76 14.51
C GLN D 39 9.83 -12.02 13.76
N LYS D 40 10.80 -12.85 13.45
CA LYS D 40 10.53 -14.11 12.80
C LYS D 40 10.60 -15.28 13.77
N PRO D 41 9.98 -16.41 13.41
CA PRO D 41 9.87 -17.58 14.30
C PRO D 41 11.22 -18.00 14.90
N GLY D 42 11.24 -18.18 16.22
CA GLY D 42 12.42 -18.63 16.92
C GLY D 42 13.57 -17.61 16.97
N LYS D 43 13.28 -16.38 16.59
CA LYS D 43 14.32 -15.35 16.57
C LYS D 43 13.98 -14.17 17.46
N ALA D 44 15.01 -13.48 17.95
CA ALA D 44 14.78 -12.21 18.62
C ALA D 44 14.29 -11.18 17.61
N PRO D 45 13.56 -10.17 18.09
CA PRO D 45 13.16 -9.09 17.18
C PRO D 45 14.36 -8.31 16.60
N LYS D 46 14.09 -7.63 15.50
CA LYS D 46 15.10 -6.87 14.78
C LYS D 46 14.51 -5.51 14.44
N VAL D 47 15.21 -4.43 14.80
CA VAL D 47 14.66 -3.11 14.56
C VAL D 47 14.67 -2.83 13.05
N LEU D 48 13.58 -2.27 12.54
CA LEU D 48 13.49 -1.87 11.14
C LEU D 48 13.60 -0.35 11.01
N ILE D 49 12.82 0.33 11.85
CA ILE D 49 12.70 1.79 11.88
C ILE D 49 12.88 2.33 13.30
N TYR D 50 13.51 3.50 13.40
CA TYR D 50 13.48 4.24 14.65
C TYR D 50 13.12 5.69 14.36
N ALA D 51 12.71 6.42 15.39
CA ALA D 51 12.26 7.78 15.23
C ALA D 51 11.18 7.88 14.16
N ALA D 52 10.29 6.88 14.13
CA ALA D 52 9.07 6.92 13.32
C ALA D 52 9.30 6.69 11.82
N SER D 53 10.38 7.24 11.27
CA SER D 53 10.64 7.14 9.83
C SER D 53 12.10 6.89 9.42
N ARG D 54 13.01 6.74 10.38
CA ARG D 54 14.41 6.56 10.00
C ARG D 54 14.73 5.08 9.76
N LEU D 55 14.98 4.75 8.50
CA LEU D 55 15.24 3.37 8.11
C LEU D 55 16.62 2.90 8.58
N GLN D 56 16.64 1.82 9.34
CA GLN D 56 17.90 1.26 9.81
C GLN D 56 18.74 0.79 8.62
N SER D 57 20.05 0.94 8.71
CA SER D 57 20.91 0.45 7.63
C SER D 57 20.82 -1.08 7.56
N GLY D 58 20.81 -1.60 6.33
CA GLY D 58 20.66 -3.03 6.12
C GLY D 58 19.23 -3.44 5.84
N ILE D 59 18.28 -2.57 6.18
CA ILE D 59 16.87 -2.85 5.93
C ILE D 59 16.45 -2.43 4.52
N PRO D 60 15.78 -3.34 3.78
CA PRO D 60 15.34 -3.07 2.40
C PRO D 60 14.41 -1.85 2.34
N SER D 61 14.52 -1.09 1.26
CA SER D 61 13.80 0.18 1.15
C SER D 61 12.31 0.00 0.90
N ARG D 62 11.85 -1.24 0.73
CA ARG D 62 10.41 -1.45 0.64
C ARG D 62 9.77 -1.19 2.02
N PHE D 63 10.59 -1.17 3.06
CA PHE D 63 10.12 -0.78 4.40
C PHE D 63 10.22 0.72 4.57
N SER D 64 9.13 1.35 5.00
CA SER D 64 9.11 2.78 5.32
C SER D 64 8.15 3.07 6.48
N GLY D 65 8.48 4.07 7.29
CA GLY D 65 7.63 4.43 8.42
C GLY D 65 7.16 5.87 8.33
N SER D 66 5.96 6.15 8.83
CA SER D 66 5.47 7.53 8.86
C SER D 66 4.63 7.84 10.09
N GLY D 67 4.33 9.12 10.29
CA GLY D 67 3.42 9.54 11.35
C GLY D 67 4.08 10.27 12.52
N SER D 68 3.24 10.74 13.43
CA SER D 68 3.69 11.49 14.61
C SER D 68 2.51 11.68 15.55
N GLY D 69 2.80 12.17 16.75
CA GLY D 69 1.75 12.39 17.73
C GLY D 69 1.21 11.08 18.27
N SER D 70 0.03 10.66 17.80
CA SER D 70 -0.60 9.44 18.29
C SER D 70 -0.89 8.44 17.17
N HIS D 71 -0.50 8.77 15.95
CA HIS D 71 -0.79 7.90 14.81
C HIS D 71 0.44 7.62 13.97
N PHE D 72 0.76 6.34 13.83
CA PHE D 72 1.94 5.92 13.10
C PHE D 72 1.64 4.76 12.15
N THR D 73 2.45 4.65 11.10
CA THR D 73 2.23 3.62 10.09
C THR D 73 3.53 2.92 9.67
N LEU D 74 3.51 1.60 9.56
CA LEU D 74 4.57 0.87 8.89
C LEU D 74 4.09 0.44 7.50
N THR D 75 4.84 0.80 6.47
CA THR D 75 4.44 0.43 5.12
C THR D 75 5.45 -0.49 4.48
N ILE D 76 4.95 -1.60 3.96
CA ILE D 76 5.76 -2.42 3.10
C ILE D 76 5.22 -2.27 1.67
N SER D 77 6.01 -1.64 0.81
CA SER D 77 5.53 -1.25 -0.52
C SER D 77 5.33 -2.44 -1.47
N SER D 78 6.16 -3.48 -1.33
CA SER D 78 6.04 -4.69 -2.15
C SER D 78 6.36 -5.96 -1.34
N LEU D 79 5.31 -6.58 -0.79
CA LEU D 79 5.47 -7.70 0.14
C LEU D 79 6.24 -8.85 -0.48
N GLN D 80 7.32 -9.27 0.18
CA GLN D 80 8.13 -10.39 -0.26
C GLN D 80 7.87 -11.59 0.65
N PRO D 81 8.09 -12.81 0.13
CA PRO D 81 7.87 -14.04 0.91
C PRO D 81 8.63 -14.04 2.25
N GLU D 82 9.87 -13.54 2.25
CA GLU D 82 10.67 -13.49 3.49
C GLU D 82 10.15 -12.50 4.52
N ASP D 83 9.14 -11.72 4.17
CA ASP D 83 8.61 -10.73 5.11
C ASP D 83 7.53 -11.31 6.01
N PHE D 84 7.25 -12.60 5.86
CA PHE D 84 6.42 -13.26 6.84
C PHE D 84 7.07 -13.08 8.20
N ALA D 85 6.32 -12.51 9.15
CA ALA D 85 6.86 -12.19 10.46
C ALA D 85 5.79 -11.56 11.33
N THR D 86 6.14 -11.21 12.56
CA THR D 86 5.26 -10.38 13.35
C THR D 86 5.90 -9.01 13.57
N TYR D 87 5.11 -7.95 13.42
CA TYR D 87 5.64 -6.61 13.48
C TYR D 87 5.16 -5.86 14.73
N TYR D 88 6.11 -5.24 15.42
CA TYR D 88 5.81 -4.49 16.64
C TYR D 88 6.24 -3.03 16.52
N CYS D 89 5.38 -2.13 17.00
CA CYS D 89 5.81 -0.78 17.25
C CYS D 89 6.18 -0.66 18.73
N GLN D 90 6.89 0.42 19.06
CA GLN D 90 7.30 0.70 20.43
C GLN D 90 7.54 2.19 20.62
N GLU D 91 6.94 2.76 21.65
CA GLU D 91 7.23 4.14 22.01
C GLU D 91 8.46 4.19 22.91
N THR D 92 9.40 5.08 22.57
CA THR D 92 10.58 5.36 23.39
C THR D 92 10.54 6.82 23.87
N TYR D 93 9.33 7.26 24.20
CA TYR D 93 9.09 8.64 24.58
C TYR D 93 9.31 8.86 26.06
N SER D 94 8.72 7.98 26.87
CA SER D 94 8.64 8.14 28.32
C SER D 94 10.00 7.98 28.97
N ASP D 95 10.04 8.08 30.29
CA ASP D 95 11.28 7.96 31.04
C ASP D 95 11.73 6.50 31.20
N LEU D 96 12.43 5.98 30.19
CA LEU D 96 12.87 4.59 30.16
C LEU D 96 11.76 3.55 30.31
N MET D 97 10.53 3.92 30.02
CA MET D 97 9.44 2.96 30.12
C MET D 97 8.88 2.78 28.71
N TYR D 98 9.59 1.98 27.91
CA TYR D 98 9.35 1.91 26.48
C TYR D 98 8.45 0.76 26.04
N THR D 99 7.15 0.96 26.08
CA THR D 99 6.19 -0.14 25.89
C THR D 99 5.91 -0.48 24.42
N PHE D 100 5.53 -1.74 24.19
CA PHE D 100 5.26 -2.28 22.84
C PHE D 100 3.79 -2.36 22.47
N GLY D 101 3.53 -2.31 21.16
CA GLY D 101 2.24 -2.70 20.63
C GLY D 101 2.12 -4.21 20.75
N GLN D 102 0.91 -4.73 20.53
CA GLN D 102 0.63 -6.14 20.76
C GLN D 102 1.12 -7.00 19.60
N GLY D 103 1.48 -6.35 18.50
CA GLY D 103 1.99 -7.08 17.35
C GLY D 103 0.99 -7.30 16.24
N THR D 104 1.50 -7.33 15.01
CA THR D 104 0.70 -7.60 13.82
C THR D 104 1.36 -8.74 13.06
N LYS D 105 0.66 -9.86 12.90
CA LYS D 105 1.18 -10.98 12.12
C LYS D 105 0.90 -10.74 10.64
N VAL D 106 1.93 -10.85 9.82
CA VAL D 106 1.77 -10.74 8.36
C VAL D 106 2.01 -12.09 7.70
N GLU D 107 1.01 -12.59 6.99
CA GLU D 107 1.16 -13.83 6.24
C GLU D 107 0.99 -13.56 4.74
N ILE D 108 1.59 -14.42 3.92
CA ILE D 108 1.57 -14.22 2.49
C ILE D 108 0.47 -15.06 1.83
N LYS D 109 -0.29 -14.42 0.93
CA LYS D 109 -1.23 -15.13 0.08
C LYS D 109 -0.53 -15.62 -1.16
N ARG D 110 -0.67 -16.92 -1.43
CA ARG D 110 -0.11 -17.52 -2.64
C ARG D 110 -1.09 -18.44 -3.37
N THR D 111 -0.67 -18.96 -4.52
CA THR D 111 -1.52 -19.86 -5.29
C THR D 111 -1.66 -21.18 -4.53
N VAL D 112 -2.72 -21.92 -4.83
CA VAL D 112 -2.94 -23.23 -4.22
C VAL D 112 -1.81 -24.19 -4.51
N ALA D 113 -1.40 -24.95 -3.49
CA ALA D 113 -0.36 -25.96 -3.65
C ALA D 113 -0.75 -27.20 -2.87
N ALA D 114 -0.92 -28.32 -3.57
CA ALA D 114 -1.28 -29.57 -2.94
C ALA D 114 -0.09 -30.11 -2.16
N PRO D 115 -0.36 -30.74 -1.01
CA PRO D 115 0.70 -31.37 -0.22
C PRO D 115 1.24 -32.60 -0.91
N SER D 116 2.53 -32.86 -0.77
CA SER D 116 3.04 -34.17 -1.05
C SER D 116 3.01 -34.92 0.28
N VAL D 117 2.49 -36.14 0.24
CA VAL D 117 2.20 -36.90 1.44
C VAL D 117 3.12 -38.11 1.60
N PHE D 118 3.56 -38.34 2.84
CA PHE D 118 4.43 -39.46 3.18
C PHE D 118 3.93 -40.14 4.44
N ILE D 119 4.18 -41.43 4.57
CA ILE D 119 3.86 -42.12 5.81
C ILE D 119 5.12 -42.83 6.33
N PHE D 120 5.34 -42.75 7.65
CA PHE D 120 6.47 -43.43 8.29
C PHE D 120 5.98 -44.40 9.35
N PRO D 121 6.26 -45.70 9.17
CA PRO D 121 5.90 -46.65 10.21
C PRO D 121 6.81 -46.47 11.44
N PRO D 122 6.45 -47.07 12.58
CA PRO D 122 7.34 -46.99 13.75
C PRO D 122 8.67 -47.66 13.44
N SER D 123 9.74 -47.08 13.94
CA SER D 123 11.07 -47.68 13.80
C SER D 123 11.18 -48.94 14.64
N ASP D 124 12.07 -49.85 14.23
CA ASP D 124 12.31 -51.03 15.06
C ASP D 124 12.79 -50.57 16.43
N GLU D 125 13.58 -49.50 16.44
CA GLU D 125 14.16 -48.95 17.67
C GLU D 125 13.07 -48.56 18.65
N GLN D 126 12.10 -47.76 18.20
CA GLN D 126 11.01 -47.38 19.09
C GLN D 126 10.20 -48.60 19.52
N LEU D 127 9.87 -49.50 18.59
CA LEU D 127 9.10 -50.68 18.95
C LEU D 127 9.76 -51.44 20.09
N LYS D 128 11.08 -51.57 20.04
CA LYS D 128 11.83 -52.19 21.12
C LYS D 128 11.58 -51.47 22.45
N SER D 129 11.43 -50.14 22.39
CA SER D 129 11.23 -49.36 23.61
C SER D 129 9.81 -49.46 24.15
N GLY D 130 8.92 -50.15 23.42
CA GLY D 130 7.61 -50.46 23.95
C GLY D 130 6.45 -49.59 23.46
N THR D 131 6.75 -48.64 22.57
CA THR D 131 5.71 -47.78 22.02
C THR D 131 5.69 -47.74 20.49
N ALA D 132 4.57 -47.33 19.90
CA ALA D 132 4.44 -47.24 18.46
C ALA D 132 3.92 -45.86 18.01
N SER D 133 4.74 -45.13 17.27
CA SER D 133 4.31 -43.85 16.69
C SER D 133 4.25 -44.01 15.18
N VAL D 134 3.10 -43.66 14.62
CA VAL D 134 2.93 -43.65 13.17
C VAL D 134 2.92 -42.19 12.71
N VAL D 135 3.84 -41.81 11.83
CA VAL D 135 3.87 -40.42 11.42
C VAL D 135 3.44 -40.22 9.97
N CYS D 136 2.56 -39.26 9.76
CA CYS D 136 2.12 -38.87 8.44
C CYS D 136 2.49 -37.42 8.15
N LEU D 137 3.20 -37.19 7.05
CA LEU D 137 3.71 -35.87 6.72
C LEU D 137 3.01 -35.27 5.51
N LEU D 138 2.49 -34.05 5.68
CA LEU D 138 2.03 -33.24 4.56
C LEU D 138 3.08 -32.15 4.32
N ASN D 139 3.72 -32.22 3.16
CA ASN D 139 4.85 -31.36 2.87
C ASN D 139 4.49 -30.23 1.90
N ASN D 140 4.68 -28.99 2.36
CA ASN D 140 4.61 -27.80 1.53
C ASN D 140 3.33 -27.62 0.72
N PHE D 141 2.24 -27.25 1.40
CA PHE D 141 0.94 -27.08 0.78
C PHE D 141 0.36 -25.73 1.13
N TYR D 142 -0.62 -25.29 0.36
CA TYR D 142 -1.31 -24.02 0.61
C TYR D 142 -2.71 -24.04 0.02
N PRO D 143 -3.70 -23.51 0.75
CA PRO D 143 -3.64 -22.88 2.08
C PRO D 143 -3.46 -23.85 3.26
N ARG D 144 -3.49 -23.29 4.46
CA ARG D 144 -3.17 -24.02 5.68
C ARG D 144 -4.20 -25.07 6.07
N GLU D 145 -5.47 -24.84 5.73
CA GLU D 145 -6.54 -25.76 6.11
C GLU D 145 -6.39 -27.10 5.41
N ALA D 146 -6.20 -28.17 6.19
CA ALA D 146 -6.13 -29.50 5.65
C ALA D 146 -6.69 -30.52 6.65
N LYS D 147 -7.15 -31.67 6.15
CA LYS D 147 -7.73 -32.69 7.00
C LYS D 147 -6.97 -34.00 6.87
N VAL D 148 -6.55 -34.55 8.00
CA VAL D 148 -5.90 -35.85 8.01
C VAL D 148 -6.72 -36.83 8.82
N GLN D 149 -6.99 -37.99 8.25
CA GLN D 149 -7.67 -39.04 9.00
C GLN D 149 -6.92 -40.35 8.90
N TRP D 150 -6.89 -41.06 10.02
CA TRP D 150 -6.17 -42.32 10.11
C TRP D 150 -7.11 -43.51 10.02
N LYS D 151 -6.65 -44.55 9.36
CA LYS D 151 -7.40 -45.80 9.34
C LYS D 151 -6.46 -46.96 9.67
N VAL D 152 -6.90 -47.83 10.56
CA VAL D 152 -6.15 -49.03 10.91
C VAL D 152 -7.00 -50.25 10.58
N ASP D 153 -6.60 -50.99 9.54
CA ASP D 153 -7.44 -52.05 8.98
C ASP D 153 -8.82 -51.49 8.62
N ASN D 154 -8.82 -50.33 7.97
CA ASN D 154 -10.07 -49.70 7.53
C ASN D 154 -10.94 -49.22 8.69
N ALA D 155 -10.42 -49.31 9.91
CA ALA D 155 -11.10 -48.76 11.07
C ALA D 155 -10.73 -47.29 11.28
N LEU D 156 -11.71 -46.41 11.11
CA LEU D 156 -11.48 -44.98 11.30
C LEU D 156 -11.04 -44.69 12.74
N GLN D 157 -9.88 -44.06 12.88
CA GLN D 157 -9.33 -43.74 14.19
C GLN D 157 -9.84 -42.41 14.73
N SER D 158 -9.98 -42.33 16.05
CA SER D 158 -10.33 -41.07 16.70
C SER D 158 -9.70 -40.95 18.09
N GLY D 159 -9.18 -39.76 18.42
CA GLY D 159 -8.66 -39.46 19.74
C GLY D 159 -7.23 -39.89 20.03
N ASN D 160 -6.57 -40.51 19.07
CA ASN D 160 -5.23 -41.06 19.28
C ASN D 160 -4.17 -40.55 18.29
N SER D 161 -4.45 -39.38 17.69
CA SER D 161 -3.50 -38.72 16.81
C SER D 161 -3.32 -37.26 17.25
N GLN D 162 -2.13 -36.70 17.04
CA GLN D 162 -1.91 -35.28 17.33
C GLN D 162 -1.29 -34.59 16.12
N GLU D 163 -1.75 -33.38 15.82
CA GLU D 163 -1.23 -32.66 14.67
C GLU D 163 -0.33 -31.50 15.07
N SER D 164 0.63 -31.20 14.21
CA SER D 164 1.46 -30.03 14.38
C SER D 164 1.74 -29.38 13.01
N VAL D 165 1.71 -28.04 12.98
CA VAL D 165 1.91 -27.28 11.74
C VAL D 165 3.08 -26.32 11.84
N THR D 166 3.87 -26.20 10.78
CA THR D 166 4.96 -25.23 10.78
C THR D 166 4.44 -23.83 10.50
N GLU D 167 5.25 -22.83 10.81
CA GLU D 167 5.00 -21.46 10.40
C GLU D 167 5.16 -21.38 8.89
N GLN D 168 4.55 -20.39 8.27
CA GLN D 168 4.65 -20.20 6.82
C GLN D 168 6.10 -20.14 6.37
N ASP D 169 6.41 -20.86 5.30
CA ASP D 169 7.78 -20.91 4.81
C ASP D 169 8.22 -19.54 4.27
N SER D 170 9.47 -19.16 4.56
CA SER D 170 9.96 -17.84 4.18
C SER D 170 10.36 -17.75 2.70
N LYS D 171 10.33 -18.89 1.99
CA LYS D 171 10.65 -18.91 0.55
C LYS D 171 9.43 -19.12 -0.34
N ASP D 172 8.69 -20.20 -0.14
CA ASP D 172 7.55 -20.49 -1.01
C ASP D 172 6.19 -20.24 -0.35
N SER D 173 6.23 -19.81 0.91
CA SER D 173 5.04 -19.39 1.65
C SER D 173 4.04 -20.50 1.88
N THR D 174 4.50 -21.75 1.88
CA THR D 174 3.61 -22.88 2.16
C THR D 174 3.71 -23.31 3.63
N TYR D 175 2.82 -24.22 4.01
CA TYR D 175 2.84 -24.81 5.33
C TYR D 175 3.18 -26.29 5.23
N SER D 176 3.65 -26.86 6.33
CA SER D 176 3.83 -28.30 6.41
C SER D 176 3.16 -28.79 7.68
N LEU D 177 2.79 -30.06 7.72
CA LEU D 177 2.02 -30.58 8.83
C LEU D 177 2.34 -32.04 9.09
N SER D 178 2.52 -32.38 10.37
CA SER D 178 2.72 -33.78 10.77
C SER D 178 1.51 -34.28 11.54
N SER D 179 1.06 -35.47 11.22
CA SER D 179 0.00 -36.10 12.02
C SER D 179 0.59 -37.37 12.60
N THR D 180 0.56 -37.47 13.92
CA THR D 180 1.19 -38.59 14.61
C THR D 180 0.14 -39.47 15.26
N LEU D 181 0.07 -40.72 14.81
CA LEU D 181 -0.83 -41.69 15.40
C LEU D 181 -0.13 -42.49 16.48
N THR D 182 -0.70 -42.50 17.69
CA THR D 182 -0.07 -43.20 18.80
C THR D 182 -0.84 -44.44 19.25
N LEU D 183 -0.13 -45.56 19.32
CA LEU D 183 -0.72 -46.86 19.63
C LEU D 183 0.16 -47.62 20.59
N SER D 184 -0.41 -48.52 21.38
CA SER D 184 0.42 -49.39 22.19
C SER D 184 1.15 -50.29 21.21
N LYS D 185 2.30 -50.80 21.62
CA LYS D 185 3.06 -51.71 20.76
C LYS D 185 2.18 -52.90 20.41
N ALA D 186 1.41 -53.35 21.40
CA ALA D 186 0.53 -54.50 21.24
C ALA D 186 -0.59 -54.26 20.22
N ASP D 187 -1.21 -53.08 20.29
CA ASP D 187 -2.24 -52.73 19.32
C ASP D 187 -1.66 -52.62 17.92
N TYR D 188 -0.46 -52.07 17.84
CA TYR D 188 0.21 -51.92 16.56
C TYR D 188 0.53 -53.28 15.96
N GLU D 189 1.00 -54.20 16.79
CA GLU D 189 1.35 -55.54 16.33
C GLU D 189 0.08 -56.37 16.04
N LYS D 190 -1.07 -55.86 16.46
CA LYS D 190 -2.34 -56.58 16.25
C LYS D 190 -2.98 -56.27 14.89
N HIS D 191 -2.49 -55.24 14.20
CA HIS D 191 -3.09 -54.84 12.94
C HIS D 191 -2.10 -54.85 11.79
N LYS D 192 -2.61 -54.84 10.57
CA LYS D 192 -1.75 -54.93 9.39
C LYS D 192 -1.62 -53.64 8.58
N VAL D 193 -2.77 -53.07 8.22
CA VAL D 193 -2.80 -51.96 7.26
C VAL D 193 -3.01 -50.61 7.94
N TYR D 194 -2.00 -49.75 7.78
CA TYR D 194 -2.01 -48.42 8.39
C TYR D 194 -2.05 -47.35 7.31
N ALA D 195 -3.12 -46.56 7.32
CA ALA D 195 -3.36 -45.63 6.24
C ALA D 195 -3.61 -44.23 6.75
N CYS D 196 -3.02 -43.27 6.04
CA CYS D 196 -3.20 -41.86 6.27
C CYS D 196 -3.95 -41.28 5.07
N GLU D 197 -5.11 -40.68 5.29
CA GLU D 197 -5.84 -40.13 4.15
C GLU D 197 -5.98 -38.62 4.26
N VAL D 198 -5.41 -37.93 3.28
CA VAL D 198 -5.33 -36.48 3.27
C VAL D 198 -6.34 -35.82 2.35
N THR D 199 -7.05 -34.82 2.87
CA THR D 199 -7.94 -34.00 2.06
C THR D 199 -7.50 -32.54 2.07
N HIS D 200 -7.35 -31.98 0.88
CA HIS D 200 -6.84 -30.63 0.74
C HIS D 200 -7.31 -29.99 -0.57
N GLN D 201 -7.51 -28.67 -0.51
CA GLN D 201 -8.05 -27.90 -1.62
C GLN D 201 -7.25 -28.11 -2.91
N GLY D 202 -5.95 -28.35 -2.76
CA GLY D 202 -5.09 -28.59 -3.91
C GLY D 202 -5.26 -29.96 -4.54
N LEU D 203 -5.98 -30.85 -3.87
CA LEU D 203 -6.18 -32.21 -4.35
C LEU D 203 -7.59 -32.43 -4.91
N SER D 204 -7.69 -32.92 -6.14
CA SER D 204 -8.99 -33.12 -6.77
C SER D 204 -9.79 -34.15 -5.99
N SER D 205 -9.10 -35.20 -5.57
CA SER D 205 -9.71 -36.21 -4.68
C SER D 205 -8.72 -36.61 -3.58
N PRO D 206 -9.25 -36.99 -2.40
CA PRO D 206 -8.45 -37.33 -1.23
C PRO D 206 -7.28 -38.26 -1.57
N VAL D 207 -6.17 -38.08 -0.88
CA VAL D 207 -4.98 -38.88 -1.14
C VAL D 207 -4.71 -39.78 0.05
N THR D 208 -4.44 -41.05 -0.23
CA THR D 208 -4.15 -42.00 0.82
C THR D 208 -2.74 -42.57 0.69
N LYS D 209 -1.99 -42.53 1.79
CA LYS D 209 -0.71 -43.22 1.86
C LYS D 209 -0.82 -44.25 2.95
N SER D 210 -0.30 -45.45 2.70
CA SER D 210 -0.37 -46.50 3.68
C SER D 210 0.75 -47.51 3.51
N PHE D 211 0.84 -48.43 4.46
CA PHE D 211 1.83 -49.49 4.40
C PHE D 211 1.26 -50.71 5.08
N ASN D 212 1.92 -51.85 4.92
CA ASN D 212 1.51 -53.06 5.61
C ASN D 212 2.54 -53.40 6.66
N ARG D 213 2.11 -53.48 7.91
CA ARG D 213 2.98 -53.88 9.01
C ARG D 213 3.78 -55.15 8.65
N GLY D 214 5.10 -55.00 8.52
CA GLY D 214 5.96 -56.13 8.22
C GLY D 214 6.54 -56.13 6.82
N GLU D 215 5.94 -55.35 5.91
CA GLU D 215 6.40 -55.30 4.53
C GLU D 215 7.24 -54.04 4.29
N CYS D 216 8.07 -54.06 3.24
CA CYS D 216 8.99 -52.94 2.96
C CYS D 216 8.26 -51.80 2.27
N ASP E 2 -2.36 -2.70 -30.84
CA ASP E 2 -1.22 -3.60 -30.89
C ASP E 2 -1.28 -4.69 -29.79
N ILE E 3 -1.76 -4.33 -28.60
CA ILE E 3 -1.96 -5.33 -27.56
C ILE E 3 -3.24 -6.13 -27.78
N VAL E 4 -3.10 -7.45 -27.87
CA VAL E 4 -4.26 -8.29 -28.17
C VAL E 4 -4.83 -8.98 -26.94
N MET E 5 -6.13 -8.79 -26.73
CA MET E 5 -6.88 -9.40 -25.64
C MET E 5 -7.82 -10.49 -26.19
N THR E 6 -7.81 -11.65 -25.57
CA THR E 6 -8.68 -12.76 -25.98
C THR E 6 -9.35 -13.36 -24.76
N GLN E 7 -10.66 -13.60 -24.86
CA GLN E 7 -11.44 -14.15 -23.76
C GLN E 7 -11.85 -15.61 -24.00
N SER E 8 -12.04 -16.34 -22.90
CA SER E 8 -12.56 -17.70 -23.00
C SER E 8 -13.44 -18.06 -21.80
N PRO E 9 -14.54 -18.78 -22.05
CA PRO E 9 -14.96 -19.14 -23.41
C PRO E 9 -15.56 -17.92 -24.11
N SER E 10 -16.04 -18.05 -25.35
CA SER E 10 -16.75 -16.96 -26.02
C SER E 10 -18.22 -17.02 -25.66
N SER E 11 -18.63 -18.19 -25.19
CA SER E 11 -20.03 -18.43 -24.87
C SER E 11 -20.15 -19.42 -23.73
N LEU E 12 -21.03 -19.14 -22.78
CA LEU E 12 -21.23 -20.08 -21.69
C LEU E 12 -22.66 -20.06 -21.18
N SER E 13 -23.02 -21.16 -20.53
CA SER E 13 -24.35 -21.35 -20.03
C SER E 13 -24.24 -21.96 -18.65
N ALA E 14 -24.95 -21.41 -17.67
CA ALA E 14 -24.88 -21.94 -16.31
C ALA E 14 -26.18 -21.71 -15.57
N SER E 15 -26.43 -22.51 -14.54
CA SER E 15 -27.66 -22.39 -13.78
C SER E 15 -27.57 -21.26 -12.77
N VAL E 16 -28.72 -20.65 -12.50
CA VAL E 16 -28.84 -19.63 -11.46
C VAL E 16 -28.21 -20.12 -10.14
N GLY E 17 -27.37 -19.29 -9.54
CA GLY E 17 -26.70 -19.67 -8.31
C GLY E 17 -25.36 -20.37 -8.56
N ASP E 18 -25.07 -20.67 -9.83
CA ASP E 18 -23.78 -21.25 -10.20
C ASP E 18 -22.63 -20.24 -10.09
N ARG E 19 -21.43 -20.79 -9.93
CA ARG E 19 -20.23 -19.99 -9.95
C ARG E 19 -19.74 -19.89 -11.38
N VAL E 20 -19.65 -18.67 -11.90
CA VAL E 20 -19.25 -18.48 -13.28
C VAL E 20 -17.87 -17.81 -13.35
N THR E 21 -17.01 -18.36 -14.19
CA THR E 21 -15.66 -17.88 -14.37
C THR E 21 -15.34 -17.59 -15.83
N ILE E 22 -15.00 -16.34 -16.13
CA ILE E 22 -14.53 -15.93 -17.45
C ILE E 22 -13.05 -15.55 -17.37
N THR E 23 -12.22 -16.06 -18.29
CA THR E 23 -10.81 -15.72 -18.25
C THR E 23 -10.46 -14.73 -19.36
N CYS E 24 -9.52 -13.84 -19.07
CA CYS E 24 -9.08 -12.86 -20.05
C CYS E 24 -7.57 -12.91 -20.14
N ARG E 25 -7.05 -12.92 -21.35
CA ARG E 25 -5.60 -12.99 -21.54
C ARG E 25 -5.09 -11.85 -22.42
N ALA E 26 -3.88 -11.37 -22.13
CA ALA E 26 -3.25 -10.32 -22.92
C ALA E 26 -2.03 -10.87 -23.64
N SER E 27 -1.74 -10.33 -24.82
CA SER E 27 -0.61 -10.78 -25.62
C SER E 27 0.72 -10.36 -24.97
N GLN E 28 0.64 -9.46 -24.00
CA GLN E 28 1.80 -9.07 -23.22
C GLN E 28 1.37 -8.60 -21.84
N SER E 29 2.33 -8.56 -20.91
CA SER E 29 2.03 -8.18 -19.54
C SER E 29 1.45 -6.78 -19.46
N ILE E 30 0.30 -6.66 -18.80
CA ILE E 30 -0.33 -5.34 -18.62
C ILE E 30 -0.56 -5.03 -17.14
N SER E 31 0.23 -5.67 -16.28
CA SER E 31 0.12 -5.46 -14.85
C SER E 31 -1.30 -5.70 -14.34
N VAL E 32 -1.95 -4.67 -13.82
CA VAL E 32 -3.33 -4.80 -13.35
C VAL E 32 -4.23 -3.74 -13.99
N SER E 33 -3.78 -3.18 -15.10
CA SER E 33 -4.55 -2.17 -15.83
C SER E 33 -5.57 -2.85 -16.73
N LEU E 34 -6.63 -3.36 -16.12
CA LEU E 34 -7.62 -4.16 -16.83
C LEU E 34 -9.04 -3.90 -16.36
N ASN E 35 -9.96 -3.73 -17.31
CA ASN E 35 -11.35 -3.51 -16.94
C ASN E 35 -12.24 -4.68 -17.33
N TRP E 36 -13.38 -4.79 -16.65
CA TRP E 36 -14.44 -5.70 -17.04
C TRP E 36 -15.70 -4.89 -17.23
N TYR E 37 -16.39 -5.14 -18.35
CA TYR E 37 -17.65 -4.49 -18.69
C TYR E 37 -18.77 -5.50 -18.86
N GLN E 38 -19.99 -5.08 -18.54
CA GLN E 38 -21.15 -5.88 -18.81
C GLN E 38 -21.98 -5.15 -19.84
N GLN E 39 -22.48 -5.86 -20.86
CA GLN E 39 -23.35 -5.26 -21.83
C GLN E 39 -24.61 -6.09 -22.06
N LYS E 40 -25.75 -5.46 -21.84
CA LYS E 40 -27.03 -6.12 -22.08
C LYS E 40 -27.64 -5.64 -23.40
N PRO E 41 -28.56 -6.44 -23.96
CA PRO E 41 -29.14 -6.21 -25.29
C PRO E 41 -29.65 -4.79 -25.47
N GLY E 42 -29.25 -4.13 -26.57
CA GLY E 42 -29.73 -2.79 -26.88
C GLY E 42 -29.29 -1.68 -25.95
N LYS E 43 -28.30 -1.96 -25.09
CA LYS E 43 -27.78 -0.96 -24.17
C LYS E 43 -26.26 -0.81 -24.35
N ALA E 44 -25.74 0.37 -24.03
CA ALA E 44 -24.29 0.53 -23.98
C ALA E 44 -23.71 -0.30 -22.84
N PRO E 45 -22.43 -0.67 -22.96
CA PRO E 45 -21.76 -1.40 -21.87
C PRO E 45 -21.68 -0.57 -20.59
N LYS E 46 -21.47 -1.26 -19.47
CA LYS E 46 -21.42 -0.66 -18.15
C LYS E 46 -20.22 -1.24 -17.44
N VAL E 47 -19.34 -0.39 -16.91
CA VAL E 47 -18.14 -0.89 -16.26
C VAL E 47 -18.52 -1.60 -14.95
N LEU E 48 -17.90 -2.76 -14.72
CA LEU E 48 -18.10 -3.52 -13.49
C LEU E 48 -16.88 -3.39 -12.59
N ILE E 49 -15.71 -3.63 -13.17
CA ILE E 49 -14.43 -3.64 -12.47
C ILE E 49 -13.39 -2.80 -13.21
N TYR E 50 -12.51 -2.11 -12.48
CA TYR E 50 -11.33 -1.50 -13.08
C TYR E 50 -10.06 -1.78 -12.26
N ALA E 51 -8.89 -1.61 -12.88
CA ALA E 51 -7.64 -1.95 -12.21
C ALA E 51 -7.68 -3.41 -11.72
N ALA E 52 -8.30 -4.27 -12.54
CA ALA E 52 -8.27 -5.72 -12.38
C ALA E 52 -9.19 -6.26 -11.28
N SER E 53 -9.28 -5.56 -10.15
CA SER E 53 -10.05 -6.06 -9.01
C SER E 53 -10.88 -5.00 -8.25
N ARG E 54 -10.91 -3.77 -8.74
CA ARG E 54 -11.65 -2.71 -8.04
C ARG E 54 -13.10 -2.69 -8.46
N LEU E 55 -13.99 -3.06 -7.54
CA LEU E 55 -15.43 -3.12 -7.79
C LEU E 55 -16.02 -1.71 -7.93
N GLN E 56 -16.64 -1.41 -9.06
CA GLN E 56 -17.29 -0.10 -9.19
C GLN E 56 -18.49 -0.03 -8.25
N SER E 57 -18.76 1.14 -7.70
CA SER E 57 -19.93 1.33 -6.84
C SER E 57 -21.23 1.15 -7.63
N GLY E 58 -22.22 0.52 -7.01
CA GLY E 58 -23.49 0.24 -7.66
C GLY E 58 -23.53 -1.17 -8.22
N ILE E 59 -22.36 -1.77 -8.38
CA ILE E 59 -22.22 -3.13 -8.86
C ILE E 59 -22.27 -4.10 -7.68
N PRO E 60 -23.10 -5.14 -7.78
CA PRO E 60 -23.25 -6.19 -6.76
C PRO E 60 -21.93 -6.91 -6.46
N SER E 61 -21.72 -7.31 -5.21
CA SER E 61 -20.46 -7.90 -4.81
C SER E 61 -20.25 -9.33 -5.28
N ARG E 62 -21.28 -9.91 -5.91
CA ARG E 62 -21.09 -11.25 -6.47
C ARG E 62 -20.13 -11.18 -7.67
N PHE E 63 -19.90 -9.97 -8.18
CA PHE E 63 -18.87 -9.74 -9.21
C PHE E 63 -17.51 -9.43 -8.56
N SER E 64 -16.47 -10.17 -8.94
CA SER E 64 -15.12 -9.91 -8.46
C SER E 64 -14.10 -10.22 -9.53
N GLY E 65 -13.00 -9.47 -9.57
CA GLY E 65 -11.98 -9.70 -10.56
C GLY E 65 -10.63 -10.01 -9.94
N SER E 66 -9.86 -10.87 -10.62
CA SER E 66 -8.54 -11.23 -10.13
C SER E 66 -7.51 -11.37 -11.26
N GLY E 67 -6.25 -11.52 -10.86
CA GLY E 67 -5.19 -11.81 -11.82
C GLY E 67 -4.30 -10.61 -12.07
N SER E 68 -3.25 -10.82 -12.84
CA SER E 68 -2.32 -9.75 -13.16
C SER E 68 -1.36 -10.21 -14.24
N GLY E 69 -0.59 -9.28 -14.79
CA GLY E 69 0.33 -9.62 -15.86
C GLY E 69 -0.40 -9.87 -17.16
N SER E 70 -0.57 -11.15 -17.50
CA SER E 70 -1.22 -11.52 -18.76
C SER E 70 -2.45 -12.39 -18.57
N HIS E 71 -2.79 -12.71 -17.33
CA HIS E 71 -3.93 -13.60 -17.08
C HIS E 71 -4.87 -13.04 -16.02
N PHE E 72 -6.14 -12.87 -16.40
CA PHE E 72 -7.15 -12.24 -15.54
C PHE E 72 -8.43 -13.04 -15.51
N THR E 73 -9.22 -12.87 -14.45
CA THR E 73 -10.44 -13.65 -14.29
C THR E 73 -11.61 -12.79 -13.82
N LEU E 74 -12.76 -12.92 -14.47
CA LEU E 74 -13.99 -12.37 -13.92
C LEU E 74 -14.77 -13.50 -13.27
N THR E 75 -15.12 -13.32 -12.00
CA THR E 75 -15.91 -14.33 -11.31
C THR E 75 -17.28 -13.79 -10.91
N ILE E 76 -18.32 -14.56 -11.25
CA ILE E 76 -19.65 -14.32 -10.70
C ILE E 76 -19.94 -15.45 -9.70
N SER E 77 -20.04 -15.09 -8.42
CA SER E 77 -20.10 -16.10 -7.36
C SER E 77 -21.44 -16.84 -7.32
N SER E 78 -22.51 -16.15 -7.67
CA SER E 78 -23.83 -16.76 -7.74
C SER E 78 -24.62 -16.16 -8.91
N LEU E 79 -24.60 -16.84 -10.07
CA LEU E 79 -25.21 -16.30 -11.28
C LEU E 79 -26.68 -16.01 -11.05
N GLN E 80 -27.07 -14.77 -11.32
CA GLN E 80 -28.45 -14.35 -11.21
C GLN E 80 -29.08 -14.20 -12.59
N PRO E 81 -30.42 -14.28 -12.68
CA PRO E 81 -31.14 -14.17 -13.96
C PRO E 81 -30.81 -12.86 -14.71
N GLU E 82 -30.72 -11.76 -13.96
CA GLU E 82 -30.41 -10.46 -14.53
C GLU E 82 -28.98 -10.37 -15.04
N ASP E 83 -28.19 -11.42 -14.83
CA ASP E 83 -26.79 -11.37 -15.25
C ASP E 83 -26.59 -11.86 -16.68
N PHE E 84 -27.69 -12.21 -17.34
CA PHE E 84 -27.63 -12.47 -18.77
C PHE E 84 -27.07 -11.27 -19.50
N ALA E 85 -25.97 -11.46 -20.22
CA ALA E 85 -25.27 -10.37 -20.92
C ALA E 85 -24.03 -10.90 -21.63
N THR E 86 -23.32 -10.03 -22.35
CA THR E 86 -21.99 -10.43 -22.77
C THR E 86 -20.97 -9.55 -22.04
N TYR E 87 -19.88 -10.17 -21.62
CA TYR E 87 -18.88 -9.53 -20.77
C TYR E 87 -17.57 -9.28 -21.51
N TYR E 88 -17.03 -8.07 -21.37
CA TYR E 88 -15.79 -7.70 -22.05
C TYR E 88 -14.66 -7.29 -21.12
N CYS E 89 -13.46 -7.79 -21.40
CA CYS E 89 -12.29 -7.21 -20.77
C CYS E 89 -11.72 -6.15 -21.68
N GLN E 90 -10.86 -5.32 -21.12
CA GLN E 90 -10.22 -4.23 -21.84
C GLN E 90 -8.90 -3.89 -21.14
N GLU E 91 -7.82 -3.83 -21.91
CA GLU E 91 -6.54 -3.40 -21.35
C GLU E 91 -6.50 -1.88 -21.40
N THR E 92 -6.09 -1.26 -20.29
CA THR E 92 -5.86 0.19 -20.26
C THR E 92 -4.40 0.45 -19.90
N TYR E 93 -3.52 -0.39 -20.44
CA TYR E 93 -2.10 -0.35 -20.13
C TYR E 93 -1.36 0.60 -21.05
N SER E 94 -1.67 0.47 -22.33
CA SER E 94 -0.93 1.17 -23.36
C SER E 94 -1.20 2.67 -23.36
N ASP E 95 -0.56 3.36 -24.29
CA ASP E 95 -0.71 4.80 -24.43
C ASP E 95 -2.04 5.05 -25.11
N LEU E 96 -3.09 5.11 -24.30
CA LEU E 96 -4.45 5.12 -24.84
C LEU E 96 -4.58 3.84 -25.68
N MET E 97 -5.40 3.86 -26.71
CA MET E 97 -5.62 2.66 -27.54
C MET E 97 -5.95 1.46 -26.65
N TYR E 98 -7.09 1.52 -25.99
CA TYR E 98 -7.45 0.56 -24.95
C TYR E 98 -8.32 -0.54 -25.51
N THR E 99 -7.70 -1.60 -26.04
CA THR E 99 -8.42 -2.58 -26.83
C THR E 99 -9.23 -3.59 -25.98
N PHE E 100 -10.32 -4.09 -26.55
CA PHE E 100 -11.23 -5.00 -25.86
C PHE E 100 -10.99 -6.45 -26.21
N GLY E 101 -11.36 -7.35 -25.31
CA GLY E 101 -11.50 -8.76 -25.63
C GLY E 101 -12.71 -8.91 -26.52
N GLN E 102 -12.90 -10.10 -27.10
CA GLN E 102 -13.95 -10.29 -28.10
C GLN E 102 -15.33 -10.45 -27.48
N GLY E 103 -15.38 -10.65 -26.17
CA GLY E 103 -16.64 -10.78 -25.47
C GLY E 103 -17.04 -12.22 -25.15
N THR E 104 -17.71 -12.40 -24.01
CA THR E 104 -18.23 -13.70 -23.59
C THR E 104 -19.71 -13.61 -23.28
N LYS E 105 -20.53 -14.33 -24.05
CA LYS E 105 -21.97 -14.34 -23.79
C LYS E 105 -22.29 -15.30 -22.65
N VAL E 106 -22.99 -14.80 -21.65
CA VAL E 106 -23.41 -15.60 -20.51
C VAL E 106 -24.92 -15.81 -20.57
N GLU E 107 -25.32 -17.07 -20.63
CA GLU E 107 -26.73 -17.41 -20.66
C GLU E 107 -27.10 -18.25 -19.45
N ILE E 108 -28.38 -18.25 -19.09
CA ILE E 108 -28.83 -18.99 -17.92
C ILE E 108 -29.44 -20.35 -18.31
N LYS E 109 -29.02 -21.39 -17.61
CA LYS E 109 -29.65 -22.71 -17.73
C LYS E 109 -30.83 -22.77 -16.78
N ARG E 110 -32.02 -23.09 -17.28
CA ARG E 110 -33.17 -23.24 -16.41
C ARG E 110 -33.92 -24.49 -16.85
N THR E 111 -34.94 -24.87 -16.08
CA THR E 111 -35.70 -26.06 -16.42
C THR E 111 -36.50 -25.82 -17.70
N VAL E 112 -36.86 -26.89 -18.40
CA VAL E 112 -37.68 -26.75 -19.58
C VAL E 112 -38.99 -26.06 -19.19
N ALA E 113 -39.46 -25.18 -20.06
CA ALA E 113 -40.73 -24.49 -19.85
C ALA E 113 -41.47 -24.45 -21.17
N ALA E 114 -42.68 -24.99 -21.17
CA ALA E 114 -43.48 -25.00 -22.37
C ALA E 114 -43.92 -23.58 -22.73
N PRO E 115 -44.01 -23.30 -24.04
CA PRO E 115 -44.54 -22.01 -24.50
C PRO E 115 -46.04 -21.92 -24.30
N SER E 116 -46.57 -20.74 -24.05
CA SER E 116 -48.00 -20.53 -24.26
C SER E 116 -48.17 -19.93 -25.65
N VAL E 117 -49.15 -20.43 -26.40
CA VAL E 117 -49.26 -20.12 -27.82
C VAL E 117 -50.47 -19.24 -28.19
N PHE E 118 -50.26 -18.29 -29.08
CA PHE E 118 -51.36 -17.45 -29.52
C PHE E 118 -51.27 -17.28 -31.02
N ILE E 119 -52.41 -17.13 -31.66
CA ILE E 119 -52.43 -16.86 -33.09
C ILE E 119 -53.21 -15.57 -33.35
N PHE E 120 -52.69 -14.75 -34.25
CA PHE E 120 -53.31 -13.49 -34.61
C PHE E 120 -53.63 -13.44 -36.11
N PRO E 121 -54.93 -13.39 -36.46
CA PRO E 121 -55.27 -13.22 -37.87
C PRO E 121 -54.89 -11.84 -38.35
N PRO E 122 -54.85 -11.63 -39.67
CA PRO E 122 -54.56 -10.30 -40.20
C PRO E 122 -55.64 -9.31 -39.80
N SER E 123 -55.24 -8.10 -39.46
CA SER E 123 -56.18 -7.04 -39.17
C SER E 123 -56.87 -6.60 -40.45
N ASP E 124 -58.08 -6.09 -40.33
CA ASP E 124 -58.80 -5.57 -41.47
C ASP E 124 -58.02 -4.43 -42.14
N GLU E 125 -57.34 -3.63 -41.31
CA GLU E 125 -56.55 -2.52 -41.81
C GLU E 125 -55.49 -2.98 -42.81
N GLN E 126 -54.70 -3.98 -42.40
CA GLN E 126 -53.65 -4.48 -43.27
C GLN E 126 -54.26 -5.05 -44.55
N LEU E 127 -55.34 -5.80 -44.41
CA LEU E 127 -56.01 -6.43 -45.54
C LEU E 127 -56.34 -5.39 -46.62
N LYS E 128 -56.74 -4.20 -46.18
CA LYS E 128 -57.01 -3.09 -47.09
C LYS E 128 -55.81 -2.79 -48.00
N SER E 129 -54.60 -2.85 -47.45
CA SER E 129 -53.39 -2.55 -48.21
C SER E 129 -52.97 -3.71 -49.14
N GLY E 130 -53.67 -4.83 -49.05
CA GLY E 130 -53.48 -5.91 -50.01
C GLY E 130 -52.66 -7.12 -49.60
N THR E 131 -52.16 -7.14 -48.37
CA THR E 131 -51.40 -8.29 -47.89
C THR E 131 -51.95 -8.81 -46.56
N ALA E 132 -51.62 -10.05 -46.25
CA ALA E 132 -52.11 -10.70 -45.06
C ALA E 132 -50.94 -11.24 -44.24
N SER E 133 -50.82 -10.76 -43.02
CA SER E 133 -49.81 -11.30 -42.13
C SER E 133 -50.51 -12.07 -41.04
N VAL E 134 -50.16 -13.34 -40.90
CA VAL E 134 -50.70 -14.16 -39.85
C VAL E 134 -49.59 -14.41 -38.85
N VAL E 135 -49.81 -13.98 -37.60
CA VAL E 135 -48.75 -14.10 -36.61
C VAL E 135 -49.05 -15.17 -35.56
N CYS E 136 -48.04 -16.00 -35.30
CA CYS E 136 -48.11 -16.98 -34.24
C CYS E 136 -46.99 -16.71 -33.23
N LEU E 137 -47.37 -16.59 -31.96
CA LEU E 137 -46.45 -16.26 -30.88
C LEU E 137 -46.21 -17.43 -29.92
N LEU E 138 -44.96 -17.76 -29.68
CA LEU E 138 -44.61 -18.70 -28.61
C LEU E 138 -44.06 -17.91 -27.42
N ASN E 139 -44.76 -17.94 -26.31
CA ASN E 139 -44.42 -17.04 -25.23
C ASN E 139 -43.72 -17.71 -24.05
N ASN E 140 -42.54 -17.22 -23.73
CA ASN E 140 -41.81 -17.57 -22.51
C ASN E 140 -41.56 -19.06 -22.32
N PHE E 141 -40.66 -19.58 -23.13
CA PHE E 141 -40.34 -20.99 -23.12
C PHE E 141 -38.84 -21.23 -23.00
N TYR E 142 -38.47 -22.46 -22.66
CA TYR E 142 -37.08 -22.86 -22.57
C TYR E 142 -36.97 -24.35 -22.84
N PRO E 143 -35.97 -24.77 -23.63
CA PRO E 143 -34.92 -23.98 -24.30
C PRO E 143 -35.40 -23.21 -25.53
N ARG E 144 -34.46 -22.57 -26.24
CA ARG E 144 -34.78 -21.73 -27.39
C ARG E 144 -35.28 -22.55 -28.58
N GLU E 145 -34.82 -23.79 -28.69
CA GLU E 145 -35.17 -24.63 -29.82
C GLU E 145 -36.67 -24.91 -29.85
N ALA E 146 -37.33 -24.46 -30.92
CA ALA E 146 -38.76 -24.73 -31.09
C ALA E 146 -39.08 -24.93 -32.58
N LYS E 147 -40.17 -25.65 -32.85
CA LYS E 147 -40.57 -25.91 -34.22
C LYS E 147 -41.96 -25.38 -34.46
N VAL E 148 -42.12 -24.57 -35.49
CA VAL E 148 -43.42 -24.07 -35.89
C VAL E 148 -43.78 -24.49 -37.31
N GLN E 149 -44.98 -25.03 -37.50
CA GLN E 149 -45.44 -25.30 -38.85
C GLN E 149 -46.82 -24.71 -39.10
N TRP E 150 -46.99 -24.14 -40.28
CA TRP E 150 -48.24 -23.50 -40.67
C TRP E 150 -49.04 -24.40 -41.61
N LYS E 151 -50.35 -24.44 -41.40
CA LYS E 151 -51.27 -25.15 -42.30
C LYS E 151 -52.46 -24.28 -42.63
N VAL E 152 -52.82 -24.25 -43.90
CA VAL E 152 -54.01 -23.53 -44.37
C VAL E 152 -54.93 -24.54 -45.05
N ASP E 153 -56.07 -24.82 -44.42
CA ASP E 153 -56.93 -25.90 -44.86
C ASP E 153 -56.14 -27.20 -44.91
N ASN E 154 -55.35 -27.43 -43.86
CA ASN E 154 -54.55 -28.65 -43.72
C ASN E 154 -53.45 -28.74 -44.77
N ALA E 155 -53.25 -27.65 -45.52
CA ALA E 155 -52.12 -27.60 -46.44
C ALA E 155 -50.87 -27.06 -45.73
N LEU E 156 -49.85 -27.89 -45.60
CA LEU E 156 -48.59 -27.50 -44.97
C LEU E 156 -47.93 -26.35 -45.74
N GLN E 157 -47.64 -25.26 -45.06
CA GLN E 157 -47.01 -24.11 -45.73
C GLN E 157 -45.50 -24.26 -45.73
N SER E 158 -44.87 -23.77 -46.79
CA SER E 158 -43.42 -23.76 -46.87
C SER E 158 -42.91 -22.57 -47.65
N GLY E 159 -41.85 -21.93 -47.16
CA GLY E 159 -41.17 -20.86 -47.87
C GLY E 159 -41.77 -19.48 -47.73
N ASN E 160 -42.86 -19.36 -46.97
CA ASN E 160 -43.57 -18.09 -46.85
C ASN E 160 -43.75 -17.56 -45.42
N SER E 161 -42.92 -18.06 -44.50
CA SER E 161 -42.95 -17.58 -43.11
C SER E 161 -41.57 -17.19 -42.62
N GLN E 162 -41.50 -16.24 -41.68
CA GLN E 162 -40.22 -15.85 -41.07
C GLN E 162 -40.32 -15.88 -39.55
N GLU E 163 -39.26 -16.35 -38.89
CA GLU E 163 -39.25 -16.43 -37.42
C GLU E 163 -38.33 -15.39 -36.77
N SER E 164 -38.68 -14.97 -35.56
CA SER E 164 -37.81 -14.10 -34.77
C SER E 164 -37.81 -14.48 -33.30
N VAL E 165 -36.64 -14.48 -32.66
CA VAL E 165 -36.58 -14.86 -31.26
C VAL E 165 -35.97 -13.72 -30.45
N THR E 166 -36.52 -13.49 -29.25
CA THR E 166 -36.00 -12.47 -28.36
C THR E 166 -34.75 -12.99 -27.66
N GLU E 167 -33.97 -12.07 -27.09
CA GLU E 167 -32.89 -12.46 -26.20
C GLU E 167 -33.48 -13.05 -24.92
N GLN E 168 -32.69 -13.84 -24.22
CA GLN E 168 -33.13 -14.45 -22.99
C GLN E 168 -33.66 -13.39 -22.01
N ASP E 169 -34.82 -13.67 -21.39
CA ASP E 169 -35.44 -12.74 -20.47
C ASP E 169 -34.61 -12.56 -19.20
N SER E 170 -34.53 -11.32 -18.73
CA SER E 170 -33.70 -11.00 -17.59
C SER E 170 -34.35 -11.38 -16.26
N LYS E 171 -35.61 -11.81 -16.31
CA LYS E 171 -36.29 -12.18 -15.07
C LYS E 171 -36.48 -13.70 -14.94
N ASP E 172 -37.11 -14.33 -15.92
CA ASP E 172 -37.37 -15.77 -15.87
C ASP E 172 -36.46 -16.58 -16.78
N SER E 173 -35.59 -15.90 -17.52
CA SER E 173 -34.60 -16.56 -18.38
C SER E 173 -35.22 -17.36 -19.52
N THR E 174 -36.42 -16.98 -19.97
CA THR E 174 -37.04 -17.66 -21.11
C THR E 174 -36.83 -16.91 -22.43
N TYR E 175 -37.24 -17.56 -23.51
CA TYR E 175 -37.22 -17.01 -24.86
C TYR E 175 -38.65 -16.86 -25.35
N SER E 176 -38.85 -15.99 -26.34
CA SER E 176 -40.11 -15.94 -27.05
C SER E 176 -39.84 -15.92 -28.54
N LEU E 177 -40.82 -16.32 -29.32
CA LEU E 177 -40.62 -16.47 -30.74
C LEU E 177 -41.92 -16.13 -31.46
N SER E 178 -41.79 -15.34 -32.51
CA SER E 178 -42.89 -14.99 -33.37
C SER E 178 -42.68 -15.67 -34.72
N SER E 179 -43.72 -16.28 -35.25
CA SER E 179 -43.68 -16.82 -36.61
C SER E 179 -44.72 -16.10 -37.43
N THR E 180 -44.28 -15.46 -38.49
CA THR E 180 -45.18 -14.67 -39.31
C THR E 180 -45.35 -15.33 -40.67
N LEU E 181 -46.59 -15.71 -40.97
CA LEU E 181 -46.93 -16.29 -42.26
C LEU E 181 -47.39 -15.17 -43.18
N THR E 182 -46.74 -15.01 -44.32
CA THR E 182 -47.12 -13.90 -45.20
C THR E 182 -47.78 -14.42 -46.47
N LEU E 183 -48.97 -13.90 -46.75
CA LEU E 183 -49.79 -14.35 -47.86
C LEU E 183 -50.38 -13.15 -48.58
N SER E 184 -50.69 -13.32 -49.86
CA SER E 184 -51.40 -12.28 -50.58
C SER E 184 -52.80 -12.19 -50.02
N LYS E 185 -53.45 -11.05 -50.15
CA LYS E 185 -54.82 -10.92 -49.67
C LYS E 185 -55.74 -11.93 -50.36
N ALA E 186 -55.53 -12.13 -51.67
CA ALA E 186 -56.37 -13.03 -52.47
C ALA E 186 -56.24 -14.48 -52.02
N ASP E 187 -55.02 -14.91 -51.73
CA ASP E 187 -54.81 -16.27 -51.25
C ASP E 187 -55.44 -16.46 -49.87
N TYR E 188 -55.33 -15.43 -49.05
CA TYR E 188 -55.88 -15.49 -47.71
C TYR E 188 -57.41 -15.64 -47.73
N GLU E 189 -58.06 -14.90 -48.62
CA GLU E 189 -59.53 -14.93 -48.71
C GLU E 189 -60.05 -16.22 -49.34
N LYS E 190 -59.16 -17.00 -49.94
CA LYS E 190 -59.55 -18.25 -50.58
C LYS E 190 -59.62 -19.43 -49.60
N HIS E 191 -59.13 -19.25 -48.37
CA HIS E 191 -59.12 -20.35 -47.41
C HIS E 191 -59.83 -20.04 -46.10
N LYS E 192 -60.16 -21.09 -45.37
CA LYS E 192 -60.90 -20.94 -44.11
C LYS E 192 -60.05 -21.17 -42.86
N VAL E 193 -59.39 -22.32 -42.79
CA VAL E 193 -58.74 -22.74 -41.55
C VAL E 193 -57.24 -22.46 -41.52
N TYR E 194 -56.86 -21.58 -40.59
CA TYR E 194 -55.48 -21.14 -40.45
C TYR E 194 -54.89 -21.61 -39.14
N ALA E 195 -53.87 -22.45 -39.21
CA ALA E 195 -53.34 -23.14 -38.04
C ALA E 195 -51.83 -23.01 -37.84
N CYS E 196 -51.47 -22.79 -36.58
CA CYS E 196 -50.09 -22.78 -36.12
C CYS E 196 -49.85 -23.99 -35.23
N GLU E 197 -48.90 -24.84 -35.57
CA GLU E 197 -48.62 -26.00 -34.73
C GLU E 197 -47.23 -25.96 -34.15
N VAL E 198 -47.16 -25.98 -32.83
CA VAL E 198 -45.90 -25.82 -32.10
C VAL E 198 -45.37 -27.14 -31.55
N THR E 199 -44.09 -27.41 -31.81
CA THR E 199 -43.45 -28.56 -31.22
C THR E 199 -42.29 -28.08 -30.35
N HIS E 200 -42.27 -28.50 -29.09
CA HIS E 200 -41.28 -28.03 -28.14
C HIS E 200 -41.10 -29.01 -26.99
N GLN E 201 -39.88 -29.15 -26.50
CA GLN E 201 -39.57 -30.12 -25.44
C GLN E 201 -40.47 -30.00 -24.21
N GLY E 202 -40.92 -28.78 -23.92
CA GLY E 202 -41.79 -28.57 -22.79
C GLY E 202 -43.19 -29.14 -23.00
N LEU E 203 -43.51 -29.48 -24.24
CA LEU E 203 -44.85 -29.98 -24.57
C LEU E 203 -44.81 -31.49 -24.77
N SER E 204 -45.64 -32.23 -24.04
CA SER E 204 -45.65 -33.69 -24.16
C SER E 204 -46.08 -34.07 -25.57
N SER E 205 -47.09 -33.36 -26.08
CA SER E 205 -47.49 -33.49 -27.48
C SER E 205 -47.74 -32.12 -28.07
N PRO E 206 -47.50 -31.96 -29.38
CA PRO E 206 -47.62 -30.70 -30.13
C PRO E 206 -48.90 -29.93 -29.84
N VAL E 207 -48.80 -28.60 -29.84
CA VAL E 207 -49.91 -27.70 -29.56
C VAL E 207 -50.31 -26.93 -30.80
N THR E 208 -51.60 -26.87 -31.10
CA THR E 208 -52.09 -26.14 -32.27
C THR E 208 -53.04 -25.02 -31.87
N LYS E 209 -52.80 -23.83 -32.40
CA LYS E 209 -53.76 -22.74 -32.28
C LYS E 209 -54.23 -22.36 -33.67
N SER E 210 -55.53 -22.12 -33.83
CA SER E 210 -56.08 -21.77 -35.13
C SER E 210 -57.36 -20.93 -35.05
N PHE E 211 -57.78 -20.43 -36.21
CA PHE E 211 -58.98 -19.62 -36.34
C PHE E 211 -59.57 -19.84 -37.72
N ASN E 212 -60.80 -19.38 -37.92
CA ASN E 212 -61.49 -19.47 -39.20
C ASN E 212 -61.76 -18.10 -39.80
N ARG E 213 -61.28 -17.87 -41.03
CA ARG E 213 -61.62 -16.68 -41.81
C ARG E 213 -60.66 -16.51 -43.00
N GLU F 1 -26.46 15.62 -13.89
CA GLU F 1 -25.79 14.36 -14.22
C GLU F 1 -24.93 14.49 -15.47
N VAL F 2 -23.91 13.65 -15.57
CA VAL F 2 -23.10 13.51 -16.78
C VAL F 2 -23.89 12.85 -17.91
N GLN F 3 -23.99 13.52 -19.06
CA GLN F 3 -24.66 12.90 -20.22
C GLN F 3 -23.82 13.00 -21.48
N LEU F 4 -23.95 11.98 -22.31
CA LEU F 4 -23.42 11.99 -23.66
C LEU F 4 -24.56 11.58 -24.59
N VAL F 5 -25.06 12.54 -25.36
CA VAL F 5 -26.21 12.33 -26.23
C VAL F 5 -25.84 12.41 -27.70
N GLN F 6 -25.92 11.28 -28.39
CA GLN F 6 -25.51 11.22 -29.78
C GLN F 6 -26.67 11.53 -30.70
N SER F 7 -26.35 11.91 -31.94
CA SER F 7 -27.36 12.25 -32.92
C SER F 7 -28.07 10.98 -33.41
N GLY F 8 -29.16 11.17 -34.15
CA GLY F 8 -30.04 10.08 -34.52
C GLY F 8 -29.44 9.09 -35.50
N ALA F 9 -30.16 7.98 -35.71
CA ALA F 9 -29.78 6.94 -36.67
C ALA F 9 -29.67 7.52 -38.07
N GLU F 10 -28.77 6.97 -38.87
CA GLU F 10 -28.44 7.55 -40.16
C GLU F 10 -28.53 6.56 -41.31
N LEU F 11 -29.05 7.03 -42.45
CA LEU F 11 -28.94 6.30 -43.70
C LEU F 11 -28.21 7.13 -44.76
N LYS F 12 -27.14 6.55 -45.31
CA LYS F 12 -26.37 7.20 -46.36
C LYS F 12 -26.02 6.22 -47.47
N LYS F 13 -25.78 6.73 -48.68
CA LYS F 13 -25.38 5.90 -49.81
C LYS F 13 -23.88 5.67 -49.75
N PRO F 14 -23.42 4.52 -50.25
CA PRO F 14 -21.97 4.25 -50.31
C PRO F 14 -21.25 5.35 -51.09
N GLY F 15 -20.10 5.80 -50.58
CA GLY F 15 -19.35 6.86 -51.21
C GLY F 15 -19.66 8.24 -50.65
N GLU F 16 -20.80 8.38 -49.97
CA GLU F 16 -21.17 9.64 -49.34
C GLU F 16 -20.38 9.92 -48.05
N SER F 17 -20.41 11.17 -47.60
CA SER F 17 -19.77 11.57 -46.36
C SER F 17 -20.81 11.70 -45.24
N LEU F 18 -20.35 11.64 -44.00
CA LEU F 18 -21.25 11.69 -42.85
C LEU F 18 -20.55 12.19 -41.59
N LYS F 19 -21.18 13.14 -40.91
CA LYS F 19 -20.67 13.57 -39.62
C LYS F 19 -21.71 13.30 -38.54
N ILE F 20 -21.36 12.44 -37.58
CA ILE F 20 -22.22 12.19 -36.45
C ILE F 20 -21.66 12.90 -35.23
N SER F 21 -22.54 13.27 -34.30
CA SER F 21 -22.15 14.11 -33.18
C SER F 21 -22.43 13.46 -31.82
N CYS F 22 -21.77 14.01 -30.80
CA CYS F 22 -21.83 13.50 -29.42
C CYS F 22 -21.82 14.68 -28.45
N LYS F 23 -22.98 15.04 -27.93
CA LYS F 23 -23.11 16.19 -27.04
C LYS F 23 -22.82 15.83 -25.58
N ALA F 24 -21.73 16.36 -25.05
CA ALA F 24 -21.33 16.10 -23.68
C ALA F 24 -21.84 17.21 -22.77
N SER F 25 -22.31 16.84 -21.59
CA SER F 25 -22.77 17.83 -20.63
C SER F 25 -22.70 17.32 -19.18
N GLY F 26 -22.81 18.25 -18.23
CA GLY F 26 -22.80 17.89 -16.83
C GLY F 26 -21.41 17.65 -16.28
N TYR F 27 -20.39 18.00 -17.06
CA TYR F 27 -19.01 17.92 -16.58
C TYR F 27 -18.14 18.87 -17.37
N THR F 28 -16.89 19.03 -16.95
CA THR F 28 -15.96 19.93 -17.65
C THR F 28 -15.43 19.23 -18.89
N PHE F 29 -15.85 19.71 -20.05
CA PHE F 29 -15.56 19.10 -21.33
C PHE F 29 -14.06 18.84 -21.54
N THR F 30 -13.24 19.81 -21.19
CA THR F 30 -11.81 19.75 -21.48
C THR F 30 -10.95 18.98 -20.47
N ASN F 31 -11.58 18.32 -19.50
CA ASN F 31 -10.83 17.51 -18.54
C ASN F 31 -10.79 16.01 -18.86
N TYR F 32 -11.44 15.60 -19.95
CA TYR F 32 -11.59 14.16 -20.23
C TYR F 32 -11.47 13.81 -21.69
N TRP F 33 -10.73 12.73 -21.98
CA TRP F 33 -10.74 12.17 -23.34
C TRP F 33 -12.16 11.82 -23.78
N VAL F 34 -12.44 12.03 -25.06
CA VAL F 34 -13.66 11.47 -25.65
C VAL F 34 -13.23 10.27 -26.48
N VAL F 35 -13.97 9.17 -26.33
CA VAL F 35 -13.63 7.88 -26.90
C VAL F 35 -14.71 7.47 -27.90
N TRP F 36 -14.31 6.84 -29.00
CA TRP F 36 -15.25 6.32 -29.99
C TRP F 36 -15.13 4.81 -30.15
N VAL F 37 -16.28 4.13 -30.11
CA VAL F 37 -16.31 2.68 -30.20
C VAL F 37 -17.31 2.22 -31.24
N ARG F 38 -16.87 1.29 -32.09
CA ARG F 38 -17.73 0.72 -33.11
C ARG F 38 -18.23 -0.64 -32.65
N GLN F 39 -19.45 -0.98 -33.02
CA GLN F 39 -19.95 -2.32 -32.72
C GLN F 39 -20.90 -2.79 -33.80
N MET F 40 -20.47 -3.80 -34.55
CA MET F 40 -21.38 -4.48 -35.47
C MET F 40 -22.42 -5.22 -34.65
N PRO F 41 -23.69 -5.15 -35.05
CA PRO F 41 -24.78 -5.84 -34.34
C PRO F 41 -24.42 -7.31 -34.14
N GLY F 42 -24.55 -7.81 -32.91
CA GLY F 42 -24.22 -9.19 -32.60
C GLY F 42 -22.73 -9.48 -32.44
N GLU F 43 -21.90 -8.44 -32.55
CA GLU F 43 -20.47 -8.59 -32.37
C GLU F 43 -19.93 -7.73 -31.22
N GLY F 44 -18.61 -7.71 -31.09
CA GLY F 44 -17.94 -7.08 -29.97
C GLY F 44 -17.65 -5.60 -30.14
N LEU F 45 -17.14 -5.01 -29.06
CA LEU F 45 -16.78 -3.59 -29.02
C LEU F 45 -15.44 -3.37 -29.71
N GLU F 46 -15.31 -2.26 -30.42
CA GLU F 46 -14.07 -2.01 -31.12
C GLU F 46 -13.57 -0.59 -30.86
N TRP F 47 -12.40 -0.49 -30.25
CA TRP F 47 -11.81 0.80 -29.93
C TRP F 47 -11.31 1.46 -31.23
N MET F 48 -11.96 2.56 -31.59
CA MET F 48 -11.63 3.26 -32.82
C MET F 48 -10.52 4.28 -32.60
N GLY F 49 -10.51 4.86 -31.41
CA GLY F 49 -9.55 5.89 -31.08
C GLY F 49 -10.18 6.89 -30.13
N SER F 50 -9.51 8.02 -29.94
CA SER F 50 -9.96 9.00 -28.98
C SER F 50 -9.49 10.39 -29.38
N ILE F 51 -10.02 11.40 -28.72
CA ILE F 51 -9.59 12.78 -28.92
C ILE F 51 -9.72 13.56 -27.62
N HIS F 52 -8.72 14.37 -27.29
CA HIS F 52 -8.81 15.19 -26.09
C HIS F 52 -9.26 16.59 -26.42
N PRO F 53 -10.44 16.98 -25.93
CA PRO F 53 -11.03 18.29 -26.24
C PRO F 53 -10.13 19.49 -25.89
N ARG F 54 -9.27 19.33 -24.89
CA ARG F 54 -8.42 20.43 -24.43
C ARG F 54 -7.54 21.01 -25.54
N ASP F 55 -6.99 20.17 -26.41
CA ASP F 55 -6.13 20.64 -27.50
C ASP F 55 -6.38 19.84 -28.80
N SER F 56 -7.49 19.12 -28.83
CA SER F 56 -7.88 18.32 -29.99
C SER F 56 -6.81 17.32 -30.41
N ASP F 57 -6.11 16.77 -29.43
CA ASP F 57 -5.20 15.67 -29.68
C ASP F 57 -6.02 14.42 -30.08
N ALA F 58 -5.92 14.02 -31.36
CA ALA F 58 -6.69 12.88 -31.84
C ALA F 58 -5.79 11.67 -32.09
N ARG F 59 -6.23 10.50 -31.61
CA ARG F 59 -5.54 9.24 -31.79
C ARG F 59 -6.40 8.24 -32.57
N TYR F 60 -5.81 7.52 -33.52
CA TYR F 60 -6.57 6.55 -34.34
C TYR F 60 -5.94 5.15 -34.31
N SER F 61 -6.77 4.13 -34.15
CA SER F 61 -6.29 2.76 -34.26
C SER F 61 -5.99 2.48 -35.74
N LEU F 62 -5.11 1.52 -36.00
CA LEU F 62 -4.64 1.26 -37.36
C LEU F 62 -5.79 1.05 -38.35
N SER F 63 -6.89 0.43 -37.91
CA SER F 63 -7.99 0.08 -38.80
C SER F 63 -8.85 1.27 -39.23
N PHE F 64 -8.77 2.38 -38.52
CA PHE F 64 -9.62 3.54 -38.80
C PHE F 64 -8.84 4.81 -39.13
N GLU F 65 -7.52 4.73 -39.06
CA GLU F 65 -6.65 5.91 -39.09
C GLU F 65 -6.86 6.90 -40.25
N GLY F 66 -7.28 6.40 -41.40
CA GLY F 66 -7.47 7.29 -42.54
C GLY F 66 -8.91 7.53 -42.91
N ARG F 67 -9.79 6.64 -42.45
CA ARG F 67 -11.17 6.66 -42.89
C ARG F 67 -12.07 7.57 -42.05
N VAL F 68 -11.67 7.85 -40.81
CA VAL F 68 -12.45 8.72 -39.94
C VAL F 68 -11.64 9.88 -39.35
N THR F 69 -12.34 10.98 -39.08
CA THR F 69 -11.71 12.14 -38.50
C THR F 69 -12.48 12.59 -37.25
N PHE F 70 -11.79 12.58 -36.12
CA PHE F 70 -12.34 13.09 -34.87
C PHE F 70 -12.11 14.58 -34.78
N SER F 71 -13.13 15.29 -34.28
CA SER F 71 -13.01 16.71 -34.02
C SER F 71 -13.92 17.07 -32.86
N VAL F 72 -13.81 18.31 -32.40
CA VAL F 72 -14.54 18.76 -31.24
C VAL F 72 -14.94 20.23 -31.41
N ASP F 73 -16.06 20.64 -30.82
CA ASP F 73 -16.46 22.04 -30.73
C ASP F 73 -16.59 22.44 -29.26
N LYS F 74 -15.65 23.20 -28.73
CA LYS F 74 -15.65 23.46 -27.29
C LYS F 74 -16.80 24.34 -26.82
N SER F 75 -17.19 25.29 -27.66
CA SER F 75 -18.26 26.21 -27.29
C SER F 75 -19.58 25.46 -27.10
N THR F 76 -19.72 24.33 -27.79
CA THR F 76 -20.93 23.52 -27.68
C THR F 76 -20.66 22.18 -26.97
N THR F 77 -19.43 22.04 -26.45
CA THR F 77 -18.95 20.80 -25.82
C THR F 77 -19.47 19.57 -26.57
N THR F 78 -19.24 19.55 -27.88
CA THR F 78 -19.70 18.47 -28.74
C THR F 78 -18.52 17.81 -29.44
N ALA F 79 -18.50 16.48 -29.44
CA ALA F 79 -17.48 15.75 -30.19
C ALA F 79 -18.09 15.27 -31.50
N TYR F 80 -17.24 15.10 -32.51
CA TYR F 80 -17.73 14.74 -33.83
C TYR F 80 -16.92 13.61 -34.44
N LEU F 81 -17.60 12.70 -35.12
CA LEU F 81 -16.95 11.67 -35.92
C LEU F 81 -17.43 11.79 -37.37
N GLN F 82 -16.48 11.81 -38.29
CA GLN F 82 -16.79 12.13 -39.68
C GLN F 82 -16.14 11.16 -40.66
N TRP F 83 -16.94 10.60 -41.54
CA TRP F 83 -16.43 9.84 -42.68
C TRP F 83 -16.44 10.77 -43.90
N SER F 84 -15.45 10.62 -44.77
CA SER F 84 -15.44 11.36 -46.03
C SER F 84 -16.05 10.52 -47.16
N SER F 85 -15.92 9.20 -47.05
CA SER F 85 -16.44 8.29 -48.07
C SER F 85 -16.90 6.95 -47.45
N LEU F 86 -18.21 6.79 -47.27
CA LEU F 86 -18.76 5.61 -46.59
C LEU F 86 -18.73 4.34 -47.43
N LYS F 87 -18.61 3.21 -46.75
CA LYS F 87 -18.71 1.89 -47.38
C LYS F 87 -19.83 1.12 -46.70
N VAL F 88 -20.39 0.13 -47.38
CA VAL F 88 -21.43 -0.72 -46.82
C VAL F 88 -20.98 -1.38 -45.52
N SER F 89 -19.70 -1.73 -45.48
CA SER F 89 -19.13 -2.38 -44.31
C SER F 89 -19.00 -1.43 -43.10
N ASP F 90 -19.29 -0.14 -43.30
CA ASP F 90 -19.33 0.83 -42.20
C ASP F 90 -20.65 0.79 -41.45
N SER F 91 -21.57 -0.02 -41.95
CA SER F 91 -22.88 -0.20 -41.31
C SER F 91 -22.70 -0.83 -39.94
N ALA F 92 -23.12 -0.11 -38.90
CA ALA F 92 -22.89 -0.54 -37.52
C ALA F 92 -23.37 0.50 -36.53
N ILE F 93 -23.27 0.18 -35.24
CA ILE F 93 -23.53 1.16 -34.22
C ILE F 93 -22.20 1.79 -33.78
N TYR F 94 -22.22 3.09 -33.49
CA TYR F 94 -21.02 3.80 -33.03
C TYR F 94 -21.29 4.52 -31.71
N TYR F 95 -20.45 4.22 -30.71
CA TYR F 95 -20.57 4.87 -29.40
C TYR F 95 -19.50 5.95 -29.18
N CYS F 96 -19.91 7.05 -28.57
CA CYS F 96 -18.96 7.91 -27.89
C CYS F 96 -19.11 7.60 -26.41
N ALA F 97 -18.09 7.95 -25.64
CA ALA F 97 -18.12 7.76 -24.20
C ALA F 97 -17.00 8.57 -23.61
N ARG F 98 -17.14 8.92 -22.33
CA ARG F 98 -16.07 9.62 -21.62
C ARG F 98 -15.04 8.64 -21.09
N LEU F 99 -13.76 9.02 -21.11
CA LEU F 99 -12.75 8.24 -20.44
C LEU F 99 -12.64 8.77 -19.00
N SER F 100 -13.12 7.96 -18.05
CA SER F 100 -13.15 8.34 -16.64
C SER F 100 -11.97 7.80 -15.86
N GLN F 101 -11.72 8.40 -14.69
CA GLN F 101 -10.59 7.96 -13.88
C GLN F 101 -10.66 8.46 -12.44
N VAL F 102 -10.44 7.55 -11.51
CA VAL F 102 -10.17 7.92 -10.14
C VAL F 102 -8.65 8.09 -10.04
N SER F 103 -8.22 9.22 -9.51
CA SER F 103 -6.80 9.49 -9.36
C SER F 103 -6.11 8.32 -8.65
N GLY F 104 -4.95 7.90 -9.16
CA GLY F 104 -4.23 6.78 -8.60
C GLY F 104 -4.64 5.42 -9.15
N TRP F 105 -5.56 5.41 -10.11
CA TRP F 105 -5.99 4.15 -10.71
C TRP F 105 -6.16 4.23 -12.21
N SER F 106 -5.92 3.09 -12.86
CA SER F 106 -6.22 2.86 -14.27
C SER F 106 -7.61 3.39 -14.62
N PRO F 107 -7.74 4.05 -15.77
CA PRO F 107 -9.02 4.62 -16.21
C PRO F 107 -9.94 3.55 -16.82
N TRP F 108 -11.19 3.95 -17.04
CA TRP F 108 -12.19 3.11 -17.72
C TRP F 108 -13.07 3.98 -18.62
N VAL F 109 -13.90 3.33 -19.44
CA VAL F 109 -14.80 4.04 -20.34
C VAL F 109 -16.20 4.12 -19.73
N GLY F 110 -16.75 5.33 -19.69
CA GLY F 110 -18.07 5.56 -19.16
C GLY F 110 -18.13 6.89 -18.45
N PRO F 111 -19.30 7.57 -18.45
CA PRO F 111 -20.55 7.18 -19.11
C PRO F 111 -20.43 7.04 -20.62
N TRP F 112 -21.47 6.47 -21.24
CA TRP F 112 -21.53 6.24 -22.67
C TRP F 112 -22.69 7.02 -23.28
N GLY F 113 -22.53 7.41 -24.55
CA GLY F 113 -23.66 7.86 -25.33
C GLY F 113 -24.58 6.68 -25.61
N GLN F 114 -25.80 6.95 -26.05
CA GLN F 114 -26.77 5.87 -26.33
C GLN F 114 -26.44 5.12 -27.62
N GLY F 115 -25.50 5.64 -28.40
CA GLY F 115 -25.11 4.98 -29.63
C GLY F 115 -25.82 5.51 -30.87
N THR F 116 -25.13 5.46 -32.00
CA THR F 116 -25.70 5.90 -33.26
C THR F 116 -25.65 4.77 -34.28
N LEU F 117 -26.81 4.37 -34.79
CA LEU F 117 -26.86 3.33 -35.80
C LEU F 117 -26.66 3.95 -37.17
N VAL F 118 -25.59 3.54 -37.84
CA VAL F 118 -25.35 4.03 -39.18
C VAL F 118 -25.63 2.93 -40.21
N THR F 119 -26.53 3.21 -41.14
CA THR F 119 -26.81 2.26 -42.21
C THR F 119 -26.35 2.82 -43.55
N VAL F 120 -25.43 2.11 -44.19
CA VAL F 120 -24.96 2.51 -45.50
C VAL F 120 -25.55 1.63 -46.60
N SER F 121 -26.42 2.22 -47.41
CA SER F 121 -27.02 1.53 -48.55
C SER F 121 -27.63 2.53 -49.53
N SER F 122 -27.84 2.10 -50.77
CA SER F 122 -28.41 3.00 -51.79
C SER F 122 -29.94 3.06 -51.72
N ALA F 123 -30.54 2.09 -51.04
CA ALA F 123 -32.00 2.04 -50.89
C ALA F 123 -32.50 3.25 -50.10
N SER F 124 -33.72 3.69 -50.40
CA SER F 124 -34.25 4.89 -49.75
C SER F 124 -35.06 4.54 -48.50
N THR F 125 -35.19 5.51 -47.60
CA THR F 125 -35.88 5.26 -46.35
C THR F 125 -37.37 5.16 -46.57
N LYS F 126 -38.03 4.34 -45.74
CA LYS F 126 -39.48 4.18 -45.79
C LYS F 126 -40.03 4.01 -44.39
N GLY F 127 -41.06 4.76 -44.07
CA GLY F 127 -41.71 4.66 -42.77
C GLY F 127 -42.64 3.45 -42.73
N PRO F 128 -42.80 2.86 -41.54
CA PRO F 128 -43.59 1.63 -41.34
C PRO F 128 -45.10 1.84 -41.33
N SER F 129 -45.83 0.77 -41.57
CA SER F 129 -47.24 0.74 -41.23
C SER F 129 -47.35 0.00 -39.90
N VAL F 130 -48.31 0.38 -39.05
CA VAL F 130 -48.47 -0.26 -37.75
C VAL F 130 -49.86 -0.87 -37.64
N PHE F 131 -49.93 -2.18 -37.44
CA PHE F 131 -51.21 -2.89 -37.40
C PHE F 131 -51.47 -3.53 -36.04
N PRO F 132 -52.74 -3.50 -35.61
CA PRO F 132 -53.07 -4.10 -34.31
C PRO F 132 -52.99 -5.62 -34.35
N LEU F 133 -52.41 -6.20 -33.31
CA LEU F 133 -52.52 -7.64 -33.07
C LEU F 133 -53.52 -7.80 -31.93
N ALA F 134 -54.80 -7.75 -32.27
CA ALA F 134 -55.88 -7.70 -31.28
C ALA F 134 -55.98 -9.00 -30.50
N PRO F 135 -56.29 -8.89 -29.20
CA PRO F 135 -56.43 -10.05 -28.30
C PRO F 135 -57.62 -10.93 -28.70
N SER F 136 -57.44 -12.25 -28.60
CA SER F 136 -58.49 -13.19 -28.94
C SER F 136 -59.73 -13.01 -28.07
N SER F 137 -60.90 -13.19 -28.66
CA SER F 137 -62.16 -13.09 -27.91
C SER F 137 -62.37 -14.34 -27.06
N LYS F 138 -61.78 -15.45 -27.49
CA LYS F 138 -61.84 -16.70 -26.76
C LYS F 138 -60.63 -16.82 -25.82
N SER F 139 -60.29 -15.71 -25.16
CA SER F 139 -59.16 -15.66 -24.24
C SER F 139 -59.50 -16.36 -22.92
N THR F 140 -58.49 -16.93 -22.26
CA THR F 140 -58.72 -17.65 -21.02
C THR F 140 -58.82 -16.70 -19.84
N GLY F 142 -60.13 -15.63 -17.03
CA GLY F 142 -59.38 -15.63 -15.78
C GLY F 142 -57.90 -15.91 -15.96
N GLY F 143 -57.50 -16.18 -17.20
CA GLY F 143 -56.10 -16.46 -17.51
C GLY F 143 -55.34 -15.27 -18.07
N THR F 144 -54.43 -15.56 -19.00
CA THR F 144 -53.63 -14.52 -19.63
C THR F 144 -54.06 -14.28 -21.06
N ALA F 145 -53.85 -13.06 -21.55
CA ALA F 145 -54.16 -12.74 -22.93
C ALA F 145 -52.95 -12.09 -23.60
N ALA F 146 -52.77 -12.35 -24.89
CA ALA F 146 -51.69 -11.71 -25.62
C ALA F 146 -52.25 -10.70 -26.61
N LEU F 147 -51.56 -9.58 -26.74
CA LEU F 147 -51.88 -8.58 -27.74
C LEU F 147 -50.58 -7.88 -28.17
N GLY F 148 -50.63 -7.16 -29.29
CA GLY F 148 -49.42 -6.54 -29.80
C GLY F 148 -49.63 -5.65 -31.00
N CYS F 149 -48.51 -5.27 -31.61
CA CYS F 149 -48.52 -4.43 -32.79
C CYS F 149 -47.56 -4.99 -33.83
N LEU F 150 -48.01 -5.01 -35.08
CA LEU F 150 -47.18 -5.40 -36.21
C LEU F 150 -46.60 -4.14 -36.84
N VAL F 151 -45.28 -4.01 -36.80
CA VAL F 151 -44.64 -2.84 -37.37
C VAL F 151 -43.99 -3.23 -38.68
N LYS F 152 -44.65 -2.93 -39.79
CA LYS F 152 -44.33 -3.59 -41.05
C LYS F 152 -43.83 -2.66 -42.15
N ASP F 153 -42.80 -3.10 -42.86
CA ASP F 153 -42.31 -2.46 -44.09
C ASP F 153 -41.60 -1.12 -43.87
N TYR F 154 -40.46 -1.16 -43.18
CA TYR F 154 -39.71 0.06 -42.94
C TYR F 154 -38.25 -0.10 -43.33
N PHE F 155 -37.57 1.03 -43.53
CA PHE F 155 -36.14 1.03 -43.84
C PHE F 155 -35.62 2.45 -43.60
N PRO F 156 -34.42 2.57 -43.02
CA PRO F 156 -33.61 1.48 -42.48
C PRO F 156 -34.01 1.18 -41.03
N GLU F 157 -33.25 0.35 -40.34
CA GLU F 157 -33.35 0.28 -38.88
C GLU F 157 -32.87 1.61 -38.30
N PRO F 158 -33.28 1.92 -37.06
CA PRO F 158 -34.15 1.11 -36.20
C PRO F 158 -35.53 1.70 -35.95
N VAL F 159 -36.43 0.87 -35.45
CA VAL F 159 -37.68 1.34 -34.89
C VAL F 159 -37.68 1.08 -33.39
N THR F 160 -38.29 1.98 -32.62
CA THR F 160 -38.50 1.70 -31.21
C THR F 160 -39.98 1.46 -30.94
N VAL F 161 -40.24 0.63 -29.95
CA VAL F 161 -41.59 0.37 -29.50
C VAL F 161 -41.63 0.47 -27.98
N SER F 162 -42.62 1.20 -27.46
CA SER F 162 -42.93 1.18 -26.04
C SER F 162 -44.41 0.92 -25.92
N TRP F 163 -44.87 0.61 -24.72
CA TRP F 163 -46.29 0.42 -24.49
C TRP F 163 -46.78 1.35 -23.41
N ASN F 164 -47.96 1.93 -23.62
CA ASN F 164 -48.55 2.90 -22.70
C ASN F 164 -47.51 3.95 -22.29
N SER F 165 -46.75 4.41 -23.29
CA SER F 165 -45.74 5.46 -23.11
C SER F 165 -44.69 5.08 -22.08
N GLY F 166 -44.49 3.78 -21.88
CA GLY F 166 -43.42 3.31 -21.01
C GLY F 166 -43.93 2.77 -19.70
N ALA F 167 -45.20 3.00 -19.40
CA ALA F 167 -45.80 2.55 -18.14
C ALA F 167 -45.93 1.04 -18.08
N LEU F 168 -46.06 0.42 -19.25
CA LEU F 168 -46.16 -1.02 -19.35
C LEU F 168 -44.87 -1.63 -19.90
N THR F 169 -44.13 -2.31 -19.04
CA THR F 169 -42.87 -2.93 -19.46
C THR F 169 -42.90 -4.42 -19.17
N SER F 170 -43.64 -4.79 -18.14
CA SER F 170 -43.71 -6.17 -17.70
C SER F 170 -44.50 -7.05 -18.69
N GLY F 171 -43.84 -8.10 -19.18
CA GLY F 171 -44.45 -9.01 -20.12
C GLY F 171 -44.35 -8.57 -21.56
N VAL F 172 -43.69 -7.43 -21.80
CA VAL F 172 -43.47 -6.97 -23.16
C VAL F 172 -42.35 -7.72 -23.88
N HIS F 173 -42.63 -8.18 -25.10
CA HIS F 173 -41.60 -8.74 -25.96
C HIS F 173 -41.61 -8.04 -27.30
N THR F 174 -40.56 -7.26 -27.57
CA THR F 174 -40.42 -6.63 -28.87
C THR F 174 -39.35 -7.36 -29.65
N PHE F 175 -39.76 -8.05 -30.72
CA PHE F 175 -38.88 -8.96 -31.43
C PHE F 175 -37.87 -8.21 -32.28
N PRO F 176 -36.69 -8.80 -32.48
CA PRO F 176 -35.71 -8.25 -33.41
C PRO F 176 -36.32 -8.18 -34.80
N ALA F 177 -36.07 -7.09 -35.53
CA ALA F 177 -36.61 -6.94 -36.88
C ALA F 177 -36.11 -8.05 -37.78
N VAL F 178 -36.92 -8.41 -38.77
CA VAL F 178 -36.49 -9.36 -39.78
C VAL F 178 -36.49 -8.70 -41.16
N LEU F 179 -35.43 -8.93 -41.94
CA LEU F 179 -35.39 -8.39 -43.29
C LEU F 179 -36.25 -9.28 -44.21
N GLN F 180 -37.33 -8.71 -44.74
CA GLN F 180 -38.22 -9.46 -45.61
C GLN F 180 -37.61 -9.56 -47.01
N SER F 181 -38.11 -10.50 -47.81
CA SER F 181 -37.61 -10.72 -49.16
C SER F 181 -37.76 -9.47 -50.03
N SER F 182 -38.70 -8.60 -49.66
CA SER F 182 -38.87 -7.35 -50.36
C SER F 182 -37.68 -6.42 -50.14
N GLY F 183 -36.89 -6.70 -49.09
CA GLY F 183 -35.78 -5.83 -48.71
C GLY F 183 -36.15 -4.80 -47.66
N LEU F 184 -37.39 -4.88 -47.17
CA LEU F 184 -37.89 -4.01 -46.11
C LEU F 184 -37.92 -4.76 -44.78
N TYR F 185 -37.81 -4.01 -43.68
CA TYR F 185 -37.85 -4.60 -42.35
C TYR F 185 -39.27 -4.71 -41.80
N SER F 186 -39.45 -5.71 -40.96
CA SER F 186 -40.70 -5.90 -40.25
C SER F 186 -40.43 -6.44 -38.85
N LEU F 187 -41.34 -6.17 -37.94
CA LEU F 187 -41.15 -6.55 -36.54
C LEU F 187 -42.50 -6.52 -35.83
N SER F 188 -42.65 -7.36 -34.83
CA SER F 188 -43.81 -7.29 -33.97
C SER F 188 -43.38 -7.02 -32.54
N SER F 189 -44.20 -6.26 -31.81
CA SER F 189 -44.06 -6.11 -30.38
C SER F 189 -45.32 -6.61 -29.71
N VAL F 190 -45.19 -7.46 -28.70
CA VAL F 190 -46.34 -8.05 -28.02
C VAL F 190 -46.24 -7.94 -26.50
N VAL F 191 -47.38 -8.14 -25.84
CA VAL F 191 -47.41 -8.17 -24.39
C VAL F 191 -48.54 -9.08 -23.90
N THR F 192 -48.27 -9.87 -22.85
CA THR F 192 -49.32 -10.69 -22.26
C THR F 192 -49.81 -10.02 -20.98
N VAL F 193 -51.13 -9.93 -20.86
CA VAL F 193 -51.77 -9.26 -19.74
C VAL F 193 -52.93 -10.11 -19.22
N PRO F 194 -53.37 -9.82 -17.98
CA PRO F 194 -54.57 -10.50 -17.45
C PRO F 194 -55.77 -10.27 -18.36
N SER F 195 -56.48 -11.33 -18.70
CA SER F 195 -57.59 -11.20 -19.65
C SER F 195 -58.76 -10.41 -19.07
N SER F 196 -58.81 -10.32 -17.73
CA SER F 196 -59.85 -9.54 -17.05
C SER F 196 -59.68 -8.03 -17.27
N SER F 197 -58.48 -7.64 -17.69
CA SER F 197 -58.17 -6.22 -17.91
C SER F 197 -58.45 -5.77 -19.34
N LEU F 198 -58.81 -6.72 -20.20
CA LEU F 198 -59.03 -6.40 -21.62
C LEU F 198 -60.17 -5.40 -21.79
N GLY F 199 -61.23 -5.57 -21.02
CA GLY F 199 -62.38 -4.70 -21.10
C GLY F 199 -62.16 -3.33 -20.52
N THR F 200 -61.26 -3.23 -19.54
CA THR F 200 -61.17 -2.04 -18.71
C THR F 200 -59.84 -1.29 -18.81
N GLN F 201 -58.84 -1.88 -19.44
CA GLN F 201 -57.52 -1.28 -19.53
C GLN F 201 -57.13 -0.91 -20.96
N THR F 202 -56.65 0.32 -21.15
CA THR F 202 -56.18 0.77 -22.45
C THR F 202 -54.75 0.33 -22.74
N TYR F 203 -54.52 -0.21 -23.94
CA TYR F 203 -53.19 -0.61 -24.36
C TYR F 203 -52.82 0.05 -25.68
N ILE F 204 -51.73 0.81 -25.64
CA ILE F 204 -51.28 1.61 -26.77
C ILE F 204 -49.81 1.34 -27.06
N CYS F 205 -49.51 0.84 -28.25
CA CYS F 205 -48.12 0.71 -28.65
C CYS F 205 -47.63 2.02 -29.28
N ASN F 206 -46.48 2.49 -28.83
CA ASN F 206 -45.87 3.72 -29.36
C ASN F 206 -44.73 3.39 -30.30
N VAL F 207 -44.94 3.60 -31.60
CA VAL F 207 -43.93 3.24 -32.57
C VAL F 207 -43.20 4.46 -33.08
N ASN F 208 -41.89 4.38 -33.15
CA ASN F 208 -41.09 5.48 -33.62
C ASN F 208 -40.06 5.01 -34.63
N HIS F 209 -40.08 5.63 -35.82
CA HIS F 209 -39.07 5.41 -36.85
C HIS F 209 -38.46 6.76 -37.23
N LYS F 210 -37.47 7.19 -36.45
CA LYS F 210 -36.85 8.50 -36.62
C LYS F 210 -36.43 8.81 -38.07
N PRO F 211 -35.70 7.87 -38.71
CA PRO F 211 -35.18 8.10 -40.06
C PRO F 211 -36.25 8.55 -41.07
N SER F 212 -37.50 8.15 -40.87
CA SER F 212 -38.58 8.56 -41.76
C SER F 212 -39.52 9.55 -41.06
N ASN F 213 -39.12 9.97 -39.87
CA ASN F 213 -39.96 10.86 -39.05
C ASN F 213 -41.36 10.31 -38.82
N THR F 214 -41.44 8.99 -38.67
CA THR F 214 -42.71 8.33 -38.43
C THR F 214 -42.87 7.97 -36.95
N LYS F 215 -43.92 8.49 -36.34
CA LYS F 215 -44.26 8.20 -34.95
C LYS F 215 -45.75 7.85 -34.88
N VAL F 216 -46.05 6.64 -34.41
CA VAL F 216 -47.44 6.19 -34.35
C VAL F 216 -47.81 5.70 -32.96
N ASP F 217 -49.03 6.03 -32.53
CA ASP F 217 -49.57 5.49 -31.29
C ASP F 217 -50.85 4.72 -31.59
N LYS F 218 -50.77 3.40 -31.61
CA LYS F 218 -51.93 2.59 -31.96
C LYS F 218 -52.60 1.98 -30.74
N LYS F 219 -53.86 2.33 -30.52
CA LYS F 219 -54.63 1.71 -29.45
C LYS F 219 -55.07 0.34 -29.96
N VAL F 220 -54.71 -0.70 -29.21
CA VAL F 220 -55.05 -2.05 -29.61
C VAL F 220 -56.24 -2.54 -28.78
N GLU F 221 -57.37 -2.78 -29.46
CA GLU F 221 -58.63 -3.19 -28.81
C GLU F 221 -59.10 -4.58 -29.22
N PRO F 222 -60.00 -5.17 -28.43
CA PRO F 222 -60.69 -6.41 -28.76
C PRO F 222 -61.61 -6.25 -29.98
#